data_3G7L
# 
_entry.id   3G7L 
# 
_audit_conform.dict_name       mmcif_pdbx.dic 
_audit_conform.dict_version    5.378 
_audit_conform.dict_location   http://mmcif.pdb.org/dictionaries/ascii/mmcif_pdbx.dic 
# 
loop_
_database_2.database_id 
_database_2.database_code 
_database_2.pdbx_database_accession 
_database_2.pdbx_DOI 
PDB   3G7L         pdb_00003g7l 10.2210/pdb3g7l/pdb 
RCSB  RCSB051523   ?            ?                   
WWPDB D_1000051523 ?            ?                   
# 
_pdbx_database_status.status_code                     REL 
_pdbx_database_status.entry_id                        3G7L 
_pdbx_database_status.recvd_initial_deposition_date   2009-02-10 
_pdbx_database_status.deposit_site                    RCSB 
_pdbx_database_status.process_site                    RCSB 
_pdbx_database_status.status_code_sf                  REL 
_pdbx_database_status.status_code_mr                  ? 
_pdbx_database_status.SG_entry                        . 
_pdbx_database_status.pdb_format_compatible           Y 
_pdbx_database_status.status_code_cs                  ? 
_pdbx_database_status.status_code_nmr_data            ? 
_pdbx_database_status.methods_development_category    ? 
# 
loop_
_audit_author.name 
_audit_author.pdbx_ordinal 
'Schalch, T.'    1 
'Joshua-Tor, L.' 2 
# 
_citation.id                        primary 
_citation.title                     
'High-affinity binding of Chp1 chromodomain to K9 methylated histone H3 is required to establish centromeric heterochromatin' 
_citation.journal_abbrev            Mol.Cell 
_citation.journal_volume            34 
_citation.page_first                36 
_citation.page_last                 46 
_citation.year                      2009 
_citation.journal_id_ASTM           MOCEFL 
_citation.country                   US 
_citation.journal_id_ISSN           1097-2765 
_citation.journal_id_CSD            2168 
_citation.book_publisher            ? 
_citation.pdbx_database_id_PubMed   19362535 
_citation.pdbx_database_id_DOI      10.1016/j.molcel.2009.02.024 
# 
loop_
_citation_author.citation_id 
_citation_author.name 
_citation_author.ordinal 
_citation_author.identifier_ORCID 
primary 'Schalch, T.'      1 ? 
primary 'Job, G.'          2 ? 
primary 'Noffsinger, V.J.' 3 ? 
primary 'Shanker, S.'      4 ? 
primary 'Kuscu, C.'        5 ? 
primary 'Joshua-Tor, L.'   6 ? 
primary 'Partridge, J.F.'  7 ? 
# 
_cell.entry_id           3G7L 
_cell.length_a           41.560 
_cell.length_b           41.560 
_cell.length_c           87.380 
_cell.angle_alpha        90.00 
_cell.angle_beta         90.00 
_cell.angle_gamma        90.00 
_cell.Z_PDB              8 
_cell.pdbx_unique_axis   ? 
_cell.length_a_esd       ? 
_cell.length_b_esd       ? 
_cell.length_c_esd       ? 
_cell.angle_alpha_esd    ? 
_cell.angle_beta_esd     ? 
_cell.angle_gamma_esd    ? 
# 
_symmetry.entry_id                         3G7L 
_symmetry.space_group_name_H-M             'P 43 21 2' 
_symmetry.pdbx_full_space_group_name_H-M   ? 
_symmetry.cell_setting                     ? 
_symmetry.Int_Tables_number                96 
_symmetry.space_group_name_Hall            ? 
# 
loop_
_entity.id 
_entity.type 
_entity.src_method 
_entity.pdbx_description 
_entity.formula_weight 
_entity.pdbx_number_of_molecules 
_entity.pdbx_ec 
_entity.pdbx_mutation 
_entity.pdbx_fragment 
_entity.details 
1 polymer     man 'Chromo domain-containing protein 1' 7383.179 1  ? ?    'Chromodomain (UNP residues 15 to 75)' ? 
2 polymer     syn 'Histone H3.1/H3.2'                  1771.051 1  ? R17Y 'UNP residues 2 to 17'                 ? 
3 non-polymer syn 'ACETIC ACID'                        60.052   1  ? ?    ?                                      ? 
4 non-polymer syn 'ZINC ION'                           65.409   4  ? ?    ?                                      ? 
5 water       nat water                                18.015   29 ? ?    ?                                      ? 
# 
loop_
_entity_poly.entity_id 
_entity_poly.type 
_entity_poly.nstd_linkage 
_entity_poly.nstd_monomer 
_entity_poly.pdbx_seq_one_letter_code 
_entity_poly.pdbx_seq_one_letter_code_can 
_entity_poly.pdbx_strand_id 
_entity_poly.pdbx_target_identifier 
1 'polypeptide(L)' no no  GETDADVYEVEDILADRVNKNGINEYYIKWAGYDWYDNTWEPEQNLFGAEKVLKKWKKRKK 
GETDADVYEVEDILADRVNKNGINEYYIKWAGYDWYDNTWEPEQNLFGAEKVLKKWKKRKK A ? 
2 'polypeptide(L)' no yes 'ARTKQTAR(M3L)STGGKAY'                                        ARTKQTARKSTGGKAY P ? 
# 
loop_
_entity_poly_seq.entity_id 
_entity_poly_seq.num 
_entity_poly_seq.mon_id 
_entity_poly_seq.hetero 
1 1  GLY n 
1 2  GLU n 
1 3  THR n 
1 4  ASP n 
1 5  ALA n 
1 6  ASP n 
1 7  VAL n 
1 8  TYR n 
1 9  GLU n 
1 10 VAL n 
1 11 GLU n 
1 12 ASP n 
1 13 ILE n 
1 14 LEU n 
1 15 ALA n 
1 16 ASP n 
1 17 ARG n 
1 18 VAL n 
1 19 ASN n 
1 20 LYS n 
1 21 ASN n 
1 22 GLY n 
1 23 ILE n 
1 24 ASN n 
1 25 GLU n 
1 26 TYR n 
1 27 TYR n 
1 28 ILE n 
1 29 LYS n 
1 30 TRP n 
1 31 ALA n 
1 32 GLY n 
1 33 TYR n 
1 34 ASP n 
1 35 TRP n 
1 36 TYR n 
1 37 ASP n 
1 38 ASN n 
1 39 THR n 
1 40 TRP n 
1 41 GLU n 
1 42 PRO n 
1 43 GLU n 
1 44 GLN n 
1 45 ASN n 
1 46 LEU n 
1 47 PHE n 
1 48 GLY n 
1 49 ALA n 
1 50 GLU n 
1 51 LYS n 
1 52 VAL n 
1 53 LEU n 
1 54 LYS n 
1 55 LYS n 
1 56 TRP n 
1 57 LYS n 
1 58 LYS n 
1 59 ARG n 
1 60 LYS n 
1 61 LYS n 
2 1  ALA n 
2 2  ARG n 
2 3  THR n 
2 4  LYS n 
2 5  GLN n 
2 6  THR n 
2 7  ALA n 
2 8  ARG n 
2 9  M3L n 
2 10 SER n 
2 11 THR n 
2 12 GLY n 
2 13 GLY n 
2 14 LYS n 
2 15 ALA n 
2 16 TYR n 
# 
_entity_src_gen.entity_id                          1 
_entity_src_gen.pdbx_src_id                        1 
_entity_src_gen.pdbx_alt_source_flag               sample 
_entity_src_gen.pdbx_seq_type                      ? 
_entity_src_gen.pdbx_beg_seq_num                   ? 
_entity_src_gen.pdbx_end_seq_num                   ? 
_entity_src_gen.gene_src_common_name               'Fission yeast' 
_entity_src_gen.gene_src_genus                     ? 
_entity_src_gen.pdbx_gene_src_gene                 'chp1, SPAC18G6.02c' 
_entity_src_gen.gene_src_species                   ? 
_entity_src_gen.gene_src_strain                    ? 
_entity_src_gen.gene_src_tissue                    ? 
_entity_src_gen.gene_src_tissue_fraction           ? 
_entity_src_gen.gene_src_details                   'N-terminal His6-Sumo fusion' 
_entity_src_gen.pdbx_gene_src_fragment             ? 
_entity_src_gen.pdbx_gene_src_scientific_name      'Schizosaccharomyces pombe' 
_entity_src_gen.pdbx_gene_src_ncbi_taxonomy_id     4896 
_entity_src_gen.pdbx_gene_src_variant              ? 
_entity_src_gen.pdbx_gene_src_cell_line            ? 
_entity_src_gen.pdbx_gene_src_atcc                 ? 
_entity_src_gen.pdbx_gene_src_organ                ? 
_entity_src_gen.pdbx_gene_src_organelle            ? 
_entity_src_gen.pdbx_gene_src_cell                 ? 
_entity_src_gen.pdbx_gene_src_cellular_location    ? 
_entity_src_gen.host_org_common_name               ? 
_entity_src_gen.pdbx_host_org_scientific_name      'Escherichia coli' 
_entity_src_gen.pdbx_host_org_ncbi_taxonomy_id     562 
_entity_src_gen.host_org_genus                     ? 
_entity_src_gen.pdbx_host_org_gene                 ? 
_entity_src_gen.pdbx_host_org_organ                ? 
_entity_src_gen.host_org_species                   ? 
_entity_src_gen.pdbx_host_org_tissue               ? 
_entity_src_gen.pdbx_host_org_tissue_fraction      ? 
_entity_src_gen.pdbx_host_org_strain               'BL21 (DE3) RIPL' 
_entity_src_gen.pdbx_host_org_variant              ? 
_entity_src_gen.pdbx_host_org_cell_line            ? 
_entity_src_gen.pdbx_host_org_atcc                 ? 
_entity_src_gen.pdbx_host_org_culture_collection   ? 
_entity_src_gen.pdbx_host_org_cell                 ? 
_entity_src_gen.pdbx_host_org_organelle            ? 
_entity_src_gen.pdbx_host_org_cellular_location    ? 
_entity_src_gen.pdbx_host_org_vector_type          Plasmid 
_entity_src_gen.pdbx_host_org_vector               ? 
_entity_src_gen.host_org_details                   ? 
_entity_src_gen.expression_system_id               ? 
_entity_src_gen.plasmid_name                       pET28a-SUMO 
_entity_src_gen.plasmid_details                    ? 
_entity_src_gen.pdbx_description                   ? 
# 
_pdbx_entity_src_syn.entity_id              2 
_pdbx_entity_src_syn.pdbx_src_id            1 
_pdbx_entity_src_syn.pdbx_alt_source_flag   sample 
_pdbx_entity_src_syn.pdbx_beg_seq_num       ? 
_pdbx_entity_src_syn.pdbx_end_seq_num       ? 
_pdbx_entity_src_syn.organism_scientific    ? 
_pdbx_entity_src_syn.organism_common_name   ? 
_pdbx_entity_src_syn.ncbi_taxonomy_id       ? 
_pdbx_entity_src_syn.details                'Peptide synthesis by Protein Peptide Research Ldt., Hampshire UK.' 
# 
loop_
_struct_ref.id 
_struct_ref.db_name 
_struct_ref.db_code 
_struct_ref.pdbx_db_accession 
_struct_ref.entity_id 
_struct_ref.pdbx_seq_one_letter_code 
_struct_ref.pdbx_align_begin 
_struct_ref.pdbx_db_isoform 
1 UNP CHP1_SCHPO Q10103 1 GETDADVYEVEDILADRVNKNGINEYYIKWAGYDWYDNTWEPEQNLFGAEKVLKKWKKRKK 15 ? 
2 UNP H31_SCHPO  P09988 2 ARTKQTARKSTGGKAPR                                             2  ? 
# 
loop_
_struct_ref_seq.align_id 
_struct_ref_seq.ref_id 
_struct_ref_seq.pdbx_PDB_id_code 
_struct_ref_seq.pdbx_strand_id 
_struct_ref_seq.seq_align_beg 
_struct_ref_seq.pdbx_seq_align_beg_ins_code 
_struct_ref_seq.seq_align_end 
_struct_ref_seq.pdbx_seq_align_end_ins_code 
_struct_ref_seq.pdbx_db_accession 
_struct_ref_seq.db_align_beg 
_struct_ref_seq.pdbx_db_align_beg_ins_code 
_struct_ref_seq.db_align_end 
_struct_ref_seq.pdbx_db_align_end_ins_code 
_struct_ref_seq.pdbx_auth_seq_align_beg 
_struct_ref_seq.pdbx_auth_seq_align_end 
1 1 3G7L A 1 ? 61 ? Q10103 15 ? 75 ? 15 75 
2 2 3G7L P 1 ? 16 ? P09988 2  ? 17 ? 1  16 
# 
_struct_ref_seq_dif.align_id                     2 
_struct_ref_seq_dif.pdbx_pdb_id_code             3G7L 
_struct_ref_seq_dif.mon_id                       TYR 
_struct_ref_seq_dif.pdbx_pdb_strand_id           P 
_struct_ref_seq_dif.seq_num                      16 
_struct_ref_seq_dif.pdbx_pdb_ins_code            ? 
_struct_ref_seq_dif.pdbx_seq_db_name             UNP 
_struct_ref_seq_dif.pdbx_seq_db_accession_code   P09988 
_struct_ref_seq_dif.db_mon_id                    PRO 
_struct_ref_seq_dif.pdbx_seq_db_seq_num          17 
_struct_ref_seq_dif.details                      'engineered mutation' 
_struct_ref_seq_dif.pdbx_auth_seq_num            16 
_struct_ref_seq_dif.pdbx_ordinal                 1 
# 
loop_
_chem_comp.id 
_chem_comp.type 
_chem_comp.mon_nstd_flag 
_chem_comp.name 
_chem_comp.pdbx_synonyms 
_chem_comp.formula 
_chem_comp.formula_weight 
ACY non-polymer         . 'ACETIC ACID'     ? 'C2 H4 O2'       60.052  
ALA 'L-peptide linking' y ALANINE           ? 'C3 H7 N O2'     89.093  
ARG 'L-peptide linking' y ARGININE          ? 'C6 H15 N4 O2 1' 175.209 
ASN 'L-peptide linking' y ASPARAGINE        ? 'C4 H8 N2 O3'    132.118 
ASP 'L-peptide linking' y 'ASPARTIC ACID'   ? 'C4 H7 N O4'     133.103 
GLN 'L-peptide linking' y GLUTAMINE         ? 'C5 H10 N2 O3'   146.144 
GLU 'L-peptide linking' y 'GLUTAMIC ACID'   ? 'C5 H9 N O4'     147.129 
GLY 'peptide linking'   y GLYCINE           ? 'C2 H5 N O2'     75.067  
HOH non-polymer         . WATER             ? 'H2 O'           18.015  
ILE 'L-peptide linking' y ISOLEUCINE        ? 'C6 H13 N O2'    131.173 
LEU 'L-peptide linking' y LEUCINE           ? 'C6 H13 N O2'    131.173 
LYS 'L-peptide linking' y LYSINE            ? 'C6 H15 N2 O2 1' 147.195 
M3L 'L-peptide linking' n N-TRIMETHYLLYSINE ? 'C9 H21 N2 O2 1' 189.275 
PHE 'L-peptide linking' y PHENYLALANINE     ? 'C9 H11 N O2'    165.189 
PRO 'L-peptide linking' y PROLINE           ? 'C5 H9 N O2'     115.130 
SER 'L-peptide linking' y SERINE            ? 'C3 H7 N O3'     105.093 
THR 'L-peptide linking' y THREONINE         ? 'C4 H9 N O3'     119.119 
TRP 'L-peptide linking' y TRYPTOPHAN        ? 'C11 H12 N2 O2'  204.225 
TYR 'L-peptide linking' y TYROSINE          ? 'C9 H11 N O3'    181.189 
VAL 'L-peptide linking' y VALINE            ? 'C5 H11 N O2'    117.146 
ZN  non-polymer         . 'ZINC ION'        ? 'Zn 2'           65.409  
# 
_exptl.entry_id          3G7L 
_exptl.method            'X-RAY DIFFRACTION' 
_exptl.crystals_number   1 
# 
_exptl_crystal.id                    1 
_exptl_crystal.density_meas          ? 
_exptl_crystal.density_Matthews      2.04 
_exptl_crystal.density_percent_sol   39.68 
_exptl_crystal.description           ? 
_exptl_crystal.F_000                 ? 
_exptl_crystal.preparation           ? 
# 
_exptl_crystal_grow.crystal_id      1 
_exptl_crystal_grow.method          'VAPOR DIFFUSION, HANGING DROP' 
_exptl_crystal_grow.temp            290 
_exptl_crystal_grow.temp_details    ? 
_exptl_crystal_grow.pH              6 
_exptl_crystal_grow.pdbx_details    '0.05 M Zinc Acetate, 20% w/v PEG 3350, pH 6, VAPOR DIFFUSION, HANGING DROP, temperature 290K' 
_exptl_crystal_grow.pdbx_pH_range   ? 
# 
_diffrn.id                     1 
_diffrn.ambient_temp           100 
_diffrn.ambient_temp_details   ? 
_diffrn.crystal_id             1 
# 
_diffrn_detector.diffrn_id              1 
_diffrn_detector.detector               CCD 
_diffrn_detector.type                   'ADSC QUANTUM Q315r' 
_diffrn_detector.pdbx_collection_date   2007-02-09 
_diffrn_detector.details                ? 
# 
_diffrn_radiation.diffrn_id                        1 
_diffrn_radiation.wavelength_id                    1 
_diffrn_radiation.pdbx_monochromatic_or_laue_m_l   M 
_diffrn_radiation.monochromator                    
;CRYOGENICALLY COOLED DOUBLE CRYSTAL MONOCHROMATOR WITH HORIZONTAL FOCUSING SAGITTAL BEND SECOND MONO CRYSTAL WITH 4:1 MAGNIFICATION RATIO AND VERTICALLY FOCUSING MIRROR
;
_diffrn_radiation.pdbx_diffrn_protocol             'SINGLE WAVELENGTH' 
_diffrn_radiation.pdbx_scattering_type             x-ray 
# 
_diffrn_radiation_wavelength.id           1 
_diffrn_radiation_wavelength.wavelength   1.08090 
_diffrn_radiation_wavelength.wt           1.0 
# 
_diffrn_source.diffrn_id                   1 
_diffrn_source.source                      SYNCHROTRON 
_diffrn_source.type                        'NSLS BEAMLINE X29A' 
_diffrn_source.pdbx_synchrotron_site       NSLS 
_diffrn_source.pdbx_synchrotron_beamline   X29A 
_diffrn_source.pdbx_wavelength             ? 
_diffrn_source.pdbx_wavelength_list        1.08090 
# 
_reflns.entry_id                     3G7L 
_reflns.observed_criterion_sigma_I   -3.0 
_reflns.observed_criterion_sigma_F   -3.0 
_reflns.d_resolution_low             19.3 
_reflns.d_resolution_high            2.2 
_reflns.number_obs                   7255 
_reflns.number_all                   7418 
_reflns.percent_possible_obs         97.93 
_reflns.pdbx_Rmerge_I_obs            0.047 
_reflns.pdbx_Rsym_value              ? 
_reflns.pdbx_netI_over_sigmaI        14.87 
_reflns.B_iso_Wilson_estimate        44.94 
_reflns.pdbx_redundancy              3.4 
_reflns.R_free_details               ? 
_reflns.limit_h_max                  ? 
_reflns.limit_h_min                  ? 
_reflns.limit_k_max                  ? 
_reflns.limit_k_min                  ? 
_reflns.limit_l_max                  ? 
_reflns.limit_l_min                  ? 
_reflns.observed_criterion_F_max     ? 
_reflns.observed_criterion_F_min     ? 
_reflns.pdbx_chi_squared             ? 
_reflns.pdbx_scaling_rejects         ? 
_reflns.pdbx_diffrn_id               1 
_reflns.pdbx_ordinal                 1 
# 
_reflns_shell.d_res_high             2.2 
_reflns_shell.d_res_low              2.4 
_reflns_shell.percent_possible_all   99.8 
_reflns_shell.Rmerge_I_obs           0.314 
_reflns_shell.pdbx_Rsym_value        ? 
_reflns_shell.meanI_over_sigI_obs    3.46 
_reflns_shell.pdbx_redundancy        3.3 
_reflns_shell.percent_possible_obs   ? 
_reflns_shell.number_unique_all      1683 
_reflns_shell.number_measured_all    ? 
_reflns_shell.number_measured_obs    ? 
_reflns_shell.number_unique_obs      ? 
_reflns_shell.pdbx_chi_squared       ? 
_reflns_shell.pdbx_diffrn_id         ? 
_reflns_shell.pdbx_ordinal           1 
# 
_refine.entry_id                                 3G7L 
_refine.ls_number_reflns_obs                     7250 
_refine.ls_number_reflns_all                     7418 
_refine.pdbx_ls_sigma_I                          ? 
_refine.pdbx_ls_sigma_F                          0 
_refine.pdbx_data_cutoff_high_absF               ? 
_refine.pdbx_data_cutoff_low_absF                ? 
_refine.pdbx_data_cutoff_high_rms_absF           ? 
_refine.ls_d_res_low                             19.337 
_refine.ls_d_res_high                            2.200 
_refine.ls_percent_reflns_obs                    97.87 
_refine.ls_R_factor_obs                          0.2001 
_refine.ls_R_factor_all                          0.2001 
_refine.ls_R_factor_R_work                       0.1958 
_refine.ls_R_factor_R_free                       0.2368 
_refine.ls_R_factor_R_free_error                 ? 
_refine.ls_R_factor_R_free_error_details         ? 
_refine.ls_percent_reflns_R_free                 9.83 
_refine.ls_number_reflns_R_free                  713 
_refine.ls_number_parameters                     ? 
_refine.ls_number_restraints                     ? 
_refine.occupancy_min                            ? 
_refine.occupancy_max                            ? 
_refine.correlation_coeff_Fo_to_Fc               ? 
_refine.correlation_coeff_Fo_to_Fc_free          ? 
_refine.B_iso_mean                               38.50 
_refine.aniso_B[1][1]                            ? 
_refine.aniso_B[2][2]                            ? 
_refine.aniso_B[3][3]                            ? 
_refine.aniso_B[1][2]                            ? 
_refine.aniso_B[1][3]                            ? 
_refine.aniso_B[2][3]                            ? 
_refine.solvent_model_details                    'FLAT BULK SOLVENT MODEL' 
_refine.solvent_model_param_ksol                 0.410 
_refine.solvent_model_param_bsol                 56.891 
_refine.pdbx_solvent_vdw_probe_radii             1.11 
_refine.pdbx_solvent_ion_probe_radii             ? 
_refine.pdbx_solvent_shrinkage_radii             0.90 
_refine.pdbx_ls_cross_valid_method               THROUGHOUT 
_refine.details                                  ? 
_refine.pdbx_starting_model                      'Chain A of pdb code 1KNE' 
_refine.pdbx_method_to_determine_struct          'MOLECULAR REPLACEMENT' 
_refine.pdbx_isotropic_thermal_model             'Isotropic and TLS' 
_refine.pdbx_stereochemistry_target_values       'CCP4 monomer library' 
_refine.pdbx_stereochem_target_val_spec_case     ? 
_refine.pdbx_R_Free_selection_details            '10% of data. selection by phenix.refine' 
_refine.pdbx_overall_ESU_R                       ? 
_refine.pdbx_overall_ESU_R_Free                  ? 
_refine.overall_SU_ML                            0.28 
_refine.overall_SU_B                             ? 
_refine.ls_redundancy_reflns_obs                 ? 
_refine.B_iso_min                                ? 
_refine.B_iso_max                                ? 
_refine.overall_SU_R_Cruickshank_DPI             ? 
_refine.overall_SU_R_free                        ? 
_refine.ls_wR_factor_R_free                      ? 
_refine.ls_wR_factor_R_work                      ? 
_refine.overall_FOM_free_R_set                   ? 
_refine.overall_FOM_work_R_set                   ? 
_refine.pdbx_overall_phase_error                 ? 
_refine.pdbx_refine_id                           'X-RAY DIFFRACTION' 
_refine.pdbx_diffrn_id                           1 
_refine.pdbx_TLS_residual_ADP_flag               ? 
_refine.pdbx_overall_SU_R_free_Cruickshank_DPI   ? 
_refine.pdbx_overall_SU_R_Blow_DPI               ? 
_refine.pdbx_overall_SU_R_free_Blow_DPI          ? 
# 
_refine_hist.pdbx_refine_id                   'X-RAY DIFFRACTION' 
_refine_hist.cycle_id                         LAST 
_refine_hist.pdbx_number_atoms_protein        1054 
_refine_hist.pdbx_number_atoms_nucleic_acid   0 
_refine_hist.pdbx_number_atoms_ligand         4 
_refine_hist.number_atoms_solvent             36 
_refine_hist.number_atoms_total               1094 
_refine_hist.d_res_high                       2.200 
_refine_hist.d_res_low                        19.337 
# 
loop_
_refine_ls_restr.type 
_refine_ls_restr.dev_ideal 
_refine_ls_restr.dev_ideal_target 
_refine_ls_restr.weight 
_refine_ls_restr.number 
_refine_ls_restr.pdbx_refine_id 
_refine_ls_restr.pdbx_restraint_function 
f_bond_d           0.008  ? ? ? 'X-RAY DIFFRACTION' ? 
f_angle_deg        0.798  ? ? ? 'X-RAY DIFFRACTION' ? 
f_dihedral_angle_d 13.270 ? ? ? 'X-RAY DIFFRACTION' ? 
# 
loop_
_refine_ls_shell.pdbx_total_number_of_bins_used 
_refine_ls_shell.d_res_high 
_refine_ls_shell.d_res_low 
_refine_ls_shell.number_reflns_R_work 
_refine_ls_shell.R_factor_R_work 
_refine_ls_shell.percent_reflns_obs 
_refine_ls_shell.R_factor_R_free 
_refine_ls_shell.R_factor_R_free_error 
_refine_ls_shell.percent_reflns_R_free 
_refine_ls_shell.number_reflns_R_free 
_refine_ls_shell.number_reflns_all 
_refine_ls_shell.R_factor_all 
_refine_ls_shell.number_reflns_obs 
_refine_ls_shell.redundancy_reflns_obs 
_refine_ls_shell.pdbx_refine_id 
. 2.2003 2.3699  1319 0.2812 100.00 0.3497 . . 139 . . . . 'X-RAY DIFFRACTION' 
. 2.3699 2.6079  1346 0.2235 100.00 0.3533 . . 146 . . . . 'X-RAY DIFFRACTION' 
. 2.6079 2.9841  1322 0.2051 99.00  0.2307 . . 147 . . . . 'X-RAY DIFFRACTION' 
. 2.9841 3.7551  1300 0.1551 97.00  0.2543 . . 143 . . . . 'X-RAY DIFFRACTION' 
. 3.7551 19.3373 1250 0.1807 94.00  0.1793 . . 138 . . . . 'X-RAY DIFFRACTION' 
# 
_struct.entry_id                  3G7L 
_struct.title                     'Chromodomain of Chp1 in complex with Histone H3K9me3 peptide' 
_struct.pdbx_model_details        ? 
_struct.pdbx_CASP_flag            ? 
_struct.pdbx_model_type_details   ? 
# 
_struct_keywords.entry_id        3G7L 
_struct_keywords.pdbx_keywords   'NUCLEAR PROTEIN' 
_struct_keywords.text            
;chromodomain, protein-peptide complex, silencing, Cell cycle, Chromosome partition, DNA-binding, Nucleus, RNA-mediated gene silencing, Acetylation, Chromosomal protein, DNA damage, DNA repair, Methylation, Nucleosome core, Phosphoprotein, NUCLEAR PROTEIN
;
# 
loop_
_struct_asym.id 
_struct_asym.pdbx_blank_PDB_chainid_flag 
_struct_asym.pdbx_modified 
_struct_asym.entity_id 
_struct_asym.details 
A N N 1 ? 
B N N 2 ? 
C N N 3 ? 
D N N 4 ? 
E N N 4 ? 
F N N 4 ? 
G N N 4 ? 
H N N 5 ? 
I N N 5 ? 
# 
_struct_biol.id        1 
_struct_biol.details   ? 
# 
loop_
_struct_conf.conf_type_id 
_struct_conf.id 
_struct_conf.pdbx_PDB_helix_id 
_struct_conf.beg_label_comp_id 
_struct_conf.beg_label_asym_id 
_struct_conf.beg_label_seq_id 
_struct_conf.pdbx_beg_PDB_ins_code 
_struct_conf.end_label_comp_id 
_struct_conf.end_label_asym_id 
_struct_conf.end_label_seq_id 
_struct_conf.pdbx_end_PDB_ins_code 
_struct_conf.beg_auth_comp_id 
_struct_conf.beg_auth_asym_id 
_struct_conf.beg_auth_seq_id 
_struct_conf.end_auth_comp_id 
_struct_conf.end_auth_asym_id 
_struct_conf.end_auth_seq_id 
_struct_conf.pdbx_PDB_helix_class 
_struct_conf.details 
_struct_conf.pdbx_PDB_helix_length 
HELX_P HELX_P1 1 ASP A 34 ? ASN A 38 ? ASP A 48 ASN A 52 5 ? 5  
HELX_P HELX_P2 2 GLN A 44 ? PHE A 47 ? GLN A 58 PHE A 61 5 ? 4  
HELX_P HELX_P3 3 ALA A 49 ? ARG A 59 ? ALA A 63 ARG A 73 1 ? 11 
# 
_struct_conf_type.id          HELX_P 
_struct_conf_type.criteria    ? 
_struct_conf_type.reference   ? 
# 
loop_
_struct_conn.id 
_struct_conn.conn_type_id 
_struct_conn.pdbx_leaving_atom_flag 
_struct_conn.pdbx_PDB_id 
_struct_conn.ptnr1_label_asym_id 
_struct_conn.ptnr1_label_comp_id 
_struct_conn.ptnr1_label_seq_id 
_struct_conn.ptnr1_label_atom_id 
_struct_conn.pdbx_ptnr1_label_alt_id 
_struct_conn.pdbx_ptnr1_PDB_ins_code 
_struct_conn.pdbx_ptnr1_standard_comp_id 
_struct_conn.ptnr1_symmetry 
_struct_conn.ptnr2_label_asym_id 
_struct_conn.ptnr2_label_comp_id 
_struct_conn.ptnr2_label_seq_id 
_struct_conn.ptnr2_label_atom_id 
_struct_conn.pdbx_ptnr2_label_alt_id 
_struct_conn.pdbx_ptnr2_PDB_ins_code 
_struct_conn.ptnr1_auth_asym_id 
_struct_conn.ptnr1_auth_comp_id 
_struct_conn.ptnr1_auth_seq_id 
_struct_conn.ptnr2_auth_asym_id 
_struct_conn.ptnr2_auth_comp_id 
_struct_conn.ptnr2_auth_seq_id 
_struct_conn.ptnr2_symmetry 
_struct_conn.pdbx_ptnr3_label_atom_id 
_struct_conn.pdbx_ptnr3_label_seq_id 
_struct_conn.pdbx_ptnr3_label_comp_id 
_struct_conn.pdbx_ptnr3_label_asym_id 
_struct_conn.pdbx_ptnr3_label_alt_id 
_struct_conn.pdbx_ptnr3_PDB_ins_code 
_struct_conn.details 
_struct_conn.pdbx_dist_value 
_struct_conn.pdbx_value_order 
_struct_conn.pdbx_role 
covale1 covale both ? B ARG 8  C   ? ? ? 1_555 B M3L 9  N  ? ? P ARG 8  P M3L 9  1_555 ? ? ? ? ? ? ? 1.330 ? ? 
covale2 covale both ? B M3L 9  C   ? ? ? 1_555 B SER 10 N  ? ? P M3L 9  P SER 10 1_555 ? ? ? ? ? ? ? 1.328 ? ? 
metalc1 metalc ?    ? A ASP 37 OD2 ? ? ? 1_555 D ZN  .  ZN ? ? A ASP 51 A ZN  76 1_555 ? ? ? ? ? ? ? 2.189 ? ? 
# 
loop_
_struct_conn_type.id 
_struct_conn_type.criteria 
_struct_conn_type.reference 
covale ? ? 
metalc ? ? 
# 
_struct_sheet.id               A 
_struct_sheet.type             ? 
_struct_sheet.number_strands   4 
_struct_sheet.details          ? 
# 
loop_
_struct_sheet_order.sheet_id 
_struct_sheet_order.range_id_1 
_struct_sheet_order.range_id_2 
_struct_sheet_order.offset 
_struct_sheet_order.sense 
A 1 2 ? anti-parallel 
A 2 3 ? anti-parallel 
A 3 4 ? anti-parallel 
# 
loop_
_struct_sheet_range.sheet_id 
_struct_sheet_range.id 
_struct_sheet_range.beg_label_comp_id 
_struct_sheet_range.beg_label_asym_id 
_struct_sheet_range.beg_label_seq_id 
_struct_sheet_range.pdbx_beg_PDB_ins_code 
_struct_sheet_range.end_label_comp_id 
_struct_sheet_range.end_label_asym_id 
_struct_sheet_range.end_label_seq_id 
_struct_sheet_range.pdbx_end_PDB_ins_code 
_struct_sheet_range.beg_auth_comp_id 
_struct_sheet_range.beg_auth_asym_id 
_struct_sheet_range.beg_auth_seq_id 
_struct_sheet_range.end_auth_comp_id 
_struct_sheet_range.end_auth_asym_id 
_struct_sheet_range.end_auth_seq_id 
A 1 THR A 39 ? PRO A 42 ? THR A 53 PRO A 56 
A 2 ASN A 24 ? TRP A 30 ? ASN A 38 TRP A 44 
A 3 VAL A 7  ? VAL A 18 ? VAL A 21 VAL A 32 
A 4 THR B 6  ? ARG B 8  ? THR P 6  ARG P 8  
# 
loop_
_pdbx_struct_sheet_hbond.sheet_id 
_pdbx_struct_sheet_hbond.range_id_1 
_pdbx_struct_sheet_hbond.range_id_2 
_pdbx_struct_sheet_hbond.range_1_label_atom_id 
_pdbx_struct_sheet_hbond.range_1_label_comp_id 
_pdbx_struct_sheet_hbond.range_1_label_asym_id 
_pdbx_struct_sheet_hbond.range_1_label_seq_id 
_pdbx_struct_sheet_hbond.range_1_PDB_ins_code 
_pdbx_struct_sheet_hbond.range_1_auth_atom_id 
_pdbx_struct_sheet_hbond.range_1_auth_comp_id 
_pdbx_struct_sheet_hbond.range_1_auth_asym_id 
_pdbx_struct_sheet_hbond.range_1_auth_seq_id 
_pdbx_struct_sheet_hbond.range_2_label_atom_id 
_pdbx_struct_sheet_hbond.range_2_label_comp_id 
_pdbx_struct_sheet_hbond.range_2_label_asym_id 
_pdbx_struct_sheet_hbond.range_2_label_seq_id 
_pdbx_struct_sheet_hbond.range_2_PDB_ins_code 
_pdbx_struct_sheet_hbond.range_2_auth_atom_id 
_pdbx_struct_sheet_hbond.range_2_auth_comp_id 
_pdbx_struct_sheet_hbond.range_2_auth_asym_id 
_pdbx_struct_sheet_hbond.range_2_auth_seq_id 
A 1 2 O THR A 39 ? O THR A 53 N ILE A 28 ? N ILE A 42 
A 2 3 O GLU A 25 ? O GLU A 39 N ARG A 17 ? N ARG A 31 
A 3 4 N TYR A 8  ? N TYR A 22 O ALA B 7  ? O ALA P 7  
# 
loop_
_struct_site.id 
_struct_site.pdbx_evidence_code 
_struct_site.pdbx_auth_asym_id 
_struct_site.pdbx_auth_comp_id 
_struct_site.pdbx_auth_seq_id 
_struct_site.pdbx_auth_ins_code 
_struct_site.pdbx_num_residues 
_struct_site.details 
AC1 Software A ACY 1  ? 8 'BINDING SITE FOR RESIDUE ACY A 1' 
AC2 Software A ZN  76 ? 6 'BINDING SITE FOR RESIDUE ZN A 76' 
AC3 Software A ZN  2  ? 5 'BINDING SITE FOR RESIDUE ZN A 2'  
AC4 Software A ZN  3  ? 2 'BINDING SITE FOR RESIDUE ZN A 3'  
AC5 Software A ZN  4  ? 2 'BINDING SITE FOR RESIDUE ZN A 4'  
# 
loop_
_struct_site_gen.id 
_struct_site_gen.site_id 
_struct_site_gen.pdbx_num_res 
_struct_site_gen.label_comp_id 
_struct_site_gen.label_asym_id 
_struct_site_gen.label_seq_id 
_struct_site_gen.pdbx_auth_ins_code 
_struct_site_gen.auth_comp_id 
_struct_site_gen.auth_asym_id 
_struct_site_gen.auth_seq_id 
_struct_site_gen.label_atom_id 
_struct_site_gen.label_alt_id 
_struct_site_gen.symmetry 
_struct_site_gen.details 
1  AC1 8 ZN  E .  ? ZN  A 2  . ? 7_555 ? 
2  AC1 8 ZN  E .  ? ZN  A 2  . ? 1_555 ? 
3  AC1 8 TYR A 33 ? TYR A 47 . ? 7_555 ? 
4  AC1 8 ASP A 34 ? ASP A 48 . ? 1_555 ? 
5  AC1 8 TYR A 36 ? TYR A 50 . ? 1_555 ? 
6  AC1 8 ASP A 37 ? ASP A 51 . ? 1_555 ? 
7  AC1 8 ASP A 37 ? ASP A 51 . ? 7_555 ? 
8  AC1 8 ZN  D .  ? ZN  A 76 . ? 7_555 ? 
9  AC2 6 ACY C .  ? ACY A 1  . ? 7_555 ? 
10 AC2 6 ZN  E .  ? ZN  A 2  . ? 1_555 ? 
11 AC2 6 ZN  E .  ? ZN  A 2  . ? 7_555 ? 
12 AC2 6 ASP A 34 ? ASP A 48 . ? 1_555 ? 
13 AC2 6 ASP A 34 ? ASP A 48 . ? 7_555 ? 
14 AC2 6 ASP A 37 ? ASP A 51 . ? 1_555 ? 
15 AC3 5 ACY C .  ? ACY A 1  . ? 7_555 ? 
16 AC3 5 ACY C .  ? ACY A 1  . ? 1_555 ? 
17 AC3 5 ASP A 37 ? ASP A 51 . ? 1_555 ? 
18 AC3 5 ZN  D .  ? ZN  A 76 . ? 7_555 ? 
19 AC3 5 ZN  D .  ? ZN  A 76 . ? 1_555 ? 
20 AC4 2 ASP A 16 ? ASP A 30 . ? 1_555 ? 
21 AC4 2 TRP A 56 ? TRP A 70 . ? 1_555 ? 
22 AC5 2 ASP A 12 ? ASP A 26 . ? 3_444 ? 
23 AC5 2 HOH H .  ? HOH A 93 . ? 3_444 ? 
# 
_atom_sites.entry_id                    3G7L 
_atom_sites.fract_transf_matrix[1][1]   -0.01394726 
_atom_sites.fract_transf_matrix[1][2]   -0.01631331 
_atom_sites.fract_transf_matrix[1][3]   0.01087794 
_atom_sites.fract_transf_matrix[2][1]   -0.00142166 
_atom_sites.fract_transf_matrix[2][2]   0.01415546 
_atom_sites.fract_transf_matrix[2][3]   0.01940571 
_atom_sites.fract_transf_matrix[3][1]   -0.00930087 
_atom_sites.fract_transf_matrix[3][2]   0.00504407 
_atom_sites.fract_transf_matrix[3][3]   -0.00436077 
_atom_sites.fract_transf_vector[1]      0.023239 
_atom_sites.fract_transf_vector[2]      -0.431292 
_atom_sites.fract_transf_vector[3]      -0.114723 
# 
loop_
_atom_type.symbol 
C  
H  
N  
O  
ZN 
# 
loop_
_atom_site.group_PDB 
_atom_site.id 
_atom_site.type_symbol 
_atom_site.label_atom_id 
_atom_site.label_alt_id 
_atom_site.label_comp_id 
_atom_site.label_asym_id 
_atom_site.label_entity_id 
_atom_site.label_seq_id 
_atom_site.pdbx_PDB_ins_code 
_atom_site.Cartn_x 
_atom_site.Cartn_y 
_atom_site.Cartn_z 
_atom_site.occupancy 
_atom_site.B_iso_or_equiv 
_atom_site.pdbx_formal_charge 
_atom_site.auth_seq_id 
_atom_site.auth_comp_id 
_atom_site.auth_asym_id 
_atom_site.auth_atom_id 
_atom_site.pdbx_PDB_model_num 
ATOM   1    N  N    . ALA A 1 5  ? 14.162  6.548   1.633   1.00 58.75  ? 19 ALA A N    1 
ATOM   2    C  CA   . ALA A 1 5  ? 14.242  7.520   0.543   1.00 75.27  ? 19 ALA A CA   1 
ATOM   3    C  C    . ALA A 1 5  ? 12.875  7.754   -0.122  1.00 76.46  ? 19 ALA A C    1 
ATOM   4    O  O    . ALA A 1 5  ? 12.175  8.722   0.196   1.00 80.71  ? 19 ALA A O    1 
ATOM   5    C  CB   . ALA A 1 5  ? 15.270  7.066   -0.491  1.00 81.68  ? 19 ALA A CB   1 
ATOM   6    H  HA   . ALA A 1 5  ? 14.545  8.377   0.909   1.00 89.51  ? 19 ALA A HA   1 
ATOM   7    H  HB1  . ALA A 1 5  ? 15.309  7.715   -1.198  1.00 97.19  ? 19 ALA A HB1  1 
ATOM   8    H  HB2  . ALA A 1 5  ? 16.128  6.993   -0.067  1.00 97.19  ? 19 ALA A HB2  1 
ATOM   9    H  HB3  . ALA A 1 5  ? 15.004  6.214   -0.843  1.00 97.19  ? 19 ALA A HB3  1 
ATOM   10   N  N    . ASP A 1 6  ? 12.503  6.880   -1.057  1.00 75.03  ? 20 ASP A N    1 
ATOM   11   C  CA   . ASP A 1 6  ? 11.163  6.917   -1.655  1.00 66.13  ? 20 ASP A CA   1 
ATOM   12   C  C    . ASP A 1 6  ? 10.161  6.169   -0.774  1.00 49.67  ? 20 ASP A C    1 
ATOM   13   O  O    . ASP A 1 6  ? 9.215   5.572   -1.274  1.00 55.90  ? 20 ASP A O    1 
ATOM   14   C  CB   . ASP A 1 6  ? 11.173  6.305   -3.064  1.00 72.90  ? 20 ASP A CB   1 
ATOM   15   C  CG   . ASP A 1 6  ? 11.345  7.353   -4.168  1.00 81.87  ? 20 ASP A CG   1 
ATOM   16   O  OD1  . ASP A 1 6  ? 11.014  8.540   -3.947  1.00 83.48  ? 20 ASP A OD1  1 
ATOM   17   O  OD2  . ASP A 1 6  ? 11.801  6.978   -5.270  1.00 83.87  ? 20 ASP A OD2  1 
ATOM   18   H  H    . ASP A 1 6  ? 13.006  6.253   -1.364  1.00 89.21  ? 20 ASP A H    1 
ATOM   19   H  HA   . ASP A 1 6  ? 10.870  7.850   -1.728  1.00 78.53  ? 20 ASP A HA   1 
ATOM   20   H  HB2  . ASP A 1 6  ? 11.909  5.677   -3.131  1.00 86.65  ? 20 ASP A HB2  1 
ATOM   21   H  HB3  . ASP A 1 6  ? 10.331  5.847   -3.214  1.00 86.65  ? 20 ASP A HB3  1 
ATOM   22   N  N    . VAL A 1 7  ? 10.376  6.204   0.539   1.00 44.84  ? 21 VAL A N    1 
ATOM   23   C  CA   . VAL A 1 7  ? 9.581   5.420   1.473   1.00 42.18  ? 21 VAL A CA   1 
ATOM   24   C  C    . VAL A 1 7  ? 8.712   6.352   2.302   1.00 43.52  ? 21 VAL A C    1 
ATOM   25   O  O    . VAL A 1 7  ? 9.213   7.303   2.886   1.00 47.23  ? 21 VAL A O    1 
ATOM   26   C  CB   . VAL A 1 7  ? 10.500  4.529   2.386   1.00 46.13  ? 21 VAL A CB   1 
ATOM   27   C  CG1  . VAL A 1 7  ? 9.806   4.145   3.705   1.00 41.42  ? 21 VAL A CG1  1 
ATOM   28   C  CG2  . VAL A 1 7  ? 10.941  3.275   1.628   1.00 38.86  ? 21 VAL A CG2  1 
ATOM   29   H  H    . VAL A 1 7  ? 10.984  6.681   0.916   1.00 52.98  ? 21 VAL A H    1 
ATOM   30   H  HA   . VAL A 1 7  ? 8.990   4.824   0.966   1.00 49.79  ? 21 VAL A HA   1 
ATOM   31   H  HB   . VAL A 1 7  ? 11.305  5.039   2.612   1.00 54.54  ? 21 VAL A HB   1 
ATOM   32   H  HG11 . VAL A 1 7  ? 10.403  3.603   4.226   1.00 48.88  ? 21 VAL A HG11 1 
ATOM   33   H  HG12 . VAL A 1 7  ? 9.585   4.945   4.186   1.00 48.88  ? 21 VAL A HG12 1 
ATOM   34   H  HG13 . VAL A 1 7  ? 9.007   3.651   3.505   1.00 48.88  ? 21 VAL A HG13 1 
ATOM   35   H  HG21 . VAL A 1 7  ? 11.499  2.744   2.201   1.00 45.81  ? 21 VAL A HG21 1 
ATOM   36   H  HG22 . VAL A 1 7  ? 10.163  2.774   1.373   1.00 45.81  ? 21 VAL A HG22 1 
ATOM   37   H  HG23 . VAL A 1 7  ? 11.431  3.539   0.846   1.00 45.81  ? 21 VAL A HG23 1 
ATOM   38   N  N    . TYR A 1 8  ? 7.409   6.082   2.353   1.00 41.88  ? 22 TYR A N    1 
ATOM   39   C  CA   . TYR A 1 8  ? 6.496   6.972   3.069   1.00 44.24  ? 22 TYR A CA   1 
ATOM   40   C  C    . TYR A 1 8  ? 5.570   6.205   4.000   1.00 43.50  ? 22 TYR A C    1 
ATOM   41   O  O    . TYR A 1 8  ? 5.448   4.975   3.908   1.00 42.69  ? 22 TYR A O    1 
ATOM   42   C  CB   . TYR A 1 8  ? 5.658   7.773   2.073   1.00 37.83  ? 22 TYR A CB   1 
ATOM   43   C  CG   . TYR A 1 8  ? 6.470   8.601   1.101   1.00 43.78  ? 22 TYR A CG   1 
ATOM   44   C  CD1  . TYR A 1 8  ? 6.673   9.970   1.305   1.00 48.32  ? 22 TYR A CD1  1 
ATOM   45   C  CD2  . TYR A 1 8  ? 7.023   8.020   -0.037  1.00 41.32  ? 22 TYR A CD2  1 
ATOM   46   C  CE1  . TYR A 1 8  ? 7.420   10.726  0.403   1.00 48.03  ? 22 TYR A CE1  1 
ATOM   47   C  CE2  . TYR A 1 8  ? 7.761   8.764   -0.943  1.00 45.55  ? 22 TYR A CE2  1 
ATOM   48   C  CZ   . TYR A 1 8  ? 7.962   10.112  -0.724  1.00 55.47  ? 22 TYR A CZ   1 
ATOM   49   O  OH   . TYR A 1 8  ? 8.715   10.824  -1.646  1.00 62.41  ? 22 TYR A OH   1 
ATOM   50   H  H    . TYR A 1 8  ? 7.032   5.401   1.988   1.00 49.43  ? 22 TYR A H    1 
ATOM   51   H  HA   . TYR A 1 8  ? 7.018   7.602   3.607   1.00 52.26  ? 22 TYR A HA   1 
ATOM   52   H  HB2  . TYR A 1 8  ? 5.117   7.158   1.555   1.00 44.57  ? 22 TYR A HB2  1 
ATOM   53   H  HB3  . TYR A 1 8  ? 5.083   8.379   2.566   1.00 44.57  ? 22 TYR A HB3  1 
ATOM   54   H  HD1  . TYR A 1 8  ? 6.313   10.379  2.058   1.00 57.16  ? 22 TYR A HD1  1 
ATOM   55   H  HD2  . TYR A 1 8  ? 6.894   7.112   -0.193  1.00 48.76  ? 22 TYR A HD2  1 
ATOM   56   H  HE1  . TYR A 1 8  ? 7.554   11.634  0.551   1.00 56.81  ? 22 TYR A HE1  1 
ATOM   57   H  HE2  . TYR A 1 8  ? 8.128   8.355   -1.693  1.00 53.84  ? 22 TYR A HE2  1 
ATOM   58   H  HH   . TYR A 1 8  ? 8.361   10.789  -2.384  1.00 74.07  ? 22 TYR A HH   1 
ATOM   59   N  N    . GLU A 1 9  ? 4.917   6.943   4.896   1.00 37.39  ? 23 GLU A N    1 
ATOM   60   C  CA   . GLU A 1 9  ? 3.962   6.357   5.819   1.00 41.86  ? 23 GLU A CA   1 
ATOM   61   C  C    . GLU A 1 9  ? 2.674   6.006   5.074   1.00 39.61  ? 23 GLU A C    1 
ATOM   62   O  O    . GLU A 1 9  ? 2.149   6.811   4.298   1.00 37.48  ? 23 GLU A O    1 
ATOM   63   C  CB   . GLU A 1 9  ? 3.662   7.343   6.941   1.00 47.79  ? 23 GLU A CB   1 
ATOM   64   C  CG   . GLU A 1 9  ? 2.880   6.757   8.111   1.00 54.00  ? 23 GLU A CG   1 
ATOM   65   C  CD   . GLU A 1 9  ? 2.732   7.742   9.276   1.00 60.36  ? 23 GLU A CD   1 
ATOM   66   O  OE1  . GLU A 1 9  ? 3.381   8.820   9.254   1.00 64.94  ? 23 GLU A OE1  1 
ATOM   67   O  OE2  . GLU A 1 9  ? 1.966   7.442   10.220  1.00 49.97  ? 23 GLU A OE2  1 
ATOM   68   H  H    . GLU A 1 9  ? 5.013   7.794   4.985   1.00 44.05  ? 23 GLU A H    1 
ATOM   69   H  HA   . GLU A 1 9  ? 4.335   5.540   6.209   1.00 49.41  ? 23 GLU A HA   1 
ATOM   70   H  HB2  . GLU A 1 9  ? 4.501   7.681   7.289   1.00 56.53  ? 23 GLU A HB2  1 
ATOM   71   H  HB3  . GLU A 1 9  ? 3.140   8.076   6.578   1.00 56.53  ? 23 GLU A HB3  1 
ATOM   72   H  HG2  . GLU A 1 9  ? 1.992   6.514   7.808   1.00 63.98  ? 23 GLU A HG2  1 
ATOM   73   H  HG3  . GLU A 1 9  ? 3.346   5.971   8.440   1.00 63.98  ? 23 GLU A HG3  1 
ATOM   74   N  N    . VAL A 1 10 ? 2.202   4.785   5.300   1.00 42.16  ? 24 VAL A N    1 
ATOM   75   C  CA   . VAL A 1 10 ? 0.904   4.317   4.840   1.00 44.42  ? 24 VAL A CA   1 
ATOM   76   C  C    . VAL A 1 10 ? -0.199  4.701   5.833   1.00 48.34  ? 24 VAL A C    1 
ATOM   77   O  O    . VAL A 1 10 ? -0.135  4.338   7.006   1.00 55.70  ? 24 VAL A O    1 
ATOM   78   C  CB   . VAL A 1 10 ? 0.926   2.775   4.689   1.00 42.55  ? 24 VAL A CB   1 
ATOM   79   C  CG1  . VAL A 1 10 ? -0.483  2.213   4.520   1.00 38.38  ? 24 VAL A CG1  1 
ATOM   80   C  CG2  . VAL A 1 10 ? 1.853   2.352   3.529   1.00 34.98  ? 24 VAL A CG2  1 
ATOM   81   H  H    . VAL A 1 10 ? 2.638   4.186   5.737   1.00 49.76  ? 24 VAL A H    1 
ATOM   82   H  HA   . VAL A 1 10 ? 0.698   4.715   3.969   1.00 52.48  ? 24 VAL A HA   1 
ATOM   83   H  HB   . VAL A 1 10 ? 1.296   2.391   5.511   1.00 50.23  ? 24 VAL A HB   1 
ATOM   84   H  HG11 . VAL A 1 10 ? -0.430  1.258   4.430   1.00 45.23  ? 24 VAL A HG11 1 
ATOM   85   H  HG12 . VAL A 1 10 ? -1.005  2.440   5.294   1.00 45.23  ? 24 VAL A HG12 1 
ATOM   86   H  HG13 . VAL A 1 10 ? -0.880  2.594   3.734   1.00 45.23  ? 24 VAL A HG13 1 
ATOM   87   H  HG21 . VAL A 1 10 ? 1.847   1.395   3.458   1.00 41.15  ? 24 VAL A HG21 1 
ATOM   88   H  HG22 . VAL A 1 10 ? 1.531   2.744   2.714   1.00 41.15  ? 24 VAL A HG22 1 
ATOM   89   H  HG23 . VAL A 1 10 ? 2.744   2.662   3.713   1.00 41.15  ? 24 VAL A HG23 1 
ATOM   90   N  N    . GLU A 1 11 ? -1.200  5.454   5.375   1.00 35.25  ? 25 GLU A N    1 
ATOM   91   C  CA   . GLU A 1 11 ? -2.382  5.696   6.205   1.00 37.41  ? 25 GLU A CA   1 
ATOM   92   C  C    . GLU A 1 11 ? -3.319  4.481   6.165   1.00 35.59  ? 25 GLU A C    1 
ATOM   93   O  O    . GLU A 1 11 ? -3.854  4.049   7.202   1.00 33.55  ? 25 GLU A O    1 
ATOM   94   C  CB   . GLU A 1 11 ? -3.133  6.997   5.806   1.00 36.45  ? 25 GLU A CB   1 
ATOM   95   C  CG   . GLU A 1 11 ? -4.418  7.209   6.611   1.00 40.19  ? 25 GLU A CG   1 
ATOM   96   C  CD   . GLU A 1 11 ? -5.199  8.498   6.242   1.00 52.28  ? 25 GLU A CD   1 
ATOM   97   O  OE1  . GLU A 1 11 ? -6.433  8.553   6.501   1.00 52.79  ? 25 GLU A OE1  1 
ATOM   98   O  OE2  . GLU A 1 11 ? -4.589  9.453   5.721   1.00 38.41  ? 25 GLU A OE2  1 
ATOM   99   H  H    . GLU A 1 11 ? -1.221  5.829   4.602   1.00 41.48  ? 25 GLU A H    1 
ATOM   100  H  HA   . GLU A 1 11 ? -2.087  5.805   7.133   1.00 44.06  ? 25 GLU A HA   1 
ATOM   101  H  HB2  . GLU A 1 11 ? -2.552  7.757   5.963   1.00 42.91  ? 25 GLU A HB2  1 
ATOM   102  H  HB3  . GLU A 1 11 ? -3.372  6.949   4.868   1.00 42.91  ? 25 GLU A HB3  1 
ATOM   103  H  HG2  . GLU A 1 11 ? -5.007  6.453   6.460   1.00 47.40  ? 25 GLU A HG2  1 
ATOM   104  H  HG3  . GLU A 1 11 ? -4.189  7.262   7.552   1.00 47.40  ? 25 GLU A HG3  1 
ATOM   105  N  N    . ASP A 1 12 ? -3.528  3.908   4.983   1.00 35.47  ? 26 ASP A N    1 
ATOM   106  C  CA   . ASP A 1 12 ? -4.491  2.815   4.886   1.00 35.63  ? 26 ASP A CA   1 
ATOM   107  C  C    . ASP A 1 12 ? -4.430  2.125   3.552   1.00 24.38  ? 26 ASP A C    1 
ATOM   108  O  O    . ASP A 1 12 ? -3.924  2.698   2.586   1.00 30.46  ? 26 ASP A O    1 
ATOM   109  C  CB   . ASP A 1 12 ? -5.921  3.346   5.109   1.00 46.31  ? 26 ASP A CB   1 
ATOM   110  C  CG   . ASP A 1 12 ? -6.883  2.256   5.584   1.00 63.73  ? 26 ASP A CG   1 
ATOM   111  O  OD1  . ASP A 1 12 ? -6.476  1.062   5.644   1.00 65.11  ? 26 ASP A OD1  1 
ATOM   112  O  OD2  . ASP A 1 12 ? -8.043  2.594   5.916   1.00 67.09  ? 26 ASP A OD2  1 
ATOM   113  H  H    . ASP A 1 12 ? -3.140  4.123   4.247   1.00 41.74  ? 26 ASP A H    1 
ATOM   114  H  HA   . ASP A 1 12 ? -4.298  2.153   5.583   1.00 41.94  ? 26 ASP A HA   1 
ATOM   115  H  HB2  . ASP A 1 12 ? -5.899  4.042   5.783   1.00 54.75  ? 26 ASP A HB2  1 
ATOM   116  H  HB3  . ASP A 1 12 ? -6.260  3.702   4.273   1.00 54.75  ? 26 ASP A HB3  1 
ATOM   117  N  N    . ILE A 1 13 ? -4.964  0.902   3.488   1.00 32.18  ? 27 ILE A N    1 
ATOM   118  C  CA   . ILE A 1 13 ? -5.218  0.231   2.208   1.00 34.22  ? 27 ILE A CA   1 
ATOM   119  C  C    . ILE A 1 13 ? -6.697  0.310   1.859   1.00 36.90  ? 27 ILE A C    1 
ATOM   120  O  O    . ILE A 1 13 ? -7.526  0.019   2.709   1.00 43.25  ? 27 ILE A O    1 
ATOM   121  C  CB   . ILE A 1 13 ? -4.819  -1.235  2.273   1.00 30.22  ? 27 ILE A CB   1 
ATOM   122  C  CG1  . ILE A 1 13 ? -3.300  -1.339  2.490   1.00 38.75  ? 27 ILE A CG1  1 
ATOM   123  C  CG2  . ILE A 1 13 ? -5.245  -1.957  0.991   1.00 24.27  ? 27 ILE A CG2  1 
ATOM   124  C  CD1  . ILE A 1 13 ? -2.822  -2.747  2.680   1.00 26.72  ? 27 ILE A CD1  1 
ATOM   125  H  H    . ILE A 1 13 ? -5.189  0.437   4.176   1.00 37.79  ? 27 ILE A H    1 
ATOM   126  H  HA   . ILE A 1 13 ? -4.703  0.668   1.497   1.00 40.24  ? 27 ILE A HA   1 
ATOM   127  H  HB   . ILE A 1 13 ? -5.269  -1.648  3.027   1.00 35.44  ? 27 ILE A HB   1 
ATOM   128  H  HG12 . ILE A 1 13 ? -2.846  -0.972  1.715   1.00 45.68  ? 27 ILE A HG12 1 
ATOM   129  H  HG13 . ILE A 1 13 ? -3.060  -0.834  3.282   1.00 45.68  ? 27 ILE A HG13 1 
ATOM   130  H  HG21 . ILE A 1 13 ? -4.985  -2.880  1.051   1.00 28.30  ? 27 ILE A HG21 1 
ATOM   131  H  HG22 . ILE A 1 13 ? -6.198  -1.891  0.897   1.00 28.30  ? 27 ILE A HG22 1 
ATOM   132  H  HG23 . ILE A 1 13 ? -4.812  -1.543  0.241   1.00 28.30  ? 27 ILE A HG23 1 
ATOM   133  H  HD11 . ILE A 1 13 ? -1.870  -2.738  2.809   1.00 31.24  ? 27 ILE A HD11 1 
ATOM   134  H  HD12 . ILE A 1 13 ? -3.254  -3.122  3.450   1.00 31.24  ? 27 ILE A HD12 1 
ATOM   135  H  HD13 . ILE A 1 13 ? -3.042  -3.259  1.898   1.00 31.24  ? 27 ILE A HD13 1 
ATOM   136  N  N    . LEU A 1 14 ? -7.008  0.687   0.614   1.00 38.10  ? 28 LEU A N    1 
ATOM   137  C  CA   . LEU A 1 14 ? -8.400  0.955   0.165   1.00 41.95  ? 28 LEU A CA   1 
ATOM   138  C  C    . LEU A 1 14 ? -8.963  -0.108  -0.785  1.00 38.14  ? 28 LEU A C    1 
ATOM   139  O  O    . LEU A 1 14 ? -10.159 -0.306  -0.837  1.00 41.40  ? 28 LEU A O    1 
ATOM   140  C  CB   . LEU A 1 14 ? -8.510  2.313   -0.556  1.00 32.18  ? 28 LEU A CB   1 
ATOM   141  C  CG   . LEU A 1 14 ? -8.517  3.617   0.263   1.00 43.37  ? 28 LEU A CG   1 
ATOM   142  C  CD1  . LEU A 1 14 ? -9.534  3.567   1.423   1.00 47.94  ? 28 LEU A CD1  1 
ATOM   143  C  CD2  . LEU A 1 14 ? -7.148  3.991   0.785   1.00 45.63  ? 28 LEU A CD2  1 
ATOM   144  H  H    . LEU A 1 14 ? -6.424  0.800   -0.007  1.00 44.90  ? 28 LEU A H    1 
ATOM   145  H  HA   . LEU A 1 14 ? -8.982  0.987   0.953   1.00 49.52  ? 28 LEU A HA   1 
ATOM   146  H  HB2  . LEU A 1 14 ? -7.762  2.378   -1.170  1.00 37.79  ? 28 LEU A HB2  1 
ATOM   147  H  HB3  . LEU A 1 14 ? -9.334  2.306   -1.067  1.00 37.79  ? 28 LEU A HB3  1 
ATOM   148  H  HG   . LEU A 1 14 ? -8.797  4.335   -0.326  1.00 51.22  ? 28 LEU A HG   1 
ATOM   149  H  HD11 . LEU A 1 14 ? -9.501  4.399   1.902   1.00 56.70  ? 28 LEU A HD11 1 
ATOM   150  H  HD12 . LEU A 1 14 ? -10.413 3.432   1.062   1.00 56.70  ? 28 LEU A HD12 1 
ATOM   151  H  HD13 . LEU A 1 14 ? -9.305  2.843   2.009   1.00 56.70  ? 28 LEU A HD13 1 
ATOM   152  H  HD21 . LEU A 1 14 ? -7.217  4.808   1.285   1.00 53.93  ? 28 LEU A HD21 1 
ATOM   153  H  HD22 . LEU A 1 14 ? -6.827  3.286   1.352   1.00 53.93  ? 28 LEU A HD22 1 
ATOM   154  H  HD23 . LEU A 1 14 ? -6.552  4.111   0.041   1.00 53.93  ? 28 LEU A HD23 1 
ATOM   155  N  N    . ALA A 1 15 ? -8.103  -0.765  -1.560  1.00 41.65  ? 29 ALA A N    1 
ATOM   156  C  CA   . ALA A 1 15 ? -8.565  -1.798  -2.477  1.00 31.54  ? 29 ALA A CA   1 
ATOM   157  C  C    . ALA A 1 15 ? -7.386  -2.663  -2.892  1.00 34.67  ? 29 ALA A C    1 
ATOM   158  O  O    . ALA A 1 15 ? -6.234  -2.329  -2.591  1.00 37.31  ? 29 ALA A O    1 
ATOM   159  C  CB   . ALA A 1 15 ? -9.240  -1.145  -3.716  1.00 36.52  ? 29 ALA A CB   1 
ATOM   160  H  H    . ALA A 1 15 ? -7.254  -0.632  -1.574  1.00 49.16  ? 29 ALA A H    1 
ATOM   161  H  HA   . ALA A 1 15 ? -9.225  -2.366  -2.026  1.00 37.02  ? 29 ALA A HA   1 
ATOM   162  H  HB1  . ALA A 1 15 ? -9.538  -1.839  -4.310  1.00 43.00  ? 29 ALA A HB1  1 
ATOM   163  H  HB2  . ALA A 1 15 ? -9.987  -0.620  -3.424  1.00 43.00  ? 29 ALA A HB2  1 
ATOM   164  H  HB3  . ALA A 1 15 ? -8.599  -0.586  -4.161  1.00 43.00  ? 29 ALA A HB3  1 
ATOM   165  N  N    . ASP A 1 16 ? -7.663  -3.778  -3.561  1.00 35.65  ? 30 ASP A N    1 
ATOM   166  C  CA   . ASP A 1 16 ? -6.602  -4.590  -4.151  1.00 40.02  ? 30 ASP A CA   1 
ATOM   167  C  C    . ASP A 1 16 ? -6.978  -5.204  -5.509  1.00 44.76  ? 30 ASP A C    1 
ATOM   168  O  O    . ASP A 1 16 ? -8.148  -5.345  -5.838  1.00 43.82  ? 30 ASP A O    1 
ATOM   169  C  CB   . ASP A 1 16 ? -6.107  -5.683  -3.184  1.00 31.67  ? 30 ASP A CB   1 
ATOM   170  C  CG   . ASP A 1 16 ? -7.137  -6.755  -2.919  1.00 34.22  ? 30 ASP A CG   1 
ATOM   171  O  OD1  . ASP A 1 16 ? -7.724  -7.271  -3.873  1.00 45.42  ? 30 ASP A OD1  1 
ATOM   172  O  OD2  . ASP A 1 16 ? -7.354  -7.110  -1.734  1.00 47.21  ? 30 ASP A OD2  1 
ATOM   173  H  H    . ASP A 1 16 ? -8.456  -4.086  -3.688  1.00 41.95  ? 30 ASP A H    1 
ATOM   174  H  HA   . ASP A 1 16 ? -5.838  -3.999  -4.315  1.00 47.20  ? 30 ASP A HA   1 
ATOM   175  H  HB2  . ASP A 1 16 ? -5.323  -6.109  -3.566  1.00 37.19  ? 30 ASP A HB2  1 
ATOM   176  H  HB3  . ASP A 1 16 ? -5.879  -5.272  -2.335  1.00 37.19  ? 30 ASP A HB3  1 
ATOM   177  N  N    . ARG A 1 17 ? -5.954  -5.561  -6.277  1.00 38.25  ? 31 ARG A N    1 
ATOM   178  C  CA   . ARG A 1 17 ? -6.131  -6.167  -7.575  1.00 37.93  ? 31 ARG A CA   1 
ATOM   179  C  C    . ARG A 1 17 ? -4.916  -7.045  -7.914  1.00 36.11  ? 31 ARG A C    1 
ATOM   180  O  O    . ARG A 1 17 ? -3.867  -6.950  -7.293  1.00 43.72  ? 31 ARG A O    1 
ATOM   181  C  CB   . ARG A 1 17 ? -6.271  -5.076  -8.634  1.00 31.95  ? 31 ARG A CB   1 
ATOM   182  C  CG   . ARG A 1 17 ? -5.018  -4.246  -8.769  1.00 34.21  ? 31 ARG A CG   1 
ATOM   183  C  CD   . ARG A 1 17 ? -5.176  -3.176  -9.798  1.00 34.09  ? 31 ARG A CD   1 
ATOM   184  N  NE   . ARG A 1 17 ? -3.937  -2.444  -9.978  1.00 36.66  ? 31 ARG A NE   1 
ATOM   185  C  CZ   . ARG A 1 17 ? -3.846  -1.280  -10.606 1.00 47.75  ? 31 ARG A CZ   1 
ATOM   186  N  NH1  . ARG A 1 17 ? -4.937  -0.692  -11.106 1.00 51.41  ? 31 ARG A NH1  1 
ATOM   187  N  NH2  . ARG A 1 17 ? -2.667  -0.699  -10.737 1.00 46.39  ? 31 ARG A NH2  1 
ATOM   188  H  H    . ARG A 1 17 ? -5.130  -5.458  -6.055  1.00 45.08  ? 31 ARG A H    1 
ATOM   189  H  HA   . ARG A 1 17 ? -6.938  -6.722  -7.580  1.00 44.70  ? 31 ARG A HA   1 
ATOM   190  H  HB2  . ARG A 1 17 ? -6.453  -5.489  -9.493  1.00 37.52  ? 31 ARG A HB2  1 
ATOM   191  H  HB3  . ARG A 1 17 ? -6.999  -4.485  -8.387  1.00 37.52  ? 31 ARG A HB3  1 
ATOM   192  H  HG2  . ARG A 1 17 ? -4.822  -3.823  -7.918  1.00 40.23  ? 31 ARG A HG2  1 
ATOM   193  H  HG3  . ARG A 1 17 ? -4.282  -4.818  -9.037  1.00 40.23  ? 31 ARG A HG3  1 
ATOM   194  H  HD2  . ARG A 1 17 ? -5.420  -3.579  -10.646 1.00 40.08  ? 31 ARG A HD2  1 
ATOM   195  H  HD3  . ARG A 1 17 ? -5.861  -2.552  -9.510  1.00 40.08  ? 31 ARG A HD3  1 
ATOM   196  H  HE   . ARG A 1 17 ? -3.134  -2.804  -9.570  1.00 43.17  ? 31 ARG A HE   1 
ATOM   197  H  HH11 . ARG A 1 17 ? -5.705  -1.071  -11.026 1.00 60.87  ? 31 ARG A HH11 1 
ATOM   198  H  HH12 . ARG A 1 17 ? -4.871  0.065   -11.509 1.00 60.87  ? 31 ARG A HH12 1 
ATOM   199  H  HH21 . ARG A 1 17 ? -1.965  -1.074  -10.412 1.00 54.84  ? 31 ARG A HH21 1 
ATOM   200  H  HH22 . ARG A 1 17 ? -2.604  0.061   -11.135 1.00 54.84  ? 31 ARG A HH22 1 
ATOM   201  N  N    . VAL A 1 18 ? -5.077  -7.903  -8.902  1.00 32.94  ? 32 VAL A N    1 
ATOM   202  C  CA   . VAL A 1 18 ? -3.967  -8.661  -9.455  1.00 41.81  ? 32 VAL A CA   1 
ATOM   203  C  C    . VAL A 1 18 ? -3.565  -8.003  -10.774 1.00 45.54  ? 32 VAL A C    1 
ATOM   204  O  O    . VAL A 1 18 ? -4.412  -7.764  -11.626 1.00 47.79  ? 32 VAL A O    1 
ATOM   205  C  CB   . VAL A 1 18 ? -4.381  -10.141 -9.732  1.00 41.48  ? 32 VAL A CB   1 
ATOM   206  C  CG1  . VAL A 1 18 ? -3.200  -10.939 -10.275 1.00 37.71  ? 32 VAL A CG1  1 
ATOM   207  C  CG2  . VAL A 1 18 ? -4.928  -10.787 -8.471  1.00 47.03  ? 32 VAL A CG2  1 
ATOM   208  H  H    . VAL A 1 18 ? -5.833  -8.067  -9.279  1.00 38.70  ? 32 VAL A H    1 
ATOM   209  H  HA   . VAL A 1 18 ? -3.204  -8.647  -8.840  1.00 49.35  ? 32 VAL A HA   1 
ATOM   210  H  HB   . VAL A 1 18 ? -5.091  -10.152 -10.408 1.00 48.96  ? 32 VAL A HB   1 
ATOM   211  H  HG11 . VAL A 1 18 ? -3.482  -11.843 -10.436 1.00 44.43  ? 32 VAL A HG11 1 
ATOM   212  H  HG12 . VAL A 1 18 ? -2.903  -10.538 -11.095 1.00 44.43  ? 32 VAL A HG12 1 
ATOM   213  H  HG13 . VAL A 1 18 ? -2.491  -10.926 -9.628  1.00 44.43  ? 32 VAL A HG13 1 
ATOM   214  H  HG21 . VAL A 1 18 ? -5.174  -11.693 -8.666  1.00 55.62  ? 32 VAL A HG21 1 
ATOM   215  H  HG22 . VAL A 1 18 ? -4.249  -10.770 -7.792  1.00 55.62  ? 32 VAL A HG22 1 
ATOM   216  H  HG23 . VAL A 1 18 ? -5.698  -10.293 -8.177  1.00 55.62  ? 32 VAL A HG23 1 
ATOM   217  N  N    . ASN A 1 19 ? -2.287  -7.695  -10.956 1.00 48.65  ? 33 ASN A N    1 
ATOM   218  C  CA   . ASN A 1 19 ? -1.848  -7.142  -12.235 1.00 53.43  ? 33 ASN A CA   1 
ATOM   219  C  C    . ASN A 1 19 ? -1.607  -8.240  -13.301 1.00 55.00  ? 33 ASN A C    1 
ATOM   220  O  O    . ASN A 1 19 ? -2.058  -9.373  -13.145 1.00 58.51  ? 33 ASN A O    1 
ATOM   221  C  CB   . ASN A 1 19 ? -0.601  -6.303  -12.021 1.00 50.29  ? 33 ASN A CB   1 
ATOM   222  C  CG   . ASN A 1 19 ? 0.561   -7.126  -11.531 1.00 57.38  ? 33 ASN A CG   1 
ATOM   223  O  OD1  . ASN A 1 19 ? 0.581   -8.345  -11.697 1.00 65.94  ? 33 ASN A OD1  1 
ATOM   224  N  ND2  . ASN A 1 19 ? 1.539   -6.470  -10.923 1.00 50.23  ? 33 ASN A ND2  1 
ATOM   225  H  H    . ASN A 1 19 ? -1.664  -7.792  -10.370 1.00 57.56  ? 33 ASN A H    1 
ATOM   226  H  HA   . ASN A 1 19 ? -2.550  -6.549  -12.575 1.00 63.29  ? 33 ASN A HA   1 
ATOM   227  H  HB2  . ASN A 1 19 ? -0.346  -5.893  -12.862 1.00 59.52  ? 33 ASN A HB2  1 
ATOM   228  H  HB3  . ASN A 1 19 ? -0.788  -5.620  -11.359 1.00 59.52  ? 33 ASN A HB3  1 
ATOM   229  H  HD21 . ASN A 1 19 ? 2.319   -6.956  -10.585 1.00 59.46  ? 33 ASN A HD21 1 
ATOM   230  H  HD22 . ASN A 1 19 ? 1.482   -5.498  -10.813 1.00 59.46  ? 33 ASN A HD22 1 
ATOM   231  N  N    . LYS A 1 20 ? -0.897  -7.895  -14.374 1.00 62.36  ? 34 LYS A N    1 
ATOM   232  C  CA   . LYS A 1 20 ? -0.640  -8.817  -15.487 1.00 70.63  ? 34 LYS A CA   1 
ATOM   233  C  C    . LYS A 1 20 ? 0.357   -9.918  -15.120 1.00 65.44  ? 34 LYS A C    1 
ATOM   234  O  O    . LYS A 1 20 ? 0.348   -10.998 -15.709 1.00 69.58  ? 34 LYS A O    1 
ATOM   235  C  CB   . LYS A 1 20 ? -0.095  -8.051  -16.694 1.00 80.02  ? 34 LYS A CB   1 
ATOM   236  C  CG   . LYS A 1 20 ? 1.246   -7.365  -16.426 1.00 89.53  ? 34 LYS A CG   1 
ATOM   237  C  CD   . LYS A 1 20 ? 2.063   -7.148  -17.703 1.00 102.46 ? 34 LYS A CD   1 
ATOM   238  C  CE   . LYS A 1 20 ? 1.275   -6.399  -18.773 1.00 110.94 ? 34 LYS A CE   1 
ATOM   239  N  NZ   . LYS A 1 20 ? 2.008   -6.302  -20.070 1.00 113.68 ? 34 LYS A NZ   1 
ATOM   240  H  H    . LYS A 1 20 ? -0.545  -7.117  -14.484 1.00 74.01  ? 34 LYS A H    1 
ATOM   241  H  HA   . LYS A 1 20 ? -1.481  -9.243  -15.751 1.00 83.93  ? 34 LYS A HA   1 
ATOM   242  H  HB2  . LYS A 1 20 ? 0.029   -8.671  -17.429 1.00 95.20  ? 34 LYS A HB2  1 
ATOM   243  H  HB3  . LYS A 1 20 ? -0.734  -7.365  -16.946 1.00 95.20  ? 34 LYS A HB3  1 
ATOM   244  H  HG2  . LYS A 1 20 ? 1.082   -6.497  -16.023 1.00 106.61 ? 34 LYS A HG2  1 
ATOM   245  H  HG3  . LYS A 1 20 ? 1.769   -7.917  -15.825 1.00 106.61 ? 34 LYS A HG3  1 
ATOM   246  H  HD2  . LYS A 1 20 ? 2.852   -6.625  -17.489 1.00 122.13 ? 34 LYS A HD2  1 
ATOM   247  H  HD3  . LYS A 1 20 ? 2.322   -8.009  -18.066 1.00 122.13 ? 34 LYS A HD3  1 
ATOM   248  H  HE2  . LYS A 1 20 ? 0.440   -6.866  -18.934 1.00 132.31 ? 34 LYS A HE2  1 
ATOM   249  H  HE3  . LYS A 1 20 ? 1.096   -5.498  -18.461 1.00 132.31 ? 34 LYS A HE3  1 
ATOM   250  H  HZ1  . LYS A 1 20 ? 1.476   -5.825  -20.712 1.00 135.60 ? 34 LYS A HZ1  1 
ATOM   251  H  HZ2  . LYS A 1 20 ? 2.837   -5.835  -19.943 1.00 135.60 ? 34 LYS A HZ2  1 
ATOM   252  H  HZ3  . LYS A 1 20 ? 2.193   -7.181  -20.408 1.00 135.60 ? 34 LYS A HZ3  1 
ATOM   253  N  N    . ASN A 1 21 ? 1.226   -9.629  -14.158 1.00 53.72  ? 35 ASN A N    1 
ATOM   254  C  CA   . ASN A 1 21 ? 2.212   -10.593 -13.695 1.00 52.46  ? 35 ASN A CA   1 
ATOM   255  C  C    . ASN A 1 21 ? 1.708   -11.467 -12.569 1.00 48.82  ? 35 ASN A C    1 
ATOM   256  O  O    . ASN A 1 21 ? 2.476   -12.258 -12.001 1.00 55.50  ? 35 ASN A O    1 
ATOM   257  C  CB   . ASN A 1 21 ? 3.456   -9.863  -13.191 1.00 63.39  ? 35 ASN A CB   1 
ATOM   258  C  CG   . ASN A 1 21 ? 4.171   -9.109  -14.285 1.00 65.19  ? 35 ASN A CG   1 
ATOM   259  O  OD1  . ASN A 1 21 ? 4.054   -9.441  -15.467 1.00 63.54  ? 35 ASN A OD1  1 
ATOM   260  N  ND2  . ASN A 1 21 ? 4.926   -8.090  -13.894 1.00 66.07  ? 35 ASN A ND2  1 
ATOM   261  H  H    . ASN A 1 21 ? 1.263   -8.871  -13.752 1.00 63.64  ? 35 ASN A H    1 
ATOM   262  H  HA   . ASN A 1 21 ? 2.476   -11.171 -14.441 1.00 62.13  ? 35 ASN A HA   1 
ATOM   263  H  HB2  . ASN A 1 21 ? 3.194   -9.224  -12.509 1.00 75.24  ? 35 ASN A HB2  1 
ATOM   264  H  HB3  . ASN A 1 21 ? 4.074   -10.511 -12.819 1.00 75.24  ? 35 ASN A HB3  1 
ATOM   265  H  HD21 . ASN A 1 21 ? 5.416   -7.560  -14.558 1.00 78.46  ? 35 ASN A HD21 1 
ATOM   266  H  HD22 . ASN A 1 21 ? 4.992   -7.866  -12.943 1.00 78.46  ? 35 ASN A HD22 1 
ATOM   267  N  N    . GLY A 1 22 ? 0.432   -11.316 -12.217 1.00 45.98  ? 36 GLY A N    1 
ATOM   268  C  CA   . GLY A 1 22 ? -0.162  -12.168 -11.198 1.00 47.41  ? 36 GLY A CA   1 
ATOM   269  C  C    . GLY A 1 22 ? 0.231   -11.740 -9.799  1.00 43.61  ? 36 GLY A C    1 
ATOM   270  O  O    . GLY A 1 22 ? 0.084   -12.487 -8.824  1.00 44.37  ? 36 GLY A O    1 
ATOM   271  H  H    . GLY A 1 22 ? -0.103  -10.731 -12.552 1.00 54.36  ? 36 GLY A H    1 
ATOM   272  H  HA2  . GLY A 1 22 ? -1.129  -12.135 -11.271 1.00 56.07  ? 36 GLY A HA2  1 
ATOM   273  H  HA3  . GLY A 1 22 ? 0.126   -13.085 -11.333 1.00 56.07  ? 36 GLY A HA3  1 
ATOM   274  N  N    . ILE A 1 23 ? 0.699   -10.505 -9.697  1.00 38.85  ? 37 ILE A N    1 
ATOM   275  C  CA   . ILE A 1 23 ? 1.140   -9.945  -8.426  1.00 46.08  ? 37 ILE A CA   1 
ATOM   276  C  C    . ILE A 1 23 ? 0.041   -9.051  -7.819  1.00 44.20  ? 37 ILE A C    1 
ATOM   277  O  O    . ILE A 1 23 ? -0.533  -8.232  -8.518  1.00 43.21  ? 37 ILE A O    1 
ATOM   278  C  CB   . ILE A 1 23 ? 2.454   -9.150  -8.637  1.00 40.31  ? 37 ILE A CB   1 
ATOM   279  C  CG1  . ILE A 1 23 ? 3.605   -10.151 -8.881  1.00 46.70  ? 37 ILE A CG1  1 
ATOM   280  C  CG2  . ILE A 1 23 ? 2.729   -8.229  -7.448  1.00 37.84  ? 37 ILE A CG2  1 
ATOM   281  C  CD1  . ILE A 1 23 ? 4.937   -9.532  -9.278  1.00 52.68  ? 37 ILE A CD1  1 
ATOM   282  H  H    . ILE A 1 23 ? 0.772   -9.963  -10.360 1.00 45.80  ? 37 ILE A H    1 
ATOM   283  H  HA   . ILE A 1 23 ? 1.322   -10.675 -7.797  1.00 54.47  ? 37 ILE A HA   1 
ATOM   284  H  HB   . ILE A 1 23 ? 2.355   -8.601  -9.432  1.00 47.55  ? 37 ILE A HB   1 
ATOM   285  H  HG12 . ILE A 1 23 ? 3.751   -10.654 -8.065  1.00 55.21  ? 37 ILE A HG12 1 
ATOM   286  H  HG13 . ILE A 1 23 ? 3.342   -10.755 -9.592  1.00 55.21  ? 37 ILE A HG13 1 
ATOM   287  H  HG21 . ILE A 1 23 ? 3.546   -7.751  -7.605  1.00 44.59  ? 37 ILE A HG21 1 
ATOM   288  H  HG22 . ILE A 1 23 ? 1.999   -7.612  -7.356  1.00 44.59  ? 37 ILE A HG22 1 
ATOM   289  H  HG23 . ILE A 1 23 ? 2.808   -8.762  -6.653  1.00 44.59  ? 37 ILE A HG23 1 
ATOM   290  H  HD11 . ILE A 1 23 ? 5.581   -10.232 -9.405  1.00 62.39  ? 37 ILE A HD11 1 
ATOM   291  H  HD12 . ILE A 1 23 ? 4.822   -9.040  -10.095 1.00 62.39  ? 37 ILE A HD12 1 
ATOM   292  H  HD13 . ILE A 1 23 ? 5.228   -8.941  -8.579  1.00 62.39  ? 37 ILE A HD13 1 
ATOM   293  N  N    . ASN A 1 24 ? -0.262  -9.235  -6.534  1.00 32.22  ? 38 ASN A N    1 
ATOM   294  C  CA   . ASN A 1 24 ? -1.196  -8.367  -5.838  1.00 33.27  ? 38 ASN A CA   1 
ATOM   295  C  C    . ASN A 1 24 ? -0.686  -6.948  -5.741  1.00 33.85  ? 38 ASN A C    1 
ATOM   296  O  O    . ASN A 1 24 ? 0.463   -6.727  -5.374  1.00 38.14  ? 38 ASN A O    1 
ATOM   297  C  CB   . ASN A 1 24 ? -1.423  -8.871  -4.428  1.00 33.95  ? 38 ASN A CB   1 
ATOM   298  C  CG   . ASN A 1 24 ? -2.237  -10.109 -4.407  1.00 45.99  ? 38 ASN A CG   1 
ATOM   299  O  OD1  . ASN A 1 24 ? -3.173  -10.257 -5.205  1.00 47.55  ? 38 ASN A OD1  1 
ATOM   300  N  ND2  . ASN A 1 24 ? -1.894  -11.034 -3.504  1.00 57.01  ? 38 ASN A ND2  1 
ATOM   301  H  H    . ASN A 1 24 ? 0.065   -9.862  -6.044  1.00 37.84  ? 38 ASN A H    1 
ATOM   302  H  HA   . ASN A 1 24 ? -2.054  -8.360  -6.311  1.00 39.10  ? 38 ASN A HA   1 
ATOM   303  H  HB2  . ASN A 1 24 ? -0.566  -9.065  -4.016  1.00 39.91  ? 38 ASN A HB2  1 
ATOM   304  H  HB3  . ASN A 1 24 ? -1.892  -8.192  -3.918  1.00 39.91  ? 38 ASN A HB3  1 
ATOM   305  H  HD21 . ASN A 1 24 ? -2.397  -11.872 -3.445  1.00 67.59  ? 38 ASN A HD21 1 
ATOM   306  H  HD22 . ASN A 1 24 ? -1.138  -10.872 -2.900  1.00 67.59  ? 38 ASN A HD22 1 
ATOM   307  N  N    . GLU A 1 25 ? -1.548  -5.992  -6.072  1.00 30.81  ? 39 GLU A N    1 
ATOM   308  C  CA   . GLU A 1 25 ? -1.264  -4.575  -5.894  1.00 29.63  ? 39 GLU A CA   1 
ATOM   309  C  C    . GLU A 1 25 ? -2.347  -3.971  -4.992  1.00 31.08  ? 39 GLU A C    1 
ATOM   310  O  O    . GLU A 1 25 ? -3.492  -4.402  -5.033  1.00 34.59  ? 39 GLU A O    1 
ATOM   311  C  CB   . GLU A 1 25 ? -1.223  -3.875  -7.243  1.00 33.25  ? 39 GLU A CB   1 
ATOM   312  C  CG   . GLU A 1 25 ? 0.039   -4.133  -8.041  1.00 39.40  ? 39 GLU A CG   1 
ATOM   313  C  CD   . GLU A 1 25 ? -0.030  -3.559  -9.456  1.00 46.16  ? 39 GLU A CD   1 
ATOM   314  O  OE1  . GLU A 1 25 ? -1.132  -3.179  -9.895  1.00 44.80  ? 39 GLU A OE1  1 
ATOM   315  O  OE2  . GLU A 1 25 ? 1.015   -3.482  -10.142 1.00 54.48  ? 39 GLU A OE2  1 
ATOM   316  H  H    . GLU A 1 25 ? -2.323  -6.144  -6.412  1.00 36.15  ? 39 GLU A H    1 
ATOM   317  H  HA   . GLU A 1 25 ? -0.394  -4.465  -5.456  1.00 34.73  ? 39 GLU A HA   1 
ATOM   318  H  HB2  . GLU A 1 25 ? -1.974  -4.179  -7.774  1.00 39.08  ? 39 GLU A HB2  1 
ATOM   319  H  HB3  . GLU A 1 25 ? -1.290  -2.919  -7.099  1.00 39.08  ? 39 GLU A HB3  1 
ATOM   320  H  HG2  . GLU A 1 25 ? 0.791   -3.720  -7.587  1.00 46.46  ? 39 GLU A HG2  1 
ATOM   321  H  HG3  . GLU A 1 25 ? 0.178   -5.090  -8.112  1.00 46.46  ? 39 GLU A HG3  1 
ATOM   322  N  N    . TYR A 1 26 ? -1.971  -2.982  -4.180  1.00 27.82  ? 40 TYR A N    1 
ATOM   323  C  CA   . TYR A 1 26 ? -2.829  -2.448  -3.123  1.00 29.67  ? 40 TYR A CA   1 
ATOM   324  C  C    . TYR A 1 26 ? -2.909  -0.967  -3.314  1.00 27.80  ? 40 TYR A C    1 
ATOM   325  O  O    . TYR A 1 26 ? -1.901  -0.313  -3.623  1.00 28.98  ? 40 TYR A O    1 
ATOM   326  C  CB   . TYR A 1 26 ? -2.273  -2.780  -1.719  1.00 27.93  ? 40 TYR A CB   1 
ATOM   327  C  CG   . TYR A 1 26 ? -2.220  -4.268  -1.493  1.00 37.92  ? 40 TYR A CG   1 
ATOM   328  C  CD1  . TYR A 1 26 ? -3.281  -4.938  -0.906  1.00 39.72  ? 40 TYR A CD1  1 
ATOM   329  C  CD2  . TYR A 1 26 ? -1.116  -5.022  -1.924  1.00 26.33  ? 40 TYR A CD2  1 
ATOM   330  C  CE1  . TYR A 1 26 ? -3.247  -6.324  -0.726  1.00 35.69  ? 40 TYR A CE1  1 
ATOM   331  C  CE2  . TYR A 1 26 ? -1.077  -6.397  -1.751  1.00 23.92  ? 40 TYR A CE2  1 
ATOM   332  C  CZ   . TYR A 1 26 ? -2.144  -7.047  -1.159  1.00 28.63  ? 40 TYR A CZ   1 
ATOM   333  O  OH   . TYR A 1 26 ? -2.110  -8.424  -0.989  1.00 31.07  ? 40 TYR A OH   1 
ATOM   334  H  H    . TYR A 1 26 ? -1.205  -2.595  -4.224  1.00 32.56  ? 40 TYR A H    1 
ATOM   335  H  HA   . TYR A 1 26 ? -3.730  -2.826  -3.204  1.00 34.78  ? 40 TYR A HA   1 
ATOM   336  H  HB2  . TYR A 1 26 ? -1.373  -2.426  -1.639  1.00 32.69  ? 40 TYR A HB2  1 
ATOM   337  H  HB3  . TYR A 1 26 ? -2.850  -2.390  -1.044  1.00 32.69  ? 40 TYR A HB3  1 
ATOM   338  H  HD1  . TYR A 1 26 ? -4.026  -4.457  -0.624  1.00 46.84  ? 40 TYR A HD1  1 
ATOM   339  H  HD2  . TYR A 1 26 ? -0.400  -4.592  -2.332  1.00 30.78  ? 40 TYR A HD2  1 
ATOM   340  H  HE1  . TYR A 1 26 ? -3.965  -6.761  -0.328  1.00 42.00  ? 40 TYR A HE1  1 
ATOM   341  H  HE2  . TYR A 1 26 ? -0.337  -6.883  -2.038  1.00 27.88  ? 40 TYR A HE2  1 
ATOM   342  H  HH   . TYR A 1 26 ? -1.469  -8.634  -0.522  1.00 36.46  ? 40 TYR A HH   1 
ATOM   343  N  N    . TYR A 1 27 ? -4.117  -0.437  -3.162  1.00 28.68  ? 41 TYR A N    1 
ATOM   344  C  CA   . TYR A 1 27 ? -4.352  0.993   -3.387  1.00 26.72  ? 41 TYR A CA   1 
ATOM   345  C  C    . TYR A 1 27 ? -4.116  1.720   -2.078  1.00 22.92  ? 41 TYR A C    1 
ATOM   346  O  O    . TYR A 1 27 ? -4.868  1.552   -1.111  1.00 31.88  ? 41 TYR A O    1 
ATOM   347  C  CB   . TYR A 1 27 ? -5.776  1.240   -3.927  1.00 30.44  ? 41 TYR A CB   1 
ATOM   348  C  CG   . TYR A 1 27 ? -5.977  2.606   -4.551  1.00 38.98  ? 41 TYR A CG   1 
ATOM   349  C  CD1  . TYR A 1 27 ? -5.032  3.136   -5.430  1.00 39.26  ? 41 TYR A CD1  1 
ATOM   350  C  CD2  . TYR A 1 27 ? -7.119  3.372   -4.272  1.00 35.47  ? 41 TYR A CD2  1 
ATOM   351  C  CE1  . TYR A 1 27 ? -5.214  4.383   -6.009  1.00 40.89  ? 41 TYR A CE1  1 
ATOM   352  C  CE2  . TYR A 1 27 ? -7.298  4.629   -4.840  1.00 36.02  ? 41 TYR A CE2  1 
ATOM   353  C  CZ   . TYR A 1 27 ? -6.346  5.125   -5.712  1.00 38.36  ? 41 TYR A CZ   1 
ATOM   354  O  OH   . TYR A 1 27 ? -6.506  6.373   -6.288  1.00 36.43  ? 41 TYR A OH   1 
ATOM   355  H  H    . TYR A 1 27 ? -4.817  -0.878  -2.930  1.00 33.60  ? 41 TYR A H    1 
ATOM   356  H  HA   . TYR A 1 27 ? -3.709  1.329   -4.046  1.00 31.24  ? 41 TYR A HA   1 
ATOM   357  H  HB2  . TYR A 1 27 ? -5.971  0.574   -4.606  1.00 35.70  ? 41 TYR A HB2  1 
ATOM   358  H  HB3  . TYR A 1 27 ? -6.407  1.153   -3.195  1.00 35.70  ? 41 TYR A HB3  1 
ATOM   359  H  HD1  . TYR A 1 27 ? -4.270  2.642   -5.635  1.00 46.29  ? 41 TYR A HD1  1 
ATOM   360  H  HD2  . TYR A 1 27 ? -7.760  3.040   -3.685  1.00 41.75  ? 41 TYR A HD2  1 
ATOM   361  H  HE1  . TYR A 1 27 ? -4.573  4.725   -6.590  1.00 48.25  ? 41 TYR A HE1  1 
ATOM   362  H  HE2  . TYR A 1 27 ? -8.058  5.127   -4.645  1.00 42.40  ? 41 TYR A HE2  1 
ATOM   363  H  HH   . TYR A 1 27 ? -6.521  6.305   -7.105  1.00 42.89  ? 41 TYR A HH   1 
ATOM   364  N  N    . ILE A 1 28 ? -3.063  2.528   -2.055  1.00 22.08  ? 42 ILE A N    1 
ATOM   365  C  CA   . ILE A 1 28 ? -2.606  3.161   -0.825  1.00 26.01  ? 42 ILE A CA   1 
ATOM   366  C  C    . ILE A 1 28 ? -3.044  4.630   -0.633  1.00 27.00  ? 42 ILE A C    1 
ATOM   367  O  O    . ILE A 1 28 ? -2.859  5.492   -1.505  1.00 29.12  ? 42 ILE A O    1 
ATOM   368  C  CB   . ILE A 1 28 ? -1.017  3.061   -0.688  1.00 21.94  ? 42 ILE A CB   1 
ATOM   369  C  CG1  . ILE A 1 28 ? -0.543  1.606   -0.867  1.00 21.30  ? 42 ILE A CG1  1 
ATOM   370  C  CG2  . ILE A 1 28 ? -0.562  3.671   0.654   1.00 30.29  ? 42 ILE A CG2  1 
ATOM   371  C  CD1  . ILE A 1 28 ? -1.260  0.593   0.010   1.00 24.28  ? 42 ILE A CD1  1 
ATOM   372  H  H    . ILE A 1 28 ? -2.592  2.729   -2.746  1.00 25.67  ? 42 ILE A H    1 
ATOM   373  H  HA   . ILE A 1 28 ? -2.985  2.656   -0.076  1.00 30.39  ? 42 ILE A HA   1 
ATOM   374  H  HB   . ILE A 1 28 ? -0.625  3.590   -1.401  1.00 25.51  ? 42 ILE A HB   1 
ATOM   375  H  HG12 . ILE A 1 28 ? -0.684  1.346   -1.792  1.00 24.74  ? 42 ILE A HG12 1 
ATOM   376  H  HG13 . ILE A 1 28 ? 0.402   1.560   -0.657  1.00 24.74  ? 42 ILE A HG13 1 
ATOM   377  H  HG21 . ILE A 1 28 ? 0.393   3.603   0.720   1.00 35.52  ? 42 ILE A HG21 1 
ATOM   378  H  HG22 . ILE A 1 28 ? -0.828  4.593   0.684   1.00 35.52  ? 42 ILE A HG22 1 
ATOM   379  H  HG23 . ILE A 1 28 ? -0.976  3.188   1.373   1.00 35.52  ? 42 ILE A HG23 1 
ATOM   380  H  HD11 . ILE A 1 28 ? -0.904  -0.280  -0.168  1.00 28.31  ? 42 ILE A HD11 1 
ATOM   381  H  HD12 . ILE A 1 28 ? -1.120  0.824   0.930   1.00 28.31  ? 42 ILE A HD12 1 
ATOM   382  H  HD13 . ILE A 1 28 ? -2.198  0.612   -0.194  1.00 28.31  ? 42 ILE A HD13 1 
ATOM   383  N  N    . LYS A 1 29 ? -3.621  4.890   0.535   1.00 28.98  ? 43 LYS A N    1 
ATOM   384  C  CA   . LYS A 1 29 ? -3.751  6.246   1.032   1.00 34.74  ? 43 LYS A CA   1 
ATOM   385  C  C    . LYS A 1 29 ? -2.502  6.606   1.853   1.00 33.89  ? 43 LYS A C    1 
ATOM   386  O  O    . LYS A 1 29 ? -2.233  6.015   2.888   1.00 33.35  ? 43 LYS A O    1 
ATOM   387  C  CB   . LYS A 1 29 ? -5.002  6.383   1.897   1.00 38.05  ? 43 LYS A CB   1 
ATOM   388  C  CG   . LYS A 1 29 ? -5.161  7.767   2.480   1.00 40.32  ? 43 LYS A CG   1 
ATOM   389  C  CD   . LYS A 1 29 ? -5.420  8.767   1.400   1.00 42.49  ? 43 LYS A CD   1 
ATOM   390  C  CE   . LYS A 1 29 ? -4.833  10.118  1.750   1.00 57.68  ? 43 LYS A CE   1 
ATOM   391  N  NZ   . LYS A 1 29 ? -4.934  10.493  3.178   1.00 50.26  ? 43 LYS A NZ   1 
ATOM   392  H  H    . LYS A 1 29 ? -3.948  4.293   1.060   1.00 33.95  ? 43 LYS A H    1 
ATOM   393  H  HA   . LYS A 1 29 ? -3.821  6.869   0.279   1.00 40.87  ? 43 LYS A HA   1 
ATOM   394  H  HB2  . LYS A 1 29 ? -5.783  6.195   1.353   1.00 44.84  ? 43 LYS A HB2  1 
ATOM   395  H  HB3  . LYS A 1 29 ? -4.949  5.752   2.631   1.00 44.84  ? 43 LYS A HB3  1 
ATOM   396  H  HG2  . LYS A 1 29 ? -5.913  7.773   3.092   1.00 47.56  ? 43 LYS A HG2  1 
ATOM   397  H  HG3  . LYS A 1 29 ? -4.346  8.017   2.942   1.00 47.56  ? 43 LYS A HG3  1 
ATOM   398  H  HD2  . LYS A 1 29 ? -5.013  8.462   0.575   1.00 50.17  ? 43 LYS A HD2  1 
ATOM   399  H  HD3  . LYS A 1 29 ? -6.377  8.873   1.283   1.00 50.17  ? 43 LYS A HD3  1 
ATOM   400  H  HE2  . LYS A 1 29 ? -3.891  10.117  1.514   1.00 68.39  ? 43 LYS A HE2  1 
ATOM   401  H  HE3  . LYS A 1 29 ? -5.295  10.799  1.235   1.00 68.39  ? 43 LYS A HE3  1 
ATOM   402  H  HZ1  . LYS A 1 29 ? -4.541  11.357  3.319   1.00 59.49  ? 43 LYS A HZ1  1 
ATOM   403  H  HZ2  . LYS A 1 29 ? -5.856  10.522  3.445   1.00 59.49  ? 43 LYS A HZ2  1 
ATOM   404  H  HZ3  . LYS A 1 29 ? -4.472  9.849   3.720   1.00 59.49  ? 43 LYS A HZ3  1 
ATOM   405  N  N    . TRP A 1 30 ? -1.744  7.580   1.380   1.00 32.56  ? 44 TRP A N    1 
ATOM   406  C  CA   . TRP A 1 30 ? -0.488  7.946   2.018   1.00 38.43  ? 44 TRP A CA   1 
ATOM   407  C  C    . TRP A 1 30 ? -0.739  9.003   3.107   1.00 49.49  ? 44 TRP A C    1 
ATOM   408  O  O    . TRP A 1 30 ? -1.287  10.065  2.826   1.00 40.57  ? 44 TRP A O    1 
ATOM   409  C  CB   . TRP A 1 30 ? 0.485   8.468   0.951   1.00 30.47  ? 44 TRP A CB   1 
ATOM   410  C  CG   . TRP A 1 30 ? 0.879   7.415   -0.091  1.00 37.44  ? 44 TRP A CG   1 
ATOM   411  C  CD1  . TRP A 1 30 ? 0.432   7.325   -1.381  1.00 34.26  ? 44 TRP A CD1  1 
ATOM   412  C  CD2  . TRP A 1 30 ? 1.809   6.312   0.089   1.00 32.16  ? 44 TRP A CD2  1 
ATOM   413  N  NE1  . TRP A 1 30 ? 1.030   6.246   -2.019  1.00 36.01  ? 44 TRP A NE1  1 
ATOM   414  C  CE2  . TRP A 1 30 ? 1.871   5.609   -1.137  1.00 31.48  ? 44 TRP A CE2  1 
ATOM   415  C  CE3  . TRP A 1 30 ? 2.587   5.857   1.171   1.00 36.68  ? 44 TRP A CE3  1 
ATOM   416  C  CZ2  . TRP A 1 30 ? 2.672   4.460   -1.313  1.00 42.58  ? 44 TRP A CZ2  1 
ATOM   417  C  CZ3  . TRP A 1 30 ? 3.403   4.714   0.992   1.00 37.81  ? 44 TRP A CZ3  1 
ATOM   418  C  CH2  . TRP A 1 30 ? 3.437   4.034   -0.238  1.00 31.13  ? 44 TRP A CH2  1 
ATOM   419  H  H    . TRP A 1 30 ? -1.935  8.050   0.685   1.00 38.25  ? 44 TRP A H    1 
ATOM   420  H  HA   . TRP A 1 30 ? -0.093  7.154   2.439   1.00 45.30  ? 44 TRP A HA   1 
ATOM   421  H  HB2  . TRP A 1 30 ? 0.069   9.208   0.482   1.00 35.74  ? 44 TRP A HB2  1 
ATOM   422  H  HB3  . TRP A 1 30 ? 1.297   8.771   1.389   1.00 35.74  ? 44 TRP A HB3  1 
ATOM   423  H  HD1  . TRP A 1 30 ? -0.171  7.912   -1.778  1.00 40.29  ? 44 TRP A HD1  1 
ATOM   424  H  HE1  . TRP A 1 30 ? 0.884   6.005   -2.831  1.00 42.39  ? 44 TRP A HE1  1 
ATOM   425  H  HE3  . TRP A 1 30 ? 2.569   6.302   1.987   1.00 43.20  ? 44 TRP A HE3  1 
ATOM   426  H  HZ2  . TRP A 1 30 ? 2.686   4.005   -2.123  1.00 50.27  ? 44 TRP A HZ2  1 
ATOM   427  H  HZ3  . TRP A 1 30 ? 3.920   4.404   1.700   1.00 44.55  ? 44 TRP A HZ3  1 
ATOM   428  H  HH2  . TRP A 1 30 ? 3.978   3.284   -0.332  1.00 36.54  ? 44 TRP A HH2  1 
ATOM   429  N  N    . ALA A 1 31 ? -0.356  8.707   4.349   1.00 45.94  ? 45 ALA A N    1 
ATOM   430  C  CA   . ALA A 1 31 ? -0.540  9.659   5.445   1.00 47.20  ? 45 ALA A CA   1 
ATOM   431  C  C    . ALA A 1 31 ? -0.026  11.018  5.009   1.00 50.45  ? 45 ALA A C    1 
ATOM   432  O  O    . ALA A 1 31 ? 1.116   11.142  4.546   1.00 42.17  ? 45 ALA A O    1 
ATOM   433  C  CB   . ALA A 1 31 ? 0.209   9.199   6.711   1.00 42.05  ? 45 ALA A CB   1 
ATOM   434  H  H    . ALA A 1 31 ? 0.012   7.966   4.583   1.00 54.31  ? 45 ALA A H    1 
ATOM   435  H  HA   . ALA A 1 31 ? -1.495  9.738   5.656   1.00 55.82  ? 45 ALA A HA   1 
ATOM   436  H  HB1  . ALA A 1 31 ? 0.067   9.843   7.408   1.00 49.63  ? 45 ALA A HB1  1 
ATOM   437  H  HB2  . ALA A 1 31 ? -0.132  8.343   6.980   1.00 49.63  ? 45 ALA A HB2  1 
ATOM   438  H  HB3  . ALA A 1 31 ? 1.145   9.130   6.512   1.00 49.63  ? 45 ALA A HB3  1 
ATOM   439  N  N    . GLY A 1 32 ? -0.858  12.044  5.148   1.00 54.50  ? 46 GLY A N    1 
ATOM   440  C  CA   . GLY A 1 32 ? -0.410  13.402  4.878   1.00 58.54  ? 46 GLY A CA   1 
ATOM   441  C  C    . GLY A 1 32 ? -0.430  13.808  3.413   1.00 60.38  ? 46 GLY A C    1 
ATOM   442  O  O    . GLY A 1 32 ? 0.100   14.846  3.046   1.00 68.91  ? 46 GLY A O    1 
ATOM   443  H  H    . GLY A 1 32 ? -1.680  11.981  5.396   1.00 64.57  ? 46 GLY A H    1 
ATOM   444  H  HA2  . GLY A 1 32 ? -0.975  14.022  5.366   1.00 69.42  ? 46 GLY A HA2  1 
ATOM   445  H  HA3  . GLY A 1 32 ? 0.498   13.504  5.202   1.00 69.42  ? 46 GLY A HA3  1 
ATOM   446  N  N    . TYR A 1 33 ? -1.036  12.984  2.571   1.00 49.95  ? 47 TYR A N    1 
ATOM   447  C  CA   . TYR A 1 33 ? -1.156  13.283  1.154   1.00 45.48  ? 47 TYR A CA   1 
ATOM   448  C  C    . TYR A 1 33 ? -2.632  13.126  0.787   1.00 51.85  ? 47 TYR A C    1 
ATOM   449  O  O    . TYR A 1 33 ? -3.344  12.331  1.409   1.00 51.36  ? 47 TYR A O    1 
ATOM   450  C  CB   . TYR A 1 33 ? -0.264  12.346  0.330   1.00 43.24  ? 47 TYR A CB   1 
ATOM   451  C  CG   . TYR A 1 33 ? 1.209   12.678  0.467   1.00 50.31  ? 47 TYR A CG   1 
ATOM   452  C  CD1  . TYR A 1 33 ? 1.840   13.516  -0.449  1.00 53.89  ? 47 TYR A CD1  1 
ATOM   453  C  CD2  . TYR A 1 33 ? 1.958   12.184  1.531   1.00 53.12  ? 47 TYR A CD2  1 
ATOM   454  C  CE1  . TYR A 1 33 ? 3.184   13.840  -0.315  1.00 61.83  ? 47 TYR A CE1  1 
ATOM   455  C  CE2  . TYR A 1 33 ? 3.299   12.499  1.675   1.00 57.66  ? 47 TYR A CE2  1 
ATOM   456  C  CZ   . TYR A 1 33 ? 3.907   13.327  0.751   1.00 61.24  ? 47 TYR A CZ   1 
ATOM   457  O  OH   . TYR A 1 33 ? 5.238   13.651  0.888   1.00 58.83  ? 47 TYR A OH   1 
ATOM   458  H  H    . TYR A 1 33 ? -1.391  12.234  2.800   1.00 59.12  ? 47 TYR A H    1 
ATOM   459  H  HA   . TYR A 1 33 ? -0.885  14.210  0.985   1.00 53.75  ? 47 TYR A HA   1 
ATOM   460  H  HB2  . TYR A 1 33 ? -0.397  11.434  0.635   1.00 51.07  ? 47 TYR A HB2  1 
ATOM   461  H  HB3  . TYR A 1 33 ? -0.504  12.422  -0.606  1.00 51.07  ? 47 TYR A HB3  1 
ATOM   462  H  HD1  . TYR A 1 33 ? 1.355   13.862  -1.163  1.00 63.84  ? 47 TYR A HD1  1 
ATOM   463  H  HD2  . TYR A 1 33 ? 1.550   11.629  2.157   1.00 62.92  ? 47 TYR A HD2  1 
ATOM   464  H  HE1  . TYR A 1 33 ? 3.595   14.396  -0.937  1.00 73.37  ? 47 TYR A HE1  1 
ATOM   465  H  HE2  . TYR A 1 33 ? 3.786   12.158  2.390   1.00 68.37  ? 47 TYR A HE2  1 
ATOM   466  H  HH   . TYR A 1 33 ? 5.696   12.971  0.867   1.00 69.77  ? 47 TYR A HH   1 
ATOM   467  N  N    . ASP A 1 34 ? -3.112  13.902  -0.182  1.00 48.79  ? 48 ASP A N    1 
ATOM   468  C  CA   . ASP A 1 34 ? -4.539  13.867  -0.506  1.00 49.41  ? 48 ASP A CA   1 
ATOM   469  C  C    . ASP A 1 34 ? -4.837  12.687  -1.438  1.00 46.24  ? 48 ASP A C    1 
ATOM   470  O  O    . ASP A 1 34 ? -3.907  12.063  -1.973  1.00 49.55  ? 48 ASP A O    1 
ATOM   471  C  CB   . ASP A 1 34 ? -5.041  15.221  -1.063  1.00 41.37  ? 48 ASP A CB   1 
ATOM   472  C  CG   . ASP A 1 34 ? -4.327  15.656  -2.337  1.00 46.30  ? 48 ASP A CG   1 
ATOM   473  O  OD1  . ASP A 1 34 ? -3.765  14.792  -3.044  1.00 43.43  ? 48 ASP A OD1  1 
ATOM   474  O  OD2  . ASP A 1 34 ? -4.373  16.878  -2.650  1.00 49.00  ? 48 ASP A OD2  1 
ATOM   475  H  H    . ASP A 1 34 ? -2.646  14.446  -0.659  1.00 57.72  ? 48 ASP A H    1 
ATOM   476  H  HA   . ASP A 1 34 ? -5.032  13.702  0.325   1.00 58.47  ? 48 ASP A HA   1 
ATOM   477  H  HB2  . ASP A 1 34 ? -5.987  15.146  -1.262  1.00 48.83  ? 48 ASP A HB2  1 
ATOM   478  H  HB3  . ASP A 1 34 ? -4.898  15.907  -0.392  1.00 48.83  ? 48 ASP A HB3  1 
ATOM   479  N  N    . TRP A 1 35 ? -6.122  12.377  -1.602  1.00 38.74  ? 49 TRP A N    1 
ATOM   480  C  CA   . TRP A 1 35 ? -6.589  11.202  -2.363  1.00 39.17  ? 49 TRP A CA   1 
ATOM   481  C  C    . TRP A 1 35 ? -6.186  11.169  -3.837  1.00 46.32  ? 49 TRP A C    1 
ATOM   482  O  O    . TRP A 1 35 ? -6.322  10.129  -4.497  1.00 50.52  ? 49 TRP A O    1 
ATOM   483  C  CB   . TRP A 1 35 ? -8.119  11.095  -2.264  1.00 43.43  ? 49 TRP A CB   1 
ATOM   484  C  CG   . TRP A 1 35 ? -8.562  10.578  -0.928  1.00 47.30  ? 49 TRP A CG   1 
ATOM   485  C  CD1  . TRP A 1 35 ? -8.531  11.247  0.264   1.00 50.49  ? 49 TRP A CD1  1 
ATOM   486  C  CD2  . TRP A 1 35 ? -9.066  9.263   -0.639  1.00 45.71  ? 49 TRP A CD2  1 
ATOM   487  N  NE1  . TRP A 1 35 ? -8.997  10.435  1.272   1.00 50.51  ? 49 TRP A NE1  1 
ATOM   488  C  CE2  . TRP A 1 35 ? -9.325  9.212   0.744   1.00 44.27  ? 49 TRP A CE2  1 
ATOM   489  C  CE3  . TRP A 1 35 ? -9.350  8.138   -1.423  1.00 45.15  ? 49 TRP A CE3  1 
ATOM   490  C  CZ2  . TRP A 1 35 ? -9.859  8.084   1.357   1.00 51.42  ? 49 TRP A CZ2  1 
ATOM   491  C  CZ3  . TRP A 1 35 ? -9.864  7.015   -0.810  1.00 51.74  ? 49 TRP A CZ3  1 
ATOM   492  C  CH2  . TRP A 1 35 ? -10.114 6.994   0.568   1.00 56.60  ? 49 TRP A CH2  1 
ATOM   493  H  H    . TRP A 1 35 ? -6.767  12.843  -1.274  1.00 45.67  ? 49 TRP A H    1 
ATOM   494  H  HA   . TRP A 1 35 ? -6.214  10.400  -1.944  1.00 46.18  ? 49 TRP A HA   1 
ATOM   495  H  HB2  . TRP A 1 35 ? -8.509  11.975  -2.392  1.00 51.29  ? 49 TRP A HB2  1 
ATOM   496  H  HB3  . TRP A 1 35 ? -8.441  10.486  -2.947  1.00 51.29  ? 49 TRP A HB3  1 
ATOM   497  H  HD1  . TRP A 1 35 ? -8.227  12.119  0.379   1.00 59.76  ? 49 TRP A HD1  1 
ATOM   498  H  HE1  . TRP A 1 35 ? -9.062  10.655  2.101   1.00 59.79  ? 49 TRP A HE1  1 
ATOM   499  H  HE3  . TRP A 1 35 ? -9.180  8.142   -2.338  1.00 53.35  ? 49 TRP A HE3  1 
ATOM   500  H  HZ2  . TRP A 1 35 ? -10.035 8.070   2.270   1.00 60.88  ? 49 TRP A HZ2  1 
ATOM   501  H  HZ3  . TRP A 1 35 ? -10.043 6.257   -1.319  1.00 61.26  ? 49 TRP A HZ3  1 
ATOM   502  H  HH2  . TRP A 1 35 ? -10.459 6.223   0.955   1.00 67.09  ? 49 TRP A HH2  1 
ATOM   503  N  N    . TYR A 1 36 ? -5.712  12.298  -4.364  1.00 43.88  ? 50 TYR A N    1 
ATOM   504  C  CA   . TYR A 1 36 ? -5.195  12.345  -5.736  1.00 41.99  ? 50 TYR A CA   1 
ATOM   505  C  C    . TYR A 1 36 ? -3.775  11.797  -5.797  1.00 33.91  ? 50 TYR A C    1 
ATOM   506  O  O    . TYR A 1 36 ? -3.239  11.614  -6.881  1.00 39.95  ? 50 TYR A O    1 
ATOM   507  C  CB   . TYR A 1 36 ? -5.237  13.782  -6.267  1.00 57.28  ? 50 TYR A CB   1 
ATOM   508  C  CG   . TYR A 1 36 ? -6.573  14.449  -5.979  1.00 76.47  ? 50 TYR A CG   1 
ATOM   509  C  CD1  . TYR A 1 36 ? -7.657  14.269  -6.834  1.00 82.61  ? 50 TYR A CD1  1 
ATOM   510  C  CD2  . TYR A 1 36 ? -6.762  15.214  -4.833  1.00 81.38  ? 50 TYR A CD2  1 
ATOM   511  C  CE1  . TYR A 1 36 ? -8.880  14.847  -6.571  1.00 90.45  ? 50 TYR A CE1  1 
ATOM   512  C  CE2  . TYR A 1 36 ? -7.984  15.792  -4.555  1.00 89.18  ? 50 TYR A CE2  1 
ATOM   513  C  CZ   . TYR A 1 36 ? -9.040  15.607  -5.432  1.00 95.07  ? 50 TYR A CZ   1 
ATOM   514  O  OH   . TYR A 1 36 ? -10.263 16.185  -5.171  1.00 97.45  ? 50 TYR A OH   1 
ATOM   515  H  H    . TYR A 1 36 ? -5.677  13.051  -3.948  1.00 51.84  ? 50 TYR A H    1 
ATOM   516  H  HA   . TYR A 1 36 ? -5.761  11.790  -6.312  1.00 49.57  ? 50 TYR A HA   1 
ATOM   517  H  HB2  . TYR A 1 36 ? -4.540  14.303  -5.837  1.00 67.92  ? 50 TYR A HB2  1 
ATOM   518  H  HB3  . TYR A 1 36 ? -5.103  13.773  -7.227  1.00 67.92  ? 50 TYR A HB3  1 
ATOM   519  H  HD1  . TYR A 1 36 ? -7.552  13.754  -7.601  1.00 98.31  ? 50 TYR A HD1  1 
ATOM   520  H  HD2  . TYR A 1 36 ? -6.053  15.334  -4.241  1.00 96.83  ? 50 TYR A HD2  1 
ATOM   521  H  HE1  . TYR A 1 36 ? -9.592  14.725  -7.157  1.00 107.72 ? 50 TYR A HE1  1 
ATOM   522  H  HE2  . TYR A 1 36 ? -8.095  16.309  -3.790  1.00 106.20 ? 50 TYR A HE2  1 
ATOM   523  H  HH   . TYR A 1 36 ? -10.186 17.000  -5.131  1.00 116.11 ? 50 TYR A HH   1 
ATOM   524  N  N    . ASP A 1 37 ? -3.167  11.574  -4.627  1.00 34.85  ? 51 ASP A N    1 
ATOM   525  C  CA   . ASP A 1 37 ? -1.811  11.013  -4.526  1.00 44.36  ? 51 ASP A CA   1 
ATOM   526  C  C    . ASP A 1 37 ? -1.795  9.493   -4.311  1.00 35.62  ? 51 ASP A C    1 
ATOM   527  O  O    . ASP A 1 37 ? -0.730  8.892   -4.218  1.00 39.61  ? 51 ASP A O    1 
ATOM   528  C  CB   . ASP A 1 37 ? -1.064  11.671  -3.370  1.00 46.96  ? 51 ASP A CB   1 
ATOM   529  C  CG   . ASP A 1 37 ? -0.839  13.132  -3.595  1.00 46.81  ? 51 ASP A CG   1 
ATOM   530  O  OD1  . ASP A 1 37 ? -1.272  13.626  -4.651  1.00 50.36  ? 51 ASP A OD1  1 
ATOM   531  O  OD2  . ASP A 1 37 ? -0.229  13.777  -2.727  1.00 53.07  ? 51 ASP A OD2  1 
ATOM   532  H  H    . ASP A 1 37 ? -3.525  11.742  -3.863  1.00 41.00  ? 51 ASP A H    1 
ATOM   533  H  HA   . ASP A 1 37 ? -1.323  11.207  -5.353  1.00 52.41  ? 51 ASP A HA   1 
ATOM   534  H  HB2  . ASP A 1 37 ? -1.583  11.569  -2.557  1.00 55.53  ? 51 ASP A HB2  1 
ATOM   535  H  HB3  . ASP A 1 37 ? -0.199  11.245  -3.267  1.00 55.53  ? 51 ASP A HB3  1 
ATOM   536  N  N    . ASN A 1 38 ? -2.981  8.903   -4.185  1.00 35.02  ? 52 ASN A N    1 
ATOM   537  C  CA   . ASN A 1 38 ? -3.115  7.485   -3.943  1.00 26.85  ? 52 ASN A CA   1 
ATOM   538  C  C    . ASN A 1 38 ? -2.444  6.756   -5.081  1.00 29.85  ? 52 ASN A C    1 
ATOM   539  O  O    . ASN A 1 38 ? -2.482  7.225   -6.216  1.00 32.34  ? 52 ASN A O    1 
ATOM   540  C  CB   . ASN A 1 38 ? -4.597  7.071   -3.865  1.00 19.04  ? 52 ASN A CB   1 
ATOM   541  C  CG   . ASN A 1 38 ? -5.240  7.425   -2.538  1.00 22.99  ? 52 ASN A CG   1 
ATOM   542  O  OD1  . ASN A 1 38 ? -4.789  8.332   -1.812  1.00 31.52  ? 52 ASN A OD1  1 
ATOM   543  N  ND2  . ASN A 1 38 ? -6.323  6.710   -2.211  1.00 24.88  ? 52 ASN A ND2  1 
ATOM   544  H  H    . ASN A 1 38 ? -3.733  9.318   -4.239  1.00 41.20  ? 52 ASN A H    1 
ATOM   545  H  HA   . ASN A 1 38 ? -2.672  7.245   -3.103  1.00 31.39  ? 52 ASN A HA   1 
ATOM   546  H  HB2  . ASN A 1 38 ? -5.089  7.527   -4.566  1.00 22.03  ? 52 ASN A HB2  1 
ATOM   547  H  HB3  . ASN A 1 38 ? -4.663  6.112   -3.984  1.00 22.03  ? 52 ASN A HB3  1 
ATOM   548  H  HD21 . ASN A 1 38 ? -6.789  6.886   -1.366  1.00 29.04  ? 52 ASN A HD21 1 
ATOM   549  H  HD22 . ASN A 1 38 ? -6.651  6.012   -2.815  1.00 29.04  ? 52 ASN A HD22 1 
ATOM   550  N  N    . THR A 1 39 ? -1.819  5.617   -4.773  1.00 29.98  ? 53 THR A N    1 
ATOM   551  C  CA   . THR A 1 39 ? -1.118  4.833   -5.781  1.00 27.92  ? 53 THR A CA   1 
ATOM   552  C  C    . THR A 1 39 ? -1.375  3.354   -5.554  1.00 30.76  ? 53 THR A C    1 
ATOM   553  O  O    . THR A 1 39 ? -1.651  2.934   -4.434  1.00 26.86  ? 53 THR A O    1 
ATOM   554  C  CB   . THR A 1 39 ? 0.428   5.150   -5.818  1.00 40.28  ? 53 THR A CB   1 
ATOM   555  O  OG1  . THR A 1 39 ? 1.060   4.879   -4.549  1.00 24.47  ? 53 THR A OG1  1 
ATOM   556  C  CG2  . THR A 1 39 ? 0.663   6.611   -6.199  1.00 33.81  ? 53 THR A CG2  1 
ATOM   557  H  H    . THR A 1 39 ? -1.788  5.279   -3.982  1.00 35.16  ? 53 THR A H    1 
ATOM   558  H  HA   . THR A 1 39 ? -1.484  5.063   -6.660  1.00 32.68  ? 53 THR A HA   1 
ATOM   559  H  HB   . THR A 1 39 ? 0.844   4.596   -6.497  1.00 47.52  ? 53 THR A HB   1 
ATOM   560  H  HG1  . THR A 1 39 ? 0.967   4.088   -4.353  1.00 28.54  ? 53 THR A HG1  1 
ATOM   561  H  HG21 . THR A 1 39 ? 1.605   6.796   -6.220  1.00 39.75  ? 53 THR A HG21 1 
ATOM   562  H  HG22 . THR A 1 39 ? 0.292   6.787   -7.066  1.00 39.75  ? 53 THR A HG22 1 
ATOM   563  H  HG23 . THR A 1 39 ? 0.246   7.188   -5.556  1.00 39.75  ? 53 THR A HG23 1 
ATOM   564  N  N    . TRP A 1 40 ? -1.337  2.584   -6.636  1.00 38.93  ? 54 TRP A N    1 
ATOM   565  C  CA   . TRP A 1 40 ? -1.322  1.128   -6.549  1.00 41.66  ? 54 TRP A CA   1 
ATOM   566  C  C    . TRP A 1 40 ? 0.121   0.648   -6.341  1.00 43.88  ? 54 TRP A C    1 
ATOM   567  O  O    . TRP A 1 40 ? 1.003   1.002   -7.125  1.00 36.27  ? 54 TRP A O    1 
ATOM   568  C  CB   . TRP A 1 40 ? -1.870  0.521   -7.840  1.00 39.06  ? 54 TRP A CB   1 
ATOM   569  C  CG   . TRP A 1 40 ? -3.332  0.783   -8.010  1.00 38.03  ? 54 TRP A CG   1 
ATOM   570  C  CD1  . TRP A 1 40 ? -3.920  1.840   -8.675  1.00 32.65  ? 54 TRP A CD1  1 
ATOM   571  C  CD2  . TRP A 1 40 ? -4.409  -0.005  -7.474  1.00 30.71  ? 54 TRP A CD2  1 
ATOM   572  N  NE1  . TRP A 1 40 ? -5.291  1.740   -8.591  1.00 33.68  ? 54 TRP A NE1  1 
ATOM   573  C  CE2  . TRP A 1 40 ? -5.620  0.631   -7.856  1.00 26.89  ? 54 TRP A CE2  1 
ATOM   574  C  CE3  . TRP A 1 40 ? -4.466  -1.168  -6.684  1.00 24.27  ? 54 TRP A CE3  1 
ATOM   575  C  CZ2  . TRP A 1 40 ? -6.867  0.120   -7.499  1.00 21.75  ? 54 TRP A CZ2  1 
ATOM   576  C  CZ3  . TRP A 1 40 ? -5.707  -1.673  -6.335  1.00 30.26  ? 54 TRP A CZ3  1 
ATOM   577  C  CH2  . TRP A 1 40 ? -6.893  -1.034  -6.758  1.00 33.48  ? 54 TRP A CH2  1 
ATOM   578  H  H    . TRP A 1 40 ? -1.320  2.883   -7.442  1.00 45.89  ? 54 TRP A H    1 
ATOM   579  H  HA   . TRP A 1 40 ? -1.872  0.829   -5.795  1.00 49.16  ? 54 TRP A HA   1 
ATOM   580  H  HB2  . TRP A 1 40 ? -1.403  0.910   -8.596  1.00 46.05  ? 54 TRP A HB2  1 
ATOM   581  H  HB3  . TRP A 1 40 ? -1.734  -0.439  -7.823  1.00 46.05  ? 54 TRP A HB3  1 
ATOM   582  H  HD1  . TRP A 1 40 ? -3.459  2.509   -9.129  1.00 38.35  ? 54 TRP A HD1  1 
ATOM   583  H  HE1  . TRP A 1 40 ? -5.853  2.287   -8.946  1.00 39.59  ? 54 TRP A HE1  1 
ATOM   584  H  HE3  . TRP A 1 40 ? -3.686  -1.601  -6.421  1.00 28.30  ? 54 TRP A HE3  1 
ATOM   585  H  HZ2  . TRP A 1 40 ? -7.653  0.547   -7.754  1.00 25.28  ? 54 TRP A HZ2  1 
ATOM   586  H  HZ3  . TRP A 1 40 ? -5.761  -2.452  -5.830  1.00 35.49  ? 54 TRP A HZ3  1 
ATOM   587  H  HH2  . TRP A 1 40 ? -7.713  -1.387  -6.500  1.00 39.36  ? 54 TRP A HH2  1 
ATOM   588  N  N    . GLU A 1 41 ? 0.363   -0.143  -5.294  1.00 33.32  ? 55 GLU A N    1 
ATOM   589  C  CA   . GLU A 1 41 ? 1.717   -0.667  -5.039  1.00 30.95  ? 55 GLU A CA   1 
ATOM   590  C  C    . GLU A 1 41 ? 1.680   -2.171  -5.000  1.00 29.76  ? 55 GLU A C    1 
ATOM   591  O  O    . GLU A 1 41 ? 0.751   -2.748  -4.425  1.00 21.36  ? 55 GLU A O    1 
ATOM   592  C  CB   . GLU A 1 41 ? 2.319   -0.159  -3.711  1.00 27.70  ? 55 GLU A CB   1 
ATOM   593  C  CG   . GLU A 1 41 ? 2.435   1.375   -3.534  1.00 26.38  ? 55 GLU A CG   1 
ATOM   594  C  CD   . GLU A 1 41 ? 3.181   2.048   -4.672  1.00 38.66  ? 55 GLU A CD   1 
ATOM   595  O  OE1  . GLU A 1 41 ? 3.881   1.323   -5.411  1.00 35.26  ? 55 GLU A OE1  1 
ATOM   596  O  OE2  . GLU A 1 41 ? 3.062   3.293   -4.842  1.00 33.85  ? 55 GLU A OE2  1 
ATOM   597  H  H    . GLU A 1 41 ? -0.228  -0.389  -4.720  1.00 39.16  ? 55 GLU A H    1 
ATOM   598  H  HA   . GLU A 1 41 ? 2.312   -0.393  -5.770  1.00 36.32  ? 55 GLU A HA   1 
ATOM   599  H  HB2  . GLU A 1 41 ? 1.767   -0.489  -2.985  1.00 32.42  ? 55 GLU A HB2  1 
ATOM   600  H  HB3  . GLU A 1 41 ? 3.212   -0.524  -3.626  1.00 32.42  ? 55 GLU A HB3  1 
ATOM   601  H  HG2  . GLU A 1 41 ? 1.543   1.755   -3.493  1.00 30.83  ? 55 GLU A HG2  1 
ATOM   602  H  HG3  . GLU A 1 41 ? 2.912   1.562   -2.710  1.00 30.83  ? 55 GLU A HG3  1 
ATOM   603  N  N    . PRO A 1 42 ? 2.707   -2.817  -5.584  1.00 32.86  ? 56 PRO A N    1 
ATOM   604  C  CA   . PRO A 1 42 ? 2.828   -4.277  -5.482  1.00 31.20  ? 56 PRO A CA   1 
ATOM   605  C  C    . PRO A 1 42 ? 3.060   -4.675  -4.038  1.00 27.86  ? 56 PRO A C    1 
ATOM   606  O  O    . PRO A 1 42 ? 3.578   -3.882  -3.251  1.00 31.43  ? 56 PRO A O    1 
ATOM   607  C  CB   . PRO A 1 42 ? 4.067   -4.590  -6.334  1.00 36.84  ? 56 PRO A CB   1 
ATOM   608  C  CG   . PRO A 1 42 ? 4.911   -3.334  -6.271  1.00 36.80  ? 56 PRO A CG   1 
ATOM   609  C  CD   . PRO A 1 42 ? 3.851   -2.219  -6.310  1.00 37.40  ? 56 PRO A CD   1 
ATOM   610  H  HA   . PRO A 1 42 ? 2.038   -4.729  -5.843  1.00 36.61  ? 56 PRO A HA   1 
ATOM   611  H  HB2  . PRO A 1 42 ? 4.544   -5.344  -5.952  1.00 43.38  ? 56 PRO A HB2  1 
ATOM   612  H  HB3  . PRO A 1 42 ? 3.798   -4.778  -7.245  1.00 43.38  ? 56 PRO A HB3  1 
ATOM   613  H  HG2  . PRO A 1 42 ? 5.414   -3.311  -5.441  1.00 43.33  ? 56 PRO A HG2  1 
ATOM   614  H  HG3  . PRO A 1 42 ? 5.499   -3.288  -7.040  1.00 43.33  ? 56 PRO A HG3  1 
ATOM   615  H  HD2  . PRO A 1 42 ? 4.171   -1.430  -5.847  1.00 44.05  ? 56 PRO A HD2  1 
ATOM   616  H  HD3  . PRO A 1 42 ? 3.604   -2.018  -7.227  1.00 44.05  ? 56 PRO A HD3  1 
ATOM   617  N  N    . GLU A 1 43 ? 2.678   -5.895  -3.694  1.00 28.57  ? 57 GLU A N    1 
ATOM   618  C  CA   . GLU A 1 43 ? 2.804   -6.394  -2.326  1.00 38.77  ? 57 GLU A CA   1 
ATOM   619  C  C    . GLU A 1 43 ? 4.187   -6.200  -1.673  1.00 40.91  ? 57 GLU A C    1 
ATOM   620  O  O    . GLU A 1 43 ? 4.279   -5.880  -0.484  1.00 45.92  ? 57 GLU A O    1 
ATOM   621  C  CB   . GLU A 1 43 ? 2.459   -7.872  -2.298  1.00 42.43  ? 57 GLU A CB   1 
ATOM   622  C  CG   . GLU A 1 43 ? 2.457   -8.412  -0.919  1.00 46.23  ? 57 GLU A CG   1 
ATOM   623  C  CD   . GLU A 1 43 ? 1.433   -9.481  -0.737  1.00 46.15  ? 57 GLU A CD   1 
ATOM   624  O  OE1  . GLU A 1 43 ? 1.554   -10.264 0.230   1.00 45.86  ? 57 GLU A OE1  1 
ATOM   625  O  OE2  . GLU A 1 43 ? 0.506   -9.533  -1.566  1.00 50.16  ? 57 GLU A OE2  1 
ATOM   626  H  H    . GLU A 1 43 ? 2.337   -6.465  -4.240  1.00 33.46  ? 57 GLU A H    1 
ATOM   627  H  HA   . GLU A 1 43 ? 2.149   -5.928  -1.765  1.00 45.71  ? 57 GLU A HA   1 
ATOM   628  H  HB2  . GLU A 1 43 ? 1.574   -8.000  -2.675  1.00 50.09  ? 57 GLU A HB2  1 
ATOM   629  H  HB3  . GLU A 1 43 ? 3.118   -8.363  -2.815  1.00 50.09  ? 57 GLU A HB3  1 
ATOM   630  H  HG2  . GLU A 1 43 ? 3.328   -8.791  -0.725  1.00 54.65  ? 57 GLU A HG2  1 
ATOM   631  H  HG3  . GLU A 1 43 ? 2.258   -7.694  -0.297  1.00 54.65  ? 57 GLU A HG3  1 
ATOM   632  N  N    . GLN A 1 44 ? 5.262   -6.402  -2.429  1.00 41.09  ? 58 GLN A N    1 
ATOM   633  C  CA   . GLN A 1 44 ? 6.611   -6.198  -1.884  1.00 47.62  ? 58 GLN A CA   1 
ATOM   634  C  C    . GLN A 1 44 ? 6.865   -4.768  -1.350  1.00 43.12  ? 58 GLN A C    1 
ATOM   635  O  O    . GLN A 1 44 ? 7.608   -4.582  -0.373  1.00 32.39  ? 58 GLN A O    1 
ATOM   636  C  CB   . GLN A 1 44 ? 7.661   -6.550  -2.931  1.00 58.67  ? 58 GLN A CB   1 
ATOM   637  C  CG   . GLN A 1 44 ? 7.668   -5.595  -4.097  1.00 72.83  ? 58 GLN A CG   1 
ATOM   638  C  CD   . GLN A 1 44 ? 8.667   -5.977  -5.185  1.00 78.70  ? 58 GLN A CD   1 
ATOM   639  O  OE1  . GLN A 1 44 ? 9.698   -6.629  -4.930  1.00 70.20  ? 58 GLN A OE1  1 
ATOM   640  N  NE2  . GLN A 1 44 ? 8.366   -5.559  -6.415  1.00 75.09  ? 58 GLN A NE2  1 
ATOM   641  H  H    . GLN A 1 44 ? 5.244   -6.653  -3.251  1.00 48.48  ? 58 GLN A H    1 
ATOM   642  H  HA   . GLN A 1 44 ? 6.734   -6.814  -1.131  1.00 56.32  ? 58 GLN A HA   1 
ATOM   643  H  HB2  . GLN A 1 44 ? 8.538   -6.527  -2.519  1.00 69.58  ? 58 GLN A HB2  1 
ATOM   644  H  HB3  . GLN A 1 44 ? 7.478   -7.440  -3.274  1.00 69.58  ? 58 GLN A HB3  1 
ATOM   645  H  HG2  . GLN A 1 44 ? 6.784   -5.579  -4.496  1.00 86.57  ? 58 GLN A HG2  1 
ATOM   646  H  HG3  . GLN A 1 44 ? 7.901   -4.710  -3.776  1.00 86.57  ? 58 GLN A HG3  1 
ATOM   647  H  HE21 . GLN A 1 44 ? 8.891   -5.743  -7.072  1.00 89.28  ? 58 GLN A HE21 1 
ATOM   648  H  HE22 . GLN A 1 44 ? 7.648   -5.107  -6.551  1.00 89.28  ? 58 GLN A HE22 1 
ATOM   649  N  N    . ASN A 1 45 ? 6.253   -3.751  -1.961  1.00 31.69  ? 59 ASN A N    1 
ATOM   650  C  CA   . ASN A 1 45 ? 6.510   -2.396  -1.499  1.00 26.00  ? 59 ASN A CA   1 
ATOM   651  C  C    . ASN A 1 45 ? 5.949   -2.164  -0.098  1.00 25.70  ? 59 ASN A C    1 
ATOM   652  O  O    . ASN A 1 45 ? 6.184   -1.116  0.505   1.00 33.88  ? 59 ASN A O    1 
ATOM   653  C  CB   . ASN A 1 45 ? 5.930   -1.367  -2.476  1.00 33.04  ? 59 ASN A CB   1 
ATOM   654  C  CG   . ASN A 1 45 ? 6.799   -1.160  -3.696  1.00 42.24  ? 59 ASN A CG   1 
ATOM   655  O  OD1  . ASN A 1 45 ? 7.782   -1.882  -3.907  1.00 46.17  ? 59 ASN A OD1  1 
ATOM   656  N  ND2  . ASN A 1 45 ? 6.452   -0.162  -4.508  1.00 36.61  ? 59 ASN A ND2  1 
ATOM   657  H  H    . ASN A 1 45 ? 5.705   -3.818  -2.620  1.00 37.21  ? 59 ASN A H    1 
ATOM   658  H  HA   . ASN A 1 45 ? 7.480   -2.256  -1.459  1.00 30.38  ? 59 ASN A HA   1 
ATOM   659  H  HB2  . ASN A 1 45 ? 5.060   -1.673  -2.777  1.00 38.83  ? 59 ASN A HB2  1 
ATOM   660  H  HB3  . ASN A 1 45 ? 5.843   -0.514  -2.023  1.00 38.83  ? 59 ASN A HB3  1 
ATOM   661  H  HD21 . ASN A 1 45 ? 6.979   0.019   -5.314  1.00 43.12  ? 59 ASN A HD21 1 
ATOM   662  H  HD22 . ASN A 1 45 ? 5.670   0.391   -4.298  1.00 43.12  ? 59 ASN A HD22 1 
ATOM   663  N  N    . LEU A 1 46 ? 5.181   -3.125  0.408   1.00 20.52  ? 60 LEU A N    1 
ATOM   664  C  CA   . LEU A 1 46 ? 4.521   -2.962  1.714   1.00 27.99  ? 60 LEU A CA   1 
ATOM   665  C  C    . LEU A 1 46 ? 5.349   -3.610  2.849   1.00 41.68  ? 60 LEU A C    1 
ATOM   666  O  O    . LEU A 1 46 ? 4.813   -3.921  3.908   1.00 36.23  ? 60 LEU A O    1 
ATOM   667  C  CB   . LEU A 1 46 ? 3.084   -3.530  1.669   1.00 35.57  ? 60 LEU A CB   1 
ATOM   668  C  CG   . LEU A 1 46 ? 1.971   -2.524  1.195   1.00 41.28  ? 60 LEU A CG   1 
ATOM   669  C  CD1  . LEU A 1 46 ? 2.338   -1.779  -0.107  1.00 32.23  ? 60 LEU A CD1  1 
ATOM   670  C  CD2  . LEU A 1 46 ? 0.619   -3.214  1.025   1.00 29.85  ? 60 LEU A CD2  1 
ATOM   671  H  H    . LEU A 1 46 ? 5.021   -3.878  0.024   1.00 23.80  ? 60 LEU A H    1 
ATOM   672  H  HA   . LEU A 1 46 ? 4.454   -2.004  1.910   1.00 32.76  ? 60 LEU A HA   1 
ATOM   673  H  HB2  . LEU A 1 46 ? 3.072   -4.285  1.061   1.00 41.86  ? 60 LEU A HB2  1 
ATOM   674  H  HB3  . LEU A 1 46 ? 2.845   -3.829  2.560   1.00 41.86  ? 60 LEU A HB3  1 
ATOM   675  H  HG   . LEU A 1 46 ? 1.862   -1.851  1.885   1.00 48.72  ? 60 LEU A HG   1 
ATOM   676  H  HD11 . LEU A 1 46 ? 1.621   -1.185  -0.340  1.00 37.86  ? 60 LEU A HD11 1 
ATOM   677  H  HD12 . LEU A 1 46 ? 3.145   -1.279  0.036   1.00 37.86  ? 60 LEU A HD12 1 
ATOM   678  H  HD13 . LEU A 1 46 ? 2.471   -2.422  -0.807  1.00 37.86  ? 60 LEU A HD13 1 
ATOM   679  H  HD21 . LEU A 1 46 ? -0.028  -2.567  0.736   1.00 35.00  ? 60 LEU A HD21 1 
ATOM   680  H  HD22 . LEU A 1 46 ? 0.704   -3.910  0.368   1.00 35.00  ? 60 LEU A HD22 1 
ATOM   681  H  HD23 . LEU A 1 46 ? 0.353   -3.591  1.868   1.00 35.00  ? 60 LEU A HD23 1 
ATOM   682  N  N    . PHE A 1 47 ? 6.659   -3.767  2.619   1.00 37.23  ? 61 PHE A N    1 
ATOM   683  C  CA   . PHE A 1 47 ? 7.580   -4.331  3.605   1.00 45.98  ? 61 PHE A CA   1 
ATOM   684  C  C    . PHE A 1 47 ? 7.503   -3.640  4.965   1.00 46.34  ? 61 PHE A C    1 
ATOM   685  O  O    . PHE A 1 47 ? 7.715   -4.261  5.998   1.00 48.88  ? 61 PHE A O    1 
ATOM   686  C  CB   . PHE A 1 47 ? 9.014   -4.256  3.077   1.00 41.78  ? 61 PHE A CB   1 
ATOM   687  C  CG   . PHE A 1 47 ? 9.480   -2.855  2.791   1.00 42.12  ? 61 PHE A CG   1 
ATOM   688  C  CD1  . PHE A 1 47 ? 9.493   -2.364  1.494   1.00 40.62  ? 61 PHE A CD1  1 
ATOM   689  C  CD2  . PHE A 1 47 ? 9.901   -2.027  3.816   1.00 35.85  ? 61 PHE A CD2  1 
ATOM   690  C  CE1  . PHE A 1 47 ? 9.909   -1.084  1.228   1.00 36.68  ? 61 PHE A CE1  1 
ATOM   691  C  CE2  . PHE A 1 47 ? 10.337  -0.742  3.550   1.00 37.03  ? 61 PHE A CE2  1 
ATOM   692  C  CZ   . PHE A 1 47 ? 10.344  -0.271  2.257   1.00 31.89  ? 61 PHE A CZ   1 
ATOM   693  H  H    . PHE A 1 47 ? 7.042   -3.549  1.880   1.00 43.86  ? 61 PHE A H    1 
ATOM   694  H  HA   . PHE A 1 47 ? 7.360   -5.277  3.737   1.00 54.36  ? 61 PHE A HA   1 
ATOM   695  H  HB2  . PHE A 1 47 ? 9.611   -4.639  3.738   1.00 49.31  ? 61 PHE A HB2  1 
ATOM   696  H  HB3  . PHE A 1 47 ? 9.069   -4.762  2.251   1.00 49.31  ? 61 PHE A HB3  1 
ATOM   697  H  HD1  . PHE A 1 47 ? 9.206   -2.907  0.795   1.00 47.92  ? 61 PHE A HD1  1 
ATOM   698  H  HD2  . PHE A 1 47 ? 9.905   -2.343  4.690   1.00 42.19  ? 61 PHE A HD2  1 
ATOM   699  H  HE1  . PHE A 1 47 ? 9.917   -0.770  0.352   1.00 43.19  ? 61 PHE A HE1  1 
ATOM   700  H  HE2  . PHE A 1 47 ? 10.620  -0.195  4.246   1.00 43.62  ? 61 PHE A HE2  1 
ATOM   701  H  HZ   . PHE A 1 47 ? 10.629  0.597   2.079   1.00 37.44  ? 61 PHE A HZ   1 
ATOM   702  N  N    . GLY A 1 48 ? 7.189   -2.354  4.968   1.00 42.13  ? 62 GLY A N    1 
ATOM   703  C  CA   . GLY A 1 48 ? 7.118   -1.606  6.215   1.00 40.85  ? 62 GLY A CA   1 
ATOM   704  C  C    . GLY A 1 48 ? 5.738   -1.542  6.847   1.00 40.64  ? 62 GLY A C    1 
ATOM   705  O  O    . GLY A 1 48 ? 5.577   -0.953  7.908   1.00 37.30  ? 62 GLY A O    1 
ATOM   706  H  H    . GLY A 1 48 ? 7.012   -1.891  4.265   1.00 49.74  ? 62 GLY A H    1 
ATOM   707  H  HA2  . GLY A 1 48 ? 7.722   -2.008  6.859   1.00 48.20  ? 62 GLY A HA2  1 
ATOM   708  H  HA3  . GLY A 1 48 ? 7.414   -0.696  6.053   1.00 48.20  ? 62 GLY A HA3  1 
ATOM   709  N  N    . ALA A 1 49 ? 4.759   -2.193  6.219   1.00 42.00  ? 63 ALA A N    1 
ATOM   710  C  CA   . ALA A 1 49 ? 3.348   -1.996  6.539   1.00 50.62  ? 63 ALA A CA   1 
ATOM   711  C  C    . ALA A 1 49 ? 2.658   -3.311  6.869   1.00 50.39  ? 63 ALA A C    1 
ATOM   712  O  O    . ALA A 1 49 ? 1.502   -3.533  6.465   1.00 38.52  ? 63 ALA A O    1 
ATOM   713  C  CB   . ALA A 1 49 ? 2.628   -1.325  5.347   1.00 42.96  ? 63 ALA A CB   1 
ATOM   714  H  H    . ALA A 1 49 ? 4.892   -2.765  5.591   1.00 49.58  ? 63 ALA A H    1 
ATOM   715  H  HA   . ALA A 1 49 ? 3.271   -1.405  7.317   1.00 59.92  ? 63 ALA A HA   1 
ATOM   716  H  HB1  . ALA A 1 49 ? 1.703   -1.202  5.570   1.00 50.73  ? 63 ALA A HB1  1 
ATOM   717  H  HB2  . ALA A 1 49 ? 3.040   -0.475  5.174   1.00 50.73  ? 63 ALA A HB2  1 
ATOM   718  H  HB3  . ALA A 1 49 ? 2.707   -1.891  4.576   1.00 50.73  ? 63 ALA A HB3  1 
ATOM   719  N  N    . GLU A 1 50 ? 3.367   -4.160  7.609   1.00 41.98  ? 64 GLU A N    1 
ATOM   720  C  CA   . GLU A 1 50 ? 2.939   -5.525  7.916   1.00 42.04  ? 64 GLU A CA   1 
ATOM   721  C  C    . GLU A 1 50 ? 1.565   -5.541  8.589   1.00 45.62  ? 64 GLU A C    1 
ATOM   722  O  O    . GLU A 1 50 ? 0.666   -6.273  8.182   1.00 50.88  ? 64 GLU A O    1 
ATOM   723  C  CB   . GLU A 1 50 ? 4.003   -6.213  8.812   1.00 44.07  ? 64 GLU A CB   1 
ATOM   724  C  CG   . GLU A 1 50 ? 4.024   -7.763  8.732   1.00 59.61  ? 64 GLU A CG   1 
ATOM   725  C  CD   . GLU A 1 50 ? 5.263   -8.440  9.427   1.00 73.45  ? 64 GLU A CD   1 
ATOM   726  O  OE1  . GLU A 1 50 ? 5.424   -9.680  9.297   1.00 58.05  ? 64 GLU A OE1  1 
ATOM   727  O  OE2  . GLU A 1 50 ? 6.075   -7.747  10.089  1.00 83.94  ? 64 GLU A OE2  1 
ATOM   728  H  H    . GLU A 1 50 ? 4.127   -3.961  7.956   1.00 49.55  ? 64 GLU A H    1 
ATOM   729  H  HA   . GLU A 1 50 ? 2.873   -6.033  7.081   1.00 49.62  ? 64 GLU A HA   1 
ATOM   730  H  HB2  . GLU A 1 50 ? 4.880   -5.894  8.548   1.00 52.06  ? 64 GLU A HB2  1 
ATOM   731  H  HB3  . GLU A 1 50 ? 3.832   -5.968  9.735   1.00 52.06  ? 64 GLU A HB3  1 
ATOM   732  H  HG2  . GLU A 1 50 ? 3.224   -8.105  9.162   1.00 70.70  ? 64 GLU A HG2  1 
ATOM   733  H  HG3  . GLU A 1 50 ? 4.030   -8.024  7.799   1.00 70.70  ? 64 GLU A HG3  1 
ATOM   734  N  N    . LYS A 1 51 ? 1.386   -4.706  9.601   1.00 44.85  ? 65 LYS A N    1 
ATOM   735  C  CA   . LYS A 1 51 ? 0.149   -4.720  10.366  1.00 44.73  ? 65 LYS A CA   1 
ATOM   736  C  C    . LYS A 1 51 ? -1.092  -4.325  9.530   1.00 47.60  ? 65 LYS A C    1 
ATOM   737  O  O    . LYS A 1 51 ? -2.117  -4.981  9.614   1.00 54.44  ? 65 LYS A O    1 
ATOM   738  C  CB   . LYS A 1 51 ? 0.290   -3.809  11.585  1.00 46.00  ? 65 LYS A CB   1 
ATOM   739  C  CG   . LYS A 1 51 ? -0.813  -3.954  12.606  1.00 58.00  ? 65 LYS A CG   1 
ATOM   740  C  CD   . LYS A 1 51 ? -0.492  -3.165  13.872  1.00 74.71  ? 65 LYS A CD   1 
ATOM   741  C  CE   . LYS A 1 51 ? -1.674  -3.148  14.829  1.00 86.69  ? 65 LYS A CE   1 
ATOM   742  N  NZ   . LYS A 1 51 ? -1.451  -2.264  15.998  1.00 92.83  ? 65 LYS A NZ   1 
ATOM   743  H  H    . LYS A 1 51 ? 1.962   -4.124  9.865   1.00 52.99  ? 65 LYS A H    1 
ATOM   744  H  HA   . LYS A 1 51 ? 0.001   -5.631  10.696  1.00 52.85  ? 65 LYS A HA   1 
ATOM   745  H  HB2  . LYS A 1 51 ? 1.129   -4.013  12.028  1.00 54.38  ? 65 LYS A HB2  1 
ATOM   746  H  HB3  . LYS A 1 51 ? 0.295   -2.887  11.285  1.00 54.38  ? 65 LYS A HB3  1 
ATOM   747  H  HG2  . LYS A 1 51 ? -1.641  -3.613  12.234  1.00 68.78  ? 65 LYS A HG2  1 
ATOM   748  H  HG3  . LYS A 1 51 ? -0.911  -4.889  12.844  1.00 68.78  ? 65 LYS A HG3  1 
ATOM   749  H  HD2  . LYS A 1 51 ? 0.260   -3.577  14.324  1.00 88.83  ? 65 LYS A HD2  1 
ATOM   750  H  HD3  . LYS A 1 51 ? -0.280  -2.249  13.633  1.00 88.83  ? 65 LYS A HD3  1 
ATOM   751  H  HE2  . LYS A 1 51 ? -2.459  -2.829  14.356  1.00 103.21 ? 65 LYS A HE2  1 
ATOM   752  H  HE3  . LYS A 1 51 ? -1.829  -4.048  15.156  1.00 103.21 ? 65 LYS A HE3  1 
ATOM   753  H  HZ1  . LYS A 1 51 ? -2.219  -2.282  16.574  1.00 110.58 ? 65 LYS A HZ1  1 
ATOM   754  H  HZ2  . LYS A 1 51 ? -0.684  -2.561  16.492  1.00 110.58 ? 65 LYS A HZ2  1 
ATOM   755  H  HZ3  . LYS A 1 51 ? -1.303  -1.362  15.704  1.00 110.58 ? 65 LYS A HZ3  1 
ATOM   756  N  N    . VAL A 1 52 ? -1.019  -3.255  8.741   1.00 40.24  ? 66 VAL A N    1 
ATOM   757  C  CA   . VAL A 1 52 ? -2.205  -2.794  8.011   1.00 48.43  ? 66 VAL A CA   1 
ATOM   758  C  C    . VAL A 1 52 ? -2.530  -3.764  6.868   1.00 39.19  ? 66 VAL A C    1 
ATOM   759  O  O    . VAL A 1 52 ? -3.706  -3.989  6.529   1.00 35.67  ? 66 VAL A O    1 
ATOM   760  C  CB   . VAL A 1 52 ? -2.083  -1.319  7.474   1.00 46.76  ? 66 VAL A CB   1 
ATOM   761  C  CG1  . VAL A 1 52 ? -0.670  -0.988  7.013   1.00 40.14  ? 66 VAL A CG1  1 
ATOM   762  C  CG2  . VAL A 1 52 ? -3.091  -1.075  6.330   1.00 51.99  ? 66 VAL A CG2  1 
ATOM   763  H  H    . VAL A 1 52 ? -0.311  -2.786  8.610   1.00 47.46  ? 66 VAL A H    1 
ATOM   764  H  HA   . VAL A 1 52 ? -2.965  -2.812  8.628   1.00 57.29  ? 66 VAL A HA   1 
ATOM   765  H  HB   . VAL A 1 52 ? -2.308  -0.702  8.202   1.00 55.29  ? 66 VAL A HB   1 
ATOM   766  H  HG11 . VAL A 1 52 ? -0.648  -0.083  6.696   1.00 47.35  ? 66 VAL A HG11 1 
ATOM   767  H  HG12 . VAL A 1 52 ? -0.068  -1.091  7.755   1.00 47.35  ? 66 VAL A HG12 1 
ATOM   768  H  HG13 . VAL A 1 52 ? -0.425  -1.589  6.306   1.00 47.35  ? 66 VAL A HG13 1 
ATOM   769  H  HG21 . VAL A 1 52 ? -3.000  -0.171  6.020   1.00 61.56  ? 66 VAL A HG21 1 
ATOM   770  H  HG22 . VAL A 1 52 ? -2.906  -1.688  5.614   1.00 61.56  ? 66 VAL A HG22 1 
ATOM   771  H  HG23 . VAL A 1 52 ? -3.981  -1.218  6.662   1.00 61.56  ? 66 VAL A HG23 1 
ATOM   772  N  N    . LEU A 1 53 ? -1.479  -4.355  6.307   1.00 35.93  ? 67 LEU A N    1 
ATOM   773  C  CA   . LEU A 1 53 ? -1.620  -5.330  5.235   1.00 35.91  ? 67 LEU A CA   1 
ATOM   774  C  C    . LEU A 1 53 ? -2.347  -6.580  5.713   1.00 37.36  ? 67 LEU A C    1 
ATOM   775  O  O    . LEU A 1 53 ? -3.188  -7.123  5.004   1.00 39.99  ? 67 LEU A O    1 
ATOM   776  C  CB   . LEU A 1 53 ? -0.237  -5.715  4.675   1.00 36.32  ? 67 LEU A CB   1 
ATOM   777  C  CG   . LEU A 1 53 ? -0.290  -6.749  3.543   1.00 40.79  ? 67 LEU A CG   1 
ATOM   778  C  CD1  . LEU A 1 53 ? -1.311  -6.328  2.474   1.00 44.26  ? 67 LEU A CD1  1 
ATOM   779  C  CD2  . LEU A 1 53 ? 1.104   -6.988  2.917   1.00 31.95  ? 67 LEU A CD2  1 
ATOM   780  H  H    . LEU A 1 53 ? -0.663  -4.203  6.534   1.00 42.29  ? 67 LEU A H    1 
ATOM   781  H  HA   . LEU A 1 53 ? -2.143  -4.933  4.508   1.00 42.27  ? 67 LEU A HA   1 
ATOM   782  H  HB2  . LEU A 1 53 ? 0.191   -4.917  4.327   1.00 42.76  ? 67 LEU A HB2  1 
ATOM   783  H  HB3  . LEU A 1 53 ? 0.297   -6.089  5.393   1.00 42.76  ? 67 LEU A HB3  1 
ATOM   784  H  HG   . LEU A 1 53 ? -0.588  -7.593  3.914   1.00 48.13  ? 67 LEU A HG   1 
ATOM   785  H  HD11 . LEU A 1 53 ? -1.326  -6.989  1.779   1.00 52.29  ? 67 LEU A HD11 1 
ATOM   786  H  HD12 . LEU A 1 53 ? -2.179  -6.262  2.882   1.00 52.29  ? 67 LEU A HD12 1 
ATOM   787  H  HD13 . LEU A 1 53 ? -1.053  -5.477  2.113   1.00 52.29  ? 67 LEU A HD13 1 
ATOM   788  H  HD21 . LEU A 1 53 ? 1.024   -7.639  2.216   1.00 37.51  ? 67 LEU A HD21 1 
ATOM   789  H  HD22 . LEU A 1 53 ? 1.431   -6.158  2.559   1.00 37.51  ? 67 LEU A HD22 1 
ATOM   790  H  HD23 . LEU A 1 53 ? 1.701   -7.309  3.596   1.00 37.51  ? 67 LEU A HD23 1 
ATOM   791  N  N    . LYS A 1 54 ? -2.009  -7.040  6.917   1.00 38.63  ? 68 LYS A N    1 
ATOM   792  C  CA   . LYS A 1 54 ? -2.567  -8.259  7.454   1.00 49.39  ? 68 LYS A CA   1 
ATOM   793  C  C    . LYS A 1 54 ? -3.969  -7.994  7.950   1.00 47.06  ? 68 LYS A C    1 
ATOM   794  O  O    . LYS A 1 54 ? -4.836  -8.863  7.888   1.00 58.25  ? 68 LYS A O    1 
ATOM   795  C  CB   . LYS A 1 54 ? -1.675  -8.815  8.566   1.00 66.00  ? 68 LYS A CB   1 
ATOM   796  C  CG   . LYS A 1 54 ? -0.306  -9.308  8.058   1.00 73.60  ? 68 LYS A CG   1 
ATOM   797  C  CD   . LYS A 1 54 ? 0.618   -9.729  9.211   1.00 85.75  ? 68 LYS A CD   1 
ATOM   798  C  CE   . LYS A 1 54 ? 0.190   -11.061 9.822   1.00 94.88  ? 68 LYS A CE   1 
ATOM   799  N  NZ   . LYS A 1 54 ? 0.989   -11.424 11.022  1.00 101.33 ? 68 LYS A NZ   1 
ATOM   800  H  H    . LYS A 1 54 ? -1.448  -6.653  7.442   1.00 45.53  ? 68 LYS A H    1 
ATOM   801  H  HA   . LYS A 1 54 ? -2.619  -8.929  6.741   1.00 58.45  ? 68 LYS A HA   1 
ATOM   802  H  HB2  . LYS A 1 54 ? -1.515  -8.117  9.220   1.00 78.38  ? 68 LYS A HB2  1 
ATOM   803  H  HB3  . LYS A 1 54 ? -2.125  -9.564  8.985   1.00 78.38  ? 68 LYS A HB3  1 
ATOM   804  H  HG2  . LYS A 1 54 ? -0.439  -10.077 7.481   1.00 87.50  ? 68 LYS A HG2  1 
ATOM   805  H  HG3  . LYS A 1 54 ? 0.129   -8.593  7.569   1.00 87.50  ? 68 LYS A HG3  1 
ATOM   806  H  HD2  . LYS A 1 54 ? 1.522   -9.827  8.875   1.00 102.08 ? 68 LYS A HD2  1 
ATOM   807  H  HD3  . LYS A 1 54 ? 0.588   -9.053  9.906   1.00 102.08 ? 68 LYS A HD3  1 
ATOM   808  H  HE2  . LYS A 1 54 ? -0.741  -11.003 10.087  1.00 113.04 ? 68 LYS A HE2  1 
ATOM   809  H  HE3  . LYS A 1 54 ? 0.305   -11.763 9.162   1.00 113.04 ? 68 LYS A HE3  1 
ATOM   810  H  HZ1  . LYS A 1 54 ? 0.688   -12.266 11.375  1.00 120.78 ? 68 LYS A HZ1  1 
ATOM   811  H  HZ2  . LYS A 1 54 ? 1.917   -11.498 10.789  1.00 120.78 ? 68 LYS A HZ2  1 
ATOM   812  H  HZ3  . LYS A 1 54 ? 0.889   -10.751 11.699  1.00 120.78 ? 68 LYS A HZ3  1 
ATOM   813  N  N    . LYS A 1 55 ? -4.214  -6.785  8.430   1.00 35.40  ? 69 LYS A N    1 
ATOM   814  C  CA   . LYS A 1 55 ? -5.575  -6.415  8.777   1.00 50.34  ? 69 LYS A CA   1 
ATOM   815  C  C    . LYS A 1 55 ? -6.421  -6.424  7.497   1.00 52.62  ? 69 LYS A C    1 
ATOM   816  O  O    . LYS A 1 55 ? -7.480  -7.034  7.454   1.00 51.37  ? 69 LYS A O    1 
ATOM   817  C  CB   . LYS A 1 55 ? -5.595  -5.053  9.468   1.00 58.11  ? 69 LYS A CB   1 
ATOM   818  C  CG   . LYS A 1 55 ? -6.976  -4.532  9.811   1.00 62.00  ? 69 LYS A CG   1 
ATOM   819  C  CD   . LYS A 1 55 ? -6.929  -3.607  11.024  1.00 69.06  ? 69 LYS A CD   1 
ATOM   820  C  CE   . LYS A 1 55 ? -5.999  -2.431  10.781  1.00 79.79  ? 69 LYS A CE   1 
ATOM   821  N  NZ   . LYS A 1 55 ? -6.052  -1.400  11.864  1.00 88.53  ? 69 LYS A NZ   1 
ATOM   822  H  H    . LYS A 1 55 ? -3.624  -6.173  8.562   1.00 41.66  ? 69 LYS A H    1 
ATOM   823  H  HA   . LYS A 1 55 ? -5.944  -7.079  9.396   1.00 59.59  ? 69 LYS A HA   1 
ATOM   824  H  HB2  . LYS A 1 55 ? -5.093  -5.118  10.295  1.00 68.91  ? 69 LYS A HB2  1 
ATOM   825  H  HB3  . LYS A 1 55 ? -5.174  -4.403  8.883   1.00 68.91  ? 69 LYS A HB3  1 
ATOM   826  H  HG2  . LYS A 1 55 ? -7.325  -4.030  9.058   1.00 73.57  ? 69 LYS A HG2  1 
ATOM   827  H  HG3  . LYS A 1 55 ? -7.558  -5.279  10.018  1.00 73.57  ? 69 LYS A HG3  1 
ATOM   828  H  HD2  . LYS A 1 55 ? -7.818  -3.262  11.199  1.00 82.04  ? 69 LYS A HD2  1 
ATOM   829  H  HD3  . LYS A 1 55 ? -6.601  -4.102  11.792  1.00 82.04  ? 69 LYS A HD3  1 
ATOM   830  H  HE2  . LYS A 1 55 ? -5.088  -2.757  10.725  1.00 94.92  ? 69 LYS A HE2  1 
ATOM   831  H  HE3  . LYS A 1 55 ? -6.247  -2.001  9.948   1.00 94.92  ? 69 LYS A HE3  1 
ATOM   832  H  HZ1  . LYS A 1 55 ? -5.448  -0.681  11.661  1.00 105.41 ? 69 LYS A HZ1  1 
ATOM   833  H  HZ2  . LYS A 1 55 ? -6.941  -1.048  11.937  1.00 105.41 ? 69 LYS A HZ2  1 
ATOM   834  H  HZ3  . LYS A 1 55 ? -5.800  -1.792  12.703  1.00 105.41 ? 69 LYS A HZ3  1 
ATOM   835  N  N    . TRP A 1 56 ? -5.925  -5.787  6.437   1.00 52.81  ? 70 TRP A N    1 
ATOM   836  C  CA   . TRP A 1 56 ? -6.643  -5.747  5.159   1.00 43.41  ? 70 TRP A CA   1 
ATOM   837  C  C    . TRP A 1 56 ? -6.945  -7.160  4.646   1.00 48.52  ? 70 TRP A C    1 
ATOM   838  O  O    . TRP A 1 56 ? -8.050  -7.443  4.194   1.00 47.88  ? 70 TRP A O    1 
ATOM   839  C  CB   . TRP A 1 56 ? -5.828  -4.982  4.113   1.00 36.60  ? 70 TRP A CB   1 
ATOM   840  C  CG   . TRP A 1 56 ? -6.406  -5.125  2.736   1.00 39.13  ? 70 TRP A CG   1 
ATOM   841  C  CD1  . TRP A 1 56 ? -5.968  -5.951  1.753   1.00 36.83  ? 70 TRP A CD1  1 
ATOM   842  C  CD2  . TRP A 1 56 ? -7.547  -4.430  2.202   1.00 43.39  ? 70 TRP A CD2  1 
ATOM   843  N  NE1  . TRP A 1 56 ? -6.755  -5.817  0.630   1.00 39.70  ? 70 TRP A NE1  1 
ATOM   844  C  CE2  . TRP A 1 56 ? -7.738  -4.893  0.881   1.00 45.98  ? 70 TRP A CE2  1 
ATOM   845  C  CE3  . TRP A 1 56 ? -8.425  -3.468  2.714   1.00 46.95  ? 70 TRP A CE3  1 
ATOM   846  C  CZ2  . TRP A 1 56 ? -8.786  -4.430  0.060   1.00 29.54  ? 70 TRP A CZ2  1 
ATOM   847  C  CZ3  . TRP A 1 56 ? -9.458  -3.001  1.897   1.00 43.66  ? 70 TRP A CZ3  1 
ATOM   848  C  CH2  . TRP A 1 56 ? -9.623  -3.483  0.585   1.00 35.70  ? 70 TRP A CH2  1 
ATOM   849  H  H    . TRP A 1 56 ? -5.174  -5.369  6.431   1.00 62.55  ? 70 TRP A H    1 
ATOM   850  H  HA   . TRP A 1 56 ? -7.495  -5.280  5.284   1.00 51.27  ? 70 TRP A HA   1 
ATOM   851  H  HB2  . TRP A 1 56 ? -5.822  -4.039  4.340   1.00 43.10  ? 70 TRP A HB2  1 
ATOM   852  H  HB3  . TRP A 1 56 ? -4.923  -5.328  4.098   1.00 43.10  ? 70 TRP A HB3  1 
ATOM   853  H  HD1  . TRP A 1 56 ? -5.237  -6.521  1.824   1.00 43.37  ? 70 TRP A HD1  1 
ATOM   854  H  HE1  . TRP A 1 56 ? -6.654  -6.251  -0.105  1.00 46.82  ? 70 TRP A HE1  1 
ATOM   855  H  HE3  . TRP A 1 56 ? -8.327  -3.151  3.582   1.00 55.52  ? 70 TRP A HE3  1 
ATOM   856  H  HZ2  . TRP A 1 56 ? -8.862  -4.702  -0.826  1.00 34.63  ? 70 TRP A HZ2  1 
ATOM   857  H  HZ3  . TRP A 1 56 ? -10.048 -2.362  2.227   1.00 51.57  ? 70 TRP A HZ3  1 
ATOM   858  H  HH2  . TRP A 1 56 ? -10.317 -3.150  0.062   1.00 42.02  ? 70 TRP A HH2  1 
ATOM   859  N  N    . LYS A 1 57 ? -5.965  -8.054  4.734   1.00 42.95  ? 71 LYS A N    1 
ATOM   860  C  CA   . LYS A 1 57 ? -6.140  -9.402  4.212   1.00 46.88  ? 71 LYS A CA   1 
ATOM   861  C  C    . LYS A 1 57 ? -7.157  -10.216 5.021   1.00 54.00  ? 71 LYS A C    1 
ATOM   862  O  O    . LYS A 1 57 ? -7.884  -11.035 4.457   1.00 52.27  ? 71 LYS A O    1 
ATOM   863  C  CB   . LYS A 1 57 ? -4.806  -10.141 4.169   1.00 45.94  ? 71 LYS A CB   1 
ATOM   864  C  CG   . LYS A 1 57 ? -3.941  -9.822  2.953   1.00 48.01  ? 71 LYS A CG   1 
ATOM   865  C  CD   . LYS A 1 57 ? -2.728  -10.747 2.910   1.00 49.30  ? 71 LYS A CD   1 
ATOM   866  C  CE   . LYS A 1 57 ? -1.800  -10.412 1.780   1.00 52.64  ? 71 LYS A CE   1 
ATOM   867  N  NZ   . LYS A 1 57 ? -0.587  -11.257 1.812   1.00 59.23  ? 71 LYS A NZ   1 
ATOM   868  H  H    . LYS A 1 57 ? -5.196  -7.907  5.089   1.00 50.71  ? 71 LYS A H    1 
ATOM   869  H  HA   . LYS A 1 57 ? -6.474  -9.340  3.292   1.00 55.43  ? 71 LYS A HA   1 
ATOM   870  H  HB2  . LYS A 1 57 ? -4.297  -9.908  4.961   1.00 54.31  ? 71 LYS A HB2  1 
ATOM   871  H  HB3  . LYS A 1 57 ? -4.982  -11.096 4.163   1.00 54.31  ? 71 LYS A HB3  1 
ATOM   872  H  HG2  . LYS A 1 57 ? -4.458  -9.955  2.143   1.00 56.79  ? 71 LYS A HG2  1 
ATOM   873  H  HG3  . LYS A 1 57 ? -3.627  -8.906  3.010   1.00 56.79  ? 71 LYS A HG3  1 
ATOM   874  H  HD2  . LYS A 1 57 ? -2.234  -10.663 3.741   1.00 58.33  ? 71 LYS A HD2  1 
ATOM   875  H  HD3  . LYS A 1 57 ? -3.030  -11.661 2.792   1.00 58.33  ? 71 LYS A HD3  1 
ATOM   876  H  HE2  . LYS A 1 57 ? -2.255  -10.564 0.937   1.00 62.35  ? 71 LYS A HE2  1 
ATOM   877  H  HE3  . LYS A 1 57 ? -1.527  -9.484  1.853   1.00 62.35  ? 71 LYS A HE3  1 
ATOM   878  H  HZ1  . LYS A 1 57 ? -0.007  -11.028 1.083   1.00 70.26  ? 71 LYS A HZ1  1 
ATOM   879  H  HZ2  . LYS A 1 57 ? -0.116  -11.123 2.639   1.00 70.26  ? 71 LYS A HZ2  1 
ATOM   880  H  HZ3  . LYS A 1 57 ? -0.831  -12.184 1.738   1.00 70.26  ? 71 LYS A HZ3  1 
ATOM   881  N  N    . LYS A 1 58 ? -7.209  -9.990  6.334   1.00 54.23  ? 72 LYS A N    1 
ATOM   882  C  CA   . LYS A 1 58 ? -8.087  -10.769 7.208   1.00 55.98  ? 72 LYS A CA   1 
ATOM   883  C  C    . LYS A 1 58 ? -9.543  -10.289 7.119   1.00 52.23  ? 72 LYS A C    1 
ATOM   884  O  O    . LYS A 1 58 ? -10.469 -11.079 7.233   1.00 53.22  ? 72 LYS A O    1 
ATOM   885  C  CB   . LYS A 1 58 ? -7.606  -10.715 8.665   1.00 56.84  ? 72 LYS A CB   1 
ATOM   886  C  CG   . LYS A 1 58 ? -6.286  -11.442 8.961   1.00 58.74  ? 72 LYS A CG   1 
ATOM   887  C  CD   . LYS A 1 58 ? -5.787  -11.088 10.384  1.00 62.48  ? 72 LYS A CD   1 
ATOM   888  C  CE   . LYS A 1 58 ? -4.424  -11.716 10.731  1.00 64.56  ? 72 LYS A CE   1 
ATOM   889  N  NZ   . LYS A 1 58 ? -3.810  -11.189 12.017  1.00 58.52  ? 72 LYS A NZ   1 
ATOM   890  H  H    . LYS A 1 58 ? -6.745  -9.393  6.744   1.00 64.25  ? 72 LYS A H    1 
ATOM   891  H  HA   . LYS A 1 58 ? -8.065  -11.705 6.922   1.00 66.35  ? 72 LYS A HA   1 
ATOM   892  H  HB2  . LYS A 1 58 ? -7.485  -9.785  8.913   1.00 67.39  ? 72 LYS A HB2  1 
ATOM   893  H  HB3  . LYS A 1 58 ? -8.288  -11.113 9.228   1.00 67.39  ? 72 LYS A HB3  1 
ATOM   894  H  HG2  . LYS A 1 58 ? -6.427  -12.401 8.915   1.00 69.67  ? 72 LYS A HG2  1 
ATOM   895  H  HG3  . LYS A 1 58 ? -5.612  -11.166 8.321   1.00 69.67  ? 72 LYS A HG3  1 
ATOM   896  H  HD2  . LYS A 1 58 ? -5.697  -10.125 10.454  1.00 74.15  ? 72 LYS A HD2  1 
ATOM   897  H  HD3  . LYS A 1 58 ? -6.433  -11.407 11.033  1.00 74.15  ? 72 LYS A HD3  1 
ATOM   898  H  HE2  . LYS A 1 58 ? -4.537  -12.673 10.828  1.00 76.65  ? 72 LYS A HE2  1 
ATOM   899  H  HE3  . LYS A 1 58 ? -3.803  -11.530 10.009  1.00 76.65  ? 72 LYS A HE3  1 
ATOM   900  H  HZ1  . LYS A 1 58 ? -2.964  -11.616 12.176  1.00 69.40  ? 72 LYS A HZ1  1 
ATOM   901  H  HZ2  . LYS A 1 58 ? -3.671  -10.241 11.949  1.00 69.40  ? 72 LYS A HZ2  1 
ATOM   902  H  HZ3  . LYS A 1 58 ? -4.394  -11.366 12.757  1.00 69.40  ? 72 LYS A HZ3  1 
ATOM   903  N  N    . ARG A 1 59 ? -9.748  -9.000  6.893   1.00 65.28  ? 73 ARG A N    1 
ATOM   904  C  CA   . ARG A 1 59 ? -11.090 -8.436  6.911   1.00 76.39  ? 73 ARG A CA   1 
ATOM   905  C  C    . ARG A 1 59 ? -11.967 -9.039  5.821   1.00 77.25  ? 73 ARG A C    1 
ATOM   906  O  O    . ARG A 1 59 ? -13.127 -9.381  6.068   1.00 83.61  ? 73 ARG A O    1 
ATOM   907  C  CB   . ARG A 1 59 ? -11.020 -6.921  6.742   1.00 85.16  ? 73 ARG A CB   1 
ATOM   908  C  CG   . ARG A 1 59 ? -10.371 -6.199  7.912   1.00 97.64  ? 73 ARG A CG   1 
ATOM   909  C  CD   . ARG A 1 59 ? -9.767  -4.883  7.466   1.00 111.79 ? 73 ARG A CD   1 
ATOM   910  N  NE   . ARG A 1 59 ? -10.717 -4.110  6.669   1.00 124.75 ? 73 ARG A NE   1 
ATOM   911  C  CZ   . ARG A 1 59 ? -10.447 -2.949  6.079   1.00 128.84 ? 73 ARG A CZ   1 
ATOM   912  N  NH1  . ARG A 1 59 ? -9.239  -2.402  6.183   1.00 130.79 ? 73 ARG A NH1  1 
ATOM   913  N  NH2  . ARG A 1 59 ? -11.394 -2.337  5.380   1.00 127.50 ? 73 ARG A NH2  1 
ATOM   914  H  H    . ARG A 1 59 ? -9.126  -8.429  6.726   1.00 77.51  ? 73 ARG A H    1 
ATOM   915  H  HA   . ARG A 1 59 ? -11.506 -8.627  7.777   1.00 90.85  ? 73 ARG A HA   1 
ATOM   916  H  HB2  . ARG A 1 59 ? -10.503 -6.719  5.947   1.00 101.37 ? 73 ARG A HB2  1 
ATOM   917  H  HB3  . ARG A 1 59 ? -11.922 -6.575  6.645   1.00 101.37 ? 73 ARG A HB3  1 
ATOM   918  H  HG2  . ARG A 1 59 ? -11.042 -6.015  8.589   1.00 116.35 ? 73 ARG A HG2  1 
ATOM   919  H  HG3  . ARG A 1 59 ? -9.663  -6.753  8.279   1.00 116.35 ? 73 ARG A HG3  1 
ATOM   920  H  HD2  . ARG A 1 59 ? -9.526  -4.359  8.246   1.00 133.33 ? 73 ARG A HD2  1 
ATOM   921  H  HD3  . ARG A 1 59 ? -8.982  -5.057  6.922   1.00 133.33 ? 73 ARG A HD3  1 
ATOM   922  H  HE   . ARG A 1 59 ? -11.611 -4.471  6.563   1.00 148.87 ? 73 ARG A HE   1 
ATOM   923  H  HH11 . ARG A 1 59 ? -8.624  -2.798  6.637   1.00 156.13 ? 73 ARG A HH11 1 
ATOM   924  H  HH12 . ARG A 1 59 ? -9.072  -1.652  5.798   1.00 156.13 ? 73 ARG A HH12 1 
ATOM   925  H  HH21 . ARG A 1 59 ? -12.174 -2.692  5.312   1.00 152.18 ? 73 ARG A HH21 1 
ATOM   926  H  HH22 . ARG A 1 59 ? -11.227 -1.588  4.994   1.00 152.18 ? 73 ARG A HH22 1 
ATOM   927  N  N    . LYS B 2 4  ? 3.266   2.519   13.322  1.00 83.89  ? 4  LYS P N    1 
ATOM   928  C  CA   . LYS B 2 4  ? 3.744   3.329   12.196  1.00 83.66  ? 4  LYS P CA   1 
ATOM   929  C  C    . LYS B 2 4  ? 4.090   2.452   10.996  1.00 74.73  ? 4  LYS P C    1 
ATOM   930  O  O    . LYS B 2 4  ? 5.060   1.687   11.022  1.00 76.12  ? 4  LYS P O    1 
ATOM   931  C  CB   . LYS B 2 4  ? 4.964   4.153   12.603  1.00 89.43  ? 4  LYS P CB   1 
ATOM   932  C  CG   . LYS B 2 4  ? 5.246   5.352   11.706  1.00 87.60  ? 4  LYS P CG   1 
ATOM   933  C  CD   . LYS B 2 4  ? 6.327   5.060   10.685  1.00 89.11  ? 4  LYS P CD   1 
ATOM   934  C  CE   . LYS B 2 4  ? 6.947   6.349   10.167  1.00 86.06  ? 4  LYS P CE   1 
ATOM   935  N  NZ   . LYS B 2 4  ? 6.008   7.089   9.293   1.00 82.95  ? 4  LYS P NZ   1 
ATOM   936  H  HA   . LYS B 2 4  ? 3.035   3.950   11.924  1.00 99.57  ? 4  LYS P HA   1 
ATOM   937  H  HB2  . LYS B 2 4  ? 4.826   4.485   13.504  1.00 106.49 ? 4  LYS P HB2  1 
ATOM   938  H  HB3  . LYS B 2 4  ? 5.746   3.579   12.583  1.00 106.49 ? 4  LYS P HB3  1 
ATOM   939  H  HG2  . LYS B 2 4  ? 4.437   5.590   11.227  1.00 104.30 ? 4  LYS P HG2  1 
ATOM   940  H  HG3  . LYS B 2 4  ? 5.542   6.097   12.253  1.00 104.30 ? 4  LYS P HG3  1 
ATOM   941  H  HD2  . LYS B 2 4  ? 7.025   4.530   11.098  1.00 106.10 ? 4  LYS P HD2  1 
ATOM   942  H  HD3  . LYS B 2 4  ? 5.941   4.583   9.934   1.00 106.10 ? 4  LYS P HD3  1 
ATOM   943  H  HE2  . LYS B 2 4  ? 7.176   6.920   10.918  1.00 102.45 ? 4  LYS P HE2  1 
ATOM   944  H  HE3  . LYS B 2 4  ? 7.740   6.139   9.651   1.00 102.45 ? 4  LYS P HE3  1 
ATOM   945  H  HZ1  . LYS B 2 4  ? 6.420   7.897   8.979   1.00 98.71  ? 4  LYS P HZ1  1 
ATOM   946  H  HZ2  . LYS B 2 4  ? 5.767   6.547   8.539   1.00 98.71  ? 4  LYS P HZ2  1 
ATOM   947  H  HZ3  . LYS B 2 4  ? 5.213   7.314   9.782   1.00 98.71  ? 4  LYS P HZ3  1 
ATOM   948  N  N    . GLN B 2 5  ? 3.285   2.577   9.947   1.00 64.66  ? 5  GLN P N    1 
ATOM   949  C  CA   . GLN B 2 5  ? 3.356   1.689   8.794   1.00 48.57  ? 5  GLN P CA   1 
ATOM   950  C  C    . GLN B 2 5  ? 3.990   2.408   7.628   1.00 40.59  ? 5  GLN P C    1 
ATOM   951  O  O    . GLN B 2 5  ? 3.598   3.523   7.307   1.00 50.82  ? 5  GLN P O    1 
ATOM   952  C  CB   . GLN B 2 5  ? 1.950   1.235   8.424   1.00 49.94  ? 5  GLN P CB   1 
ATOM   953  C  CG   . GLN B 2 5  ? 1.207   0.595   9.585   1.00 48.53  ? 5  GLN P CG   1 
ATOM   954  C  CD   . GLN B 2 5  ? 1.852   -0.712  10.025  1.00 53.44  ? 5  GLN P CD   1 
ATOM   955  O  OE1  . GLN B 2 5  ? 1.891   -1.679  9.266   1.00 52.37  ? 5  GLN P OE1  1 
ATOM   956  N  NE2  . GLN B 2 5  ? 2.352   -0.750  11.254  1.00 59.65  ? 5  GLN P NE2  1 
ATOM   957  H  H    . GLN B 2 5  ? 2.679   3.183   9.878   1.00 76.77  ? 5  GLN P H    1 
ATOM   958  H  HA   . GLN B 2 5  ? 3.897   0.901   9.013   1.00 57.47  ? 5  GLN P HA   1 
ATOM   959  H  HB2  . GLN B 2 5  ? 1.438   2.004   8.128   1.00 59.11  ? 5  GLN P HB2  1 
ATOM   960  H  HB3  . GLN B 2 5  ? 2.007   0.581   7.708   1.00 59.11  ? 5  GLN P HB3  1 
ATOM   961  H  HG2  . GLN B 2 5  ? 1.212   1.204   10.341  1.00 57.41  ? 5  GLN P HG2  1 
ATOM   962  H  HG3  . GLN B 2 5  ? 0.295   0.406   9.314   1.00 57.41  ? 5  GLN P HG3  1 
ATOM   963  H  HE21 . GLN B 2 5  ? 2.726   -1.468  11.545  1.00 70.76  ? 5  GLN P HE21 1 
ATOM   964  H  HE22 . GLN B 2 5  ? 2.302   -0.056  11.760  1.00 70.76  ? 5  GLN P HE22 1 
ATOM   965  N  N    . THR B 2 6  ? 4.976   1.774   7.001   1.00 44.30  ? 6  THR P N    1 
ATOM   966  C  CA   . THR B 2 6  ? 5.720   2.390   5.904   1.00 40.04  ? 6  THR P CA   1 
ATOM   967  C  C    . THR B 2 6  ? 5.729   1.478   4.680   1.00 30.78  ? 6  THR P C    1 
ATOM   968  O  O    . THR B 2 6  ? 5.622   0.261   4.793   1.00 31.69  ? 6  THR P O    1 
ATOM   969  C  CB   . THR B 2 6  ? 7.194   2.710   6.304   1.00 52.15  ? 6  THR P CB   1 
ATOM   970  O  OG1  . THR B 2 6  ? 7.911   1.489   6.541   1.00 51.45  ? 6  THR P OG1  1 
ATOM   971  C  CG2  . THR B 2 6  ? 7.241   3.586   7.535   1.00 49.03  ? 6  THR P CG2  1 
ATOM   972  H  H    . THR B 2 6  ? 5.239   0.978   7.195   1.00 52.33  ? 6  THR P H    1 
ATOM   973  H  HA   . THR B 2 6  ? 5.283   3.230   5.653   1.00 47.22  ? 6  THR P HA   1 
ATOM   974  H  HB   . THR B 2 6  ? 7.621   3.190   5.578   1.00 61.76  ? 6  THR P HB   1 
ATOM   975  H  HG1  . THR B 2 6  ? 8.685   1.654   6.752   1.00 60.92  ? 6  THR P HG1  1 
ATOM   976  H  HG21 . THR B 2 6  ? 8.152   3.774   7.769   1.00 58.01  ? 6  THR P HG21 1 
ATOM   977  H  HG22 . THR B 2 6  ? 6.784   4.413   7.365   1.00 58.01  ? 6  THR P HG22 1 
ATOM   978  H  HG23 . THR B 2 6  ? 6.816   3.139   8.271   1.00 58.01  ? 6  THR P HG23 1 
ATOM   979  N  N    . ALA B 2 7  ? 5.863   2.082   3.511   1.00 30.75  ? 7  ALA P N    1 
ATOM   980  C  CA   . ALA B 2 7  ? 5.896   1.348   2.256   1.00 32.10  ? 7  ALA P CA   1 
ATOM   981  C  C    . ALA B 2 7  ? 6.644   2.197   1.217   1.00 36.57  ? 7  ALA P C    1 
ATOM   982  O  O    . ALA B 2 7  ? 6.734   3.409   1.361   1.00 35.32  ? 7  ALA P O    1 
ATOM   983  C  CB   . ALA B 2 7  ? 4.488   1.060   1.788   1.00 28.97  ? 7  ALA P CB   1 
ATOM   984  H  H    . ALA B 2 7  ? 5.940   2.933   3.415   1.00 36.08  ? 7  ALA P H    1 
ATOM   985  H  HA   . ALA B 2 7  ? 6.371   0.499   2.377   1.00 37.70  ? 7  ALA P HA   1 
ATOM   986  H  HB1  . ALA B 2 7  ? 4.527   0.576   0.960   1.00 33.94  ? 7  ALA P HB1  1 
ATOM   987  H  HB2  . ALA B 2 7  ? 4.038   0.535   2.454   1.00 33.94  ? 7  ALA P HB2  1 
ATOM   988  H  HB3  . ALA B 2 7  ? 4.026   1.892   1.659   1.00 33.94  ? 7  ALA P HB3  1 
ATOM   989  N  N    . ARG B 2 8  ? 7.187   1.563   0.184   1.00 34.36  ? 8  ARG P N    1 
ATOM   990  C  CA   . ARG B 2 8  ? 7.799   2.299   -0.916  1.00 36.47  ? 8  ARG P CA   1 
ATOM   991  C  C    . ARG B 2 8  ? 6.723   2.728   -1.915  1.00 30.93  ? 8  ARG P C    1 
ATOM   992  O  O    . ARG B 2 8  ? 5.882   1.916   -2.338  1.00 31.22  ? 8  ARG P O    1 
ATOM   993  C  CB   . ARG B 2 8  ? 8.859   1.426   -1.606  1.00 33.32  ? 8  ARG P CB   1 
ATOM   994  C  CG   . ARG B 2 8  ? 9.470   2.007   -2.891  1.00 33.08  ? 8  ARG P CG   1 
ATOM   995  C  CD   . ARG B 2 8  ? 10.474  0.999   -3.484  1.00 47.16  ? 8  ARG P CD   1 
ATOM   996  N  NE   . ARG B 2 8  ? 11.102  1.430   -4.733  1.00 49.62  ? 8  ARG P NE   1 
ATOM   997  C  CZ   . ARG B 2 8  ? 11.961  2.447   -4.833  1.00 58.15  ? 8  ARG P CZ   1 
ATOM   998  N  NH1  . ARG B 2 8  ? 12.490  2.757   -6.010  1.00 55.38  ? 8  ARG P NH1  1 
ATOM   999  N  NH2  . ARG B 2 8  ? 12.285  3.170   -3.765  1.00 61.99  ? 8  ARG P NH2  1 
ATOM   1000 H  H    . ARG B 2 8  ? 7.212   0.707   0.096   1.00 40.41  ? 8  ARG P H    1 
ATOM   1001 H  HA   . ARG B 2 8  ? 8.238   3.103   -0.567  1.00 42.95  ? 8  ARG P HA   1 
ATOM   1002 H  HB2  . ARG B 2 8  ? 9.586   1.275   -0.982  1.00 39.16  ? 8  ARG P HB2  1 
ATOM   1003 H  HB3  . ARG B 2 8  ? 8.451   0.576   -1.837  1.00 39.16  ? 8  ARG P HB3  1 
ATOM   1004 H  HG2  . ARG B 2 8  ? 8.769   2.166   -3.542  1.00 38.87  ? 8  ARG P HG2  1 
ATOM   1005 H  HG3  . ARG B 2 8  ? 9.940   2.829   -2.686  1.00 38.87  ? 8  ARG P HG3  1 
ATOM   1006 H  HD2  . ARG B 2 8  ? 11.180  0.848   -2.837  1.00 55.77  ? 8  ARG P HD2  1 
ATOM   1007 H  HD3  . ARG B 2 8  ? 10.009  0.166   -3.660  1.00 55.77  ? 8  ARG P HD3  1 
ATOM   1008 H  HE   . ARG B 2 8  ? 10.880  0.944   -5.543  1.00 58.72  ? 8  ARG P HE   1 
ATOM   1009 H  HH11 . ARG B 2 8  ? 12.283  2.300   -6.708  1.00 65.64  ? 8  ARG P HH11 1 
ATOM   1010 H  HH12 . ARG B 2 8  ? 13.036  3.418   -6.075  1.00 65.64  ? 8  ARG P HH12 1 
ATOM   1011 H  HH21 . ARG B 2 8  ? 11.949  2.976   -2.998  1.00 73.57  ? 8  ARG P HH21 1 
ATOM   1012 H  HH22 . ARG B 2 8  ? 12.836  3.825   -3.841  1.00 73.57  ? 8  ARG P HH22 1 
HETATM 1013 N  N    . M3L B 2 9  ? 6.736   4.006   -2.279  1.00 33.20  ? 9  M3L P N    1 
HETATM 1014 C  CA   . M3L B 2 9  ? 5.750   4.561   -3.273  1.00 31.70  ? 9  M3L P CA   1 
HETATM 1015 C  CB   . M3L B 2 9  ? 5.227   5.930   -2.822  1.00 33.16  ? 9  M3L P CB   1 
HETATM 1016 C  CG   . M3L B 2 9  ? 4.471   6.675   -3.932  1.00 43.03  ? 9  M3L P CG   1 
HETATM 1017 C  CD   . M3L B 2 9  ? 3.658   7.870   -3.416  1.00 38.48  ? 9  M3L P CD   1 
HETATM 1018 C  CE   . M3L B 2 9  ? 4.565   8.903   -2.742  1.00 46.61  ? 9  M3L P CE   1 
HETATM 1019 N  NZ   . M3L B 2 9  ? 3.883   10.163  -2.384  1.00 41.72  ? 9  M3L P NZ   1 
HETATM 1020 C  C    . M3L B 2 9  ? 6.433   4.731   -4.589  1.00 37.97  ? 9  M3L P C    1 
HETATM 1021 O  O    . M3L B 2 9  ? 7.315   5.567   -4.689  1.00 57.47  ? 9  M3L P O    1 
HETATM 1022 C  CM1  . M3L B 2 9  ? 4.831   11.260  -2.587  1.00 42.24  ? 9  M3L P CM1  1 
HETATM 1023 C  CM2  . M3L B 2 9  ? 3.516   10.186  -0.962  1.00 38.55  ? 9  M3L P CM2  1 
HETATM 1024 C  CM3  . M3L B 2 9  ? 2.679   10.376  -3.210  1.00 42.62  ? 9  M3L P CM3  1 
HETATM 1025 H  H    . M3L B 2 9  ? 6.849   4.630   -1.557  1.00 39.02  ? 9  M3L P H    1 
HETATM 1026 H  HA   . M3L B 2 9  ? 4.906   3.866   -3.380  1.00 37.21  ? 9  M3L P HA   1 
HETATM 1027 H  HB2  . M3L B 2 9  ? 6.068   6.542   -2.488  1.00 38.97  ? 9  M3L P HB2  1 
HETATM 1028 H  HB3  . M3L B 2 9  ? 4.561   5.794   -1.966  1.00 38.97  ? 9  M3L P HB3  1 
HETATM 1029 H  HG2  . M3L B 2 9  ? 3.798   5.977   -4.435  1.00 50.81  ? 9  M3L P HG2  1 
HETATM 1030 H  HG3  . M3L B 2 9  ? 5.190   7.029   -4.675  1.00 50.81  ? 9  M3L P HG3  1 
HETATM 1031 H  HD2  . M3L B 2 9  ? 2.911   7.520   -2.699  1.00 45.35  ? 9  M3L P HD2  1 
HETATM 1032 H  HD3  . M3L B 2 9  ? 3.128   8.338   -4.248  1.00 45.35  ? 9  M3L P HD3  1 
HETATM 1033 H  HE2  . M3L B 2 9  ? 5.397   9.130   -3.413  1.00 55.11  ? 9  M3L P HE2  1 
HETATM 1034 H  HE3  . M3L B 2 9  ? 4.990   8.462   -1.838  1.00 55.11  ? 9  M3L P HE3  1 
HETATM 1035 H  HM11 . M3L B 2 9  ? 4.342   12.184  -2.419  1.00 49.87  ? 9  M3L P HM11 1 
HETATM 1036 H  HM12 . M3L B 2 9  ? 5.198   11.230  -3.580  1.00 49.87  ? 9  M3L P HM12 1 
HETATM 1037 H  HM13 . M3L B 2 9  ? 5.638   11.159  -1.909  1.00 49.87  ? 9  M3L P HM13 1 
HETATM 1038 H  HM21 . M3L B 2 9  ? 3.108   11.134  -0.718  1.00 45.44  ? 9  M3L P HM21 1 
HETATM 1039 H  HM22 . M3L B 2 9  ? 4.377   10.011  -0.371  1.00 45.44  ? 9  M3L P HM22 1 
HETATM 1040 H  HM23 . M3L B 2 9  ? 2.796   9.434   -0.770  1.00 45.44  ? 9  M3L P HM23 1 
HETATM 1041 H  HM31 . M3L B 2 9  ? 2.168   11.239  -2.871  1.00 50.32  ? 9  M3L P HM31 1 
HETATM 1042 H  HM32 . M3L B 2 9  ? 2.043   9.534   -3.130  1.00 50.32  ? 9  M3L P HM32 1 
HETATM 1043 H  HM33 . M3L B 2 9  ? 2.964   10.509  -4.220  1.00 50.32  ? 9  M3L P HM33 1 
ATOM   1044 N  N    . SER B 2 10 ? 6.051   3.943   -5.587  1.00 48.87  ? 10 SER P N    1 
ATOM   1045 C  CA   . SER B 2 10 ? 6.523   4.113   -6.962  1.00 64.90  ? 10 SER P CA   1 
ATOM   1046 C  C    . SER B 2 10 ? 6.533   5.583   -7.419  1.00 73.31  ? 10 SER P C    1 
ATOM   1047 O  O    . SER B 2 10 ? 6.628   5.884   -8.616  1.00 73.71  ? 10 SER P O    1 
ATOM   1048 C  CB   . SER B 2 10 ? 5.629   3.298   -7.899  1.00 71.82  ? 10 SER P CB   1 
ATOM   1049 O  OG   . SER B 2 10 ? 5.556   1.945   -7.476  1.00 76.96  ? 10 SER P OG   1 
ATOM   1050 H  H    . SER B 2 10 ? 5.505   3.286   -5.492  1.00 57.83  ? 10 SER P H    1 
ATOM   1051 H  HA   . SER B 2 10 ? 7.436   3.764   -7.033  1.00 77.06  ? 10 SER P HA   1 
ATOM   1052 H  HB2  . SER B 2 10 ? 4.737   3.679   -7.895  1.00 85.36  ? 10 SER P HB2  1 
ATOM   1053 H  HB3  . SER B 2 10 ? 5.999   3.329   -8.794  1.00 85.36  ? 10 SER P HB3  1 
ATOM   1054 H  HG   . SER B 2 10 ? 6.008   1.838   -6.800  1.00 91.53  ? 10 SER P HG   1 
HETATM 1055 C  C    . ACY C 3 .  ? -3.861  16.915  -6.265  1.00 55.27  ? 1  ACY A C    1 
HETATM 1056 O  O    . ACY C 3 .  ? -2.826  16.232  -6.147  1.00 62.68  ? 1  ACY A O    1 
HETATM 1057 O  OXT  . ACY C 3 .  ? -4.615  17.171  -5.305  1.00 46.74  ? 1  ACY A OXT  1 
HETATM 1058 C  CH3  . ACY C 3 .  ? -4.209  17.428  -7.629  1.00 58.24  ? 1  ACY A CH3  1 
HETATM 1059 H  H1   . ACY C 3 .  ? -3.455  17.101  -8.345  1.00 69.07  ? 1  ACY A H1   1 
HETATM 1060 H  H2   . ACY C 3 .  ? -4.242  18.518  -7.610  1.00 69.07  ? 1  ACY A H2   1 
HETATM 1061 H  H3   . ACY C 3 .  ? -5.183  17.040  -7.925  1.00 69.07  ? 1  ACY A H3   1 
HETATM 1062 ZN ZN   . ZN  D 4 .  ? -0.467  15.947  -2.882  1.00 50.86  ? 76 ZN  A ZN   1 
HETATM 1063 ZN ZN   . ZN  E 4 .  ? -0.281  15.663  -5.640  0.89 80.74  ? 2  ZN  A ZN   1 
HETATM 1064 ZN ZN   . ZN  F 4 .  ? -8.929  -8.292  -0.274  0.84 91.16  ? 3  ZN  A ZN   1 
HETATM 1065 ZN ZN   . ZN  G 4 .  ? 17.234  2.921   5.421   0.83 126.72 ? 4  ZN  A ZN   1 
HETATM 1066 O  O    . HOH H 5 .  ? 5.648   -7.581  -5.289  1.00 44.48  ? 5  HOH A O    1 
HETATM 1067 O  O    . HOH H 5 .  ? -3.761  12.027  6.637   1.00 63.76  ? 6  HOH A O    1 
HETATM 1068 O  O    . HOH H 5 .  ? 3.084   9.346   3.873   1.00 41.25  ? 8  HOH A O    1 
HETATM 1069 O  O    . HOH H 5 .  ? 8.662   13.556  -2.169  1.00 56.06  ? 9  HOH A O    1 
HETATM 1070 O  O    . HOH H 5 .  ? -10.726 -13.710 7.983   1.00 58.50  ? 10 HOH A O    1 
HETATM 1071 O  O    . HOH H 5 .  ? -10.531 -4.656  -3.888  0.96 48.10  ? 12 HOH A O    1 
HETATM 1072 O  O    . HOH H 5 .  ? -2.473  9.598   -0.595  1.00 32.69  ? 77 HOH A O    1 
HETATM 1073 O  O    . HOH H 5 .  ? -0.764  4.002   -9.524  1.00 37.36  ? 78 HOH A O    1 
HETATM 1074 O  O    . HOH H 5 .  ? -7.816  -1.107  -10.823 1.00 39.38  ? 79 HOH A O    1 
HETATM 1075 O  O    . HOH H 5 .  ? 1.309   4.851   9.836   1.00 54.76  ? 80 HOH A O    1 
HETATM 1076 O  O    . HOH H 5 .  ? 5.354   -7.092  2.108   1.00 67.28  ? 81 HOH A O    1 
HETATM 1077 O  O    . HOH H 5 .  ? 4.450   -3.470  10.706  1.00 56.87  ? 82 HOH A O    1 
HETATM 1078 O  O    . HOH H 5 .  ? 5.298   -13.181 -10.521 1.00 52.63  ? 83 HOH A O    1 
HETATM 1079 O  O    . HOH H 5 .  ? -3.034  -12.855 -1.584  1.00 62.34  ? 84 HOH A O    1 
HETATM 1080 O  O    . HOH H 5 .  ? -0.206  -12.802 -0.540  1.00 58.86  ? 85 HOH A O    1 
HETATM 1081 O  O    . HOH H 5 .  ? -4.546  7.268   -8.158  0.96 35.88  ? 86 HOH A O    1 
HETATM 1082 O  O    . HOH H 5 .  ? 2.976   -10.138 2.276   1.00 68.68  ? 87 HOH A O    1 
HETATM 1083 O  O    . HOH H 5 .  ? -8.204  -7.915  -9.893  0.81 42.77  ? 88 HOH A O    1 
HETATM 1084 O  O    . HOH H 5 .  ? 6.732   -2.415  10.204  1.00 65.34  ? 89 HOH A O    1 
HETATM 1085 O  O    . HOH H 5 .  ? 1.619   -10.768 -4.600  1.00 48.66  ? 90 HOH A O    1 
HETATM 1086 O  O    . HOH H 5 .  ? 4.924   -10.361 -4.284  1.00 48.82  ? 91 HOH A O    1 
HETATM 1087 O  O    . HOH H 5 .  ? -4.474  -9.440  -1.312  1.00 42.68  ? 92 HOH A O    1 
HETATM 1088 O  O    . HOH H 5 .  ? -10.245 -0.253  3.994   0.93 51.83  ? 93 HOH A O    1 
HETATM 1089 O  O    . HOH H 5 .  ? -8.460  6.725   5.848   1.00 66.54  ? 94 HOH A O    1 
HETATM 1090 O  O    . HOH H 5 .  ? -1.608  0.625   14.384  1.00 63.05  ? 95 HOH A O    1 
HETATM 1091 O  O    . HOH H 5 .  ? -2.825  5.842   -9.561  1.00 60.32  ? 96 HOH A O    1 
HETATM 1092 O  O    . HOH H 5 .  ? -6.259  4.506   -10.349 1.00 42.67  ? 97 HOH A O    1 
HETATM 1093 O  O    . HOH I 5 .  ? 7.809   8.584   -5.734  1.00 67.85  ? 26 HOH P O    1 
HETATM 1094 O  O    . HOH I 5 .  ? 9.729   5.469   -9.940  1.00 65.97  ? 56 HOH P O    1 
# 
loop_
_atom_site_anisotrop.id 
_atom_site_anisotrop.type_symbol 
_atom_site_anisotrop.pdbx_label_atom_id 
_atom_site_anisotrop.pdbx_label_alt_id 
_atom_site_anisotrop.pdbx_label_comp_id 
_atom_site_anisotrop.pdbx_label_asym_id 
_atom_site_anisotrop.pdbx_label_seq_id 
_atom_site_anisotrop.pdbx_PDB_ins_code 
_atom_site_anisotrop.U[1][1] 
_atom_site_anisotrop.U[2][2] 
_atom_site_anisotrop.U[3][3] 
_atom_site_anisotrop.U[1][2] 
_atom_site_anisotrop.U[1][3] 
_atom_site_anisotrop.U[2][3] 
_atom_site_anisotrop.pdbx_auth_seq_id 
_atom_site_anisotrop.pdbx_auth_comp_id 
_atom_site_anisotrop.pdbx_auth_asym_id 
_atom_site_anisotrop.pdbx_auth_atom_id 
1    N  N   . ALA A 5  ? 0.6596 0.5497 1.0229 0.0208  -0.1322 -0.0540 19 ALA A N   
2    C  CA  . ALA A 5  ? 0.8669 0.7552 1.2380 0.0185  -0.1076 -0.0631 19 ALA A CA  
3    C  C   . ALA A 5  ? 0.9008 0.7797 1.2245 0.0228  -0.0848 -0.0634 19 ALA A C   
4    O  O   . ALA A 5  ? 0.9719 0.8392 1.2553 0.0224  -0.0827 -0.0659 19 ALA A O   
5    C  CB  . ALA A 5  ? 0.9232 0.8235 1.3566 0.0181  -0.0933 -0.0655 19 ALA A CB  
10   N  N   . ASP A 6  ? 0.8794 0.7622 1.2091 0.0262  -0.0677 -0.0601 20 ASP A N   
11   C  CA  . ASP A 6  ? 0.7827 0.6599 1.0700 0.0289  -0.0509 -0.0573 20 ASP A CA  
12   C  C   . ASP A 6  ? 0.5858 0.4637 0.8380 0.0332  -0.0625 -0.0490 20 ASP A C   
13   O  O   . ASP A 6  ? 0.6710 0.5503 0.9029 0.0349  -0.0516 -0.0439 20 ASP A O   
14   C  CB  . ASP A 6  ? 0.8638 0.7405 1.1654 0.0269  -0.0282 -0.0572 20 ASP A CB  
15   C  CG  . ASP A 6  ? 0.9801 0.8474 1.2831 0.0224  -0.0083 -0.0644 20 ASP A CG  
16   O  OD1 . ASP A 6  ? 1.0097 0.8713 1.2911 0.0230  -0.0092 -0.0671 20 ASP A OD1 
17   O  OD2 . ASP A 6  ? 1.0007 0.8627 1.3234 0.0176  0.0102  -0.0672 20 ASP A OD2 
22   N  N   . VAL A 7  ? 0.5286 0.4033 0.7719 0.0332  -0.0848 -0.0478 21 VAL A N   
23   C  CA  . VAL A 7  ? 0.5068 0.3783 0.7175 0.0358  -0.0961 -0.0406 21 VAL A CA  
24   C  C   . VAL A 7  ? 0.5436 0.4022 0.7077 0.0360  -0.0978 -0.0418 21 VAL A C   
25   O  O   . VAL A 7  ? 0.5955 0.4441 0.7550 0.0320  -0.1067 -0.0472 21 VAL A O   
26   C  CB  . VAL A 7  ? 0.5494 0.4218 0.7816 0.0345  -0.1212 -0.0363 21 VAL A CB  
27   C  CG1 . VAL A 7  ? 0.5091 0.3688 0.6959 0.0344  -0.1377 -0.0308 21 VAL A CG1 
28   C  CG2 . VAL A 7  ? 0.4417 0.3239 0.7108 0.0374  -0.1142 -0.0320 21 VAL A CG2 
38   N  N   . TYR A 8  ? 0.5343 0.3922 0.6646 0.0398  -0.0880 -0.0369 22 TYR A N   
39   C  CA  . TYR A 8  ? 0.5821 0.4270 0.6717 0.0414  -0.0836 -0.0378 22 TYR A CA  
40   C  C   . TYR A 8  ? 0.5865 0.4250 0.6413 0.0424  -0.0876 -0.0319 22 TYR A C   
41   O  O   . TYR A 8  ? 0.5717 0.4184 0.6321 0.0424  -0.0914 -0.0263 22 TYR A O   
42   C  CB  . TYR A 8  ? 0.5002 0.3508 0.5863 0.0462  -0.0611 -0.0374 22 TYR A CB  
43   C  CG  . TYR A 8  ? 0.5660 0.4180 0.6794 0.0444  -0.0539 -0.0436 22 TYR A CG  
44   C  CD1 . TYR A 8  ? 0.6314 0.4694 0.7352 0.0440  -0.0500 -0.0500 22 TYR A CD1 
45   C  CD2 . TYR A 8  ? 0.5203 0.3837 0.6658 0.0421  -0.0484 -0.0436 22 TYR A CD2 
46   C  CE1 . TYR A 8  ? 0.6203 0.4573 0.7473 0.0414  -0.0421 -0.0561 22 TYR A CE1 
47   C  CE2 . TYR A 8  ? 0.5672 0.4283 0.7352 0.0393  -0.0390 -0.0498 22 TYR A CE2 
48   C  CZ  . TYR A 8  ? 0.6997 0.5487 0.8591 0.0390  -0.0366 -0.0560 22 TYR A CZ  
49   O  OH  . TYR A 8  ? 0.7820 0.6269 0.9627 0.0351  -0.0262 -0.0626 22 TYR A OH  
59   N  N   . GLU A 9  ? 0.5276 0.3484 0.5447 0.0425  -0.0845 -0.0335 23 GLU A N   
60   C  CA  . GLU A 9  ? 0.6000 0.4104 0.5800 0.0426  -0.0840 -0.0291 23 GLU A CA  
61   C  C   . GLU A 9  ? 0.5648 0.3940 0.5463 0.0488  -0.0641 -0.0226 23 GLU A C   
62   O  O   . GLU A 9  ? 0.5314 0.3704 0.5223 0.0540  -0.0479 -0.0219 23 GLU A O   
63   C  CB  . GLU A 9  ? 0.6988 0.4798 0.6373 0.0399  -0.0817 -0.0339 23 GLU A CB  
64   C  CG  . GLU A 9  ? 0.7988 0.5599 0.6931 0.0370  -0.0821 -0.0310 23 GLU A CG  
65   C  CD  . GLU A 9  ? 0.9078 0.6308 0.7550 0.0314  -0.0788 -0.0373 23 GLU A CD  
66   O  OE1 . GLU A 9  ? 0.9690 0.6806 0.8177 0.0286  -0.0806 -0.0438 23 GLU A OE1 
67   O  OE2 . GLU A 9  ? 0.7972 0.4983 0.6028 0.0286  -0.0727 -0.0361 23 GLU A OE2 
74   N  N   . VAL A 10 ? 0.5982 0.4324 0.5712 0.0472  -0.0670 -0.0168 24 VAL A N   
75   C  CA  . VAL A 10 ? 0.6227 0.4732 0.5918 0.0501  -0.0511 -0.0098 24 VAL A CA  
76   C  C   . VAL A 10 ? 0.6883 0.5255 0.6230 0.0519  -0.0397 -0.0088 24 VAL A C   
77   O  O   . VAL A 10 ? 0.7997 0.6137 0.7028 0.0474  -0.0473 -0.0107 24 VAL A O   
78   C  CB  . VAL A 10 ? 0.5953 0.4534 0.5680 0.0457  -0.0582 -0.0047 24 VAL A CB  
79   C  CG1 . VAL A 10 ? 0.5418 0.4135 0.5029 0.0454  -0.0442 0.0025  24 VAL A CG1 
80   C  CG2 . VAL A 10 ? 0.4832 0.3541 0.4920 0.0443  -0.0621 -0.0051 24 VAL A CG2 
90   N  N   . GLU A 11 ? 0.5165 0.3659 0.4570 0.0584  -0.0207 -0.0053 25 GLU A N   
91   C  CA  . GLU A 11 ? 0.5550 0.3956 0.4706 0.0612  -0.0045 -0.0031 25 GLU A CA  
92   C  C   . GLU A 11 ? 0.5269 0.3842 0.4412 0.0582  -0.0005 0.0047  25 GLU A C   
93   O  O   . GLU A 11 ? 0.5166 0.3572 0.4009 0.0550  0.0044  0.0043  25 GLU A O   
94   C  CB  . GLU A 11 ? 0.5367 0.3839 0.4642 0.0710  0.0156  -0.0007 25 GLU A CB  
95   C  CG  . GLU A 11 ? 0.5923 0.4325 0.5021 0.0752  0.0367  0.0027  25 GLU A CG  
96   C  CD  . GLU A 11 ? 0.7375 0.5844 0.6645 0.0874  0.0584  0.0070  25 GLU A CD  
97   O  OE1 . GLU A 11 ? 0.7395 0.5951 0.6711 0.0932  0.0780  0.0139  25 GLU A OE1 
98   O  OE2 . GLU A 11 ? 0.5599 0.4023 0.4972 0.0914  0.0569  0.0039  25 GLU A OE2 
105  N  N   . ASP A 12 ? 0.5062 0.3929 0.4486 0.0572  -0.0016 0.0113  26 ASP A N   
106  C  CA  . ASP A 12 ? 0.5032 0.4066 0.4440 0.0524  0.0032  0.0188  26 ASP A CA  
107  C  C   . ASP A 12 ? 0.3443 0.2725 0.3095 0.0474  -0.0019 0.0246  26 ASP A C   
108  O  O   . ASP A 12 ? 0.4118 0.3477 0.3977 0.0494  -0.0042 0.0243  26 ASP A O   
109  C  CB  . ASP A 12 ? 0.6334 0.5493 0.5771 0.0579  0.0234  0.0253  26 ASP A CB  
110  C  CG  . ASP A 12 ? 0.8560 0.7781 0.7873 0.0513  0.0299  0.0302  26 ASP A CG  
111  O  OD1 . ASP A 12 ? 0.8796 0.7963 0.7978 0.0424  0.0183  0.0292  26 ASP A OD1 
112  O  OD2 . ASP A 12 ? 0.8940 0.8255 0.8295 0.0552  0.0480  0.0352  26 ASP A OD2 
117  N  N   . ILE A 13 ? 0.4424 0.3791 0.4011 0.0394  -0.0022 0.0295  27 ILE A N   
118  C  CA  . ILE A 13 ? 0.4552 0.4143 0.4308 0.0317  -0.0032 0.0363  27 ILE A CA  
119  C  C   . ILE A 13 ? 0.4763 0.4631 0.4625 0.0301  0.0075  0.0472  27 ILE A C   
120  O  O   . ILE A 13 ? 0.5603 0.5479 0.5351 0.0297  0.0155  0.0493  27 ILE A O   
121  C  CB  . ILE A 13 ? 0.4128 0.3616 0.3739 0.0219  -0.0104 0.0352  27 ILE A CB  
122  C  CG1 . ILE A 13 ? 0.5284 0.4543 0.4896 0.0244  -0.0226 0.0268  27 ILE A CG1 
123  C  CG2 . ILE A 13 ? 0.3281 0.2952 0.2988 0.0109  -0.0085 0.0421  27 ILE A CG2 
124  C  CD1 . ILE A 13 ? 0.3846 0.2968 0.3339 0.0177  -0.0293 0.0264  27 ILE A CD1 
136  N  N   . LEU A 14 ? 0.4770 0.4855 0.4852 0.0281  0.0074  0.0547  28 LEU A N   
137  C  CA  . LEU A 14 ? 0.5091 0.5488 0.5362 0.0274  0.0142  0.0680  28 LEU A CA  
138  C  C   . LEU A 14 ? 0.4540 0.5127 0.4825 0.0108  0.0090  0.0769  28 LEU A C   
139  O  O   . LEU A 14 ? 0.4829 0.5669 0.5230 0.0065  0.0128  0.0876  28 LEU A O   
140  C  CB  . LEU A 14 ? 0.3737 0.4246 0.4244 0.0371  0.0158  0.0734  28 LEU A CB  
141  C  CG  . LEU A 14 ? 0.5173 0.5576 0.5728 0.0539  0.0263  0.0696  28 LEU A CG  
142  C  CD1 . LEU A 14 ? 0.5746 0.6189 0.6280 0.0588  0.0407  0.0720  28 LEU A CD1 
143  C  CD2 . LEU A 14 ? 0.5629 0.5704 0.6004 0.0578  0.0224  0.0549  28 LEU A CD2 
155  N  N   . ALA A 15 ? 0.5067 0.5520 0.5240 0.0007  0.0012  0.0728  29 ALA A N   
156  C  CA  . ALA A 15 ? 0.3774 0.4329 0.3879 -0.0179 -0.0026 0.0800  29 ALA A CA  
157  C  C   . ALA A 15 ? 0.4326 0.4603 0.4243 -0.0265 -0.0055 0.0709  29 ALA A C   
158  O  O   . ALA A 15 ? 0.4728 0.4796 0.4651 -0.0170 -0.0063 0.0607  29 ALA A O   
159  C  CB  . ALA A 15 ? 0.4267 0.5058 0.4551 -0.0231 -0.0071 0.0929  29 ALA A CB  
165  N  N   . ASP A 16 ? 0.4505 0.4770 0.4269 -0.0447 -0.0062 0.0746  30 ASP A N   
166  C  CA  . ASP A 16 ? 0.5207 0.5189 0.4810 -0.0537 -0.0052 0.0672  30 ASP A CA  
167  C  C   . ASP A 16 ? 0.5860 0.5833 0.5313 -0.0761 -0.0052 0.0737  30 ASP A C   
168  O  O   . ASP A 16 ? 0.5671 0.5871 0.5107 -0.0878 -0.0088 0.0849  30 ASP A O   
169  C  CB  . ASP A 16 ? 0.4273 0.4046 0.3716 -0.0525 -0.0029 0.0598  30 ASP A CB  
170  C  CG  . ASP A 16 ? 0.4632 0.4479 0.3890 -0.0660 -0.0006 0.0657  30 ASP A CG  
171  O  OD1 . ASP A 16 ? 0.6063 0.5973 0.5223 -0.0843 0.0001  0.0722  30 ASP A OD1 
172  O  OD2 . ASP A 16 ? 0.6314 0.6127 0.5494 -0.0600 0.0006  0.0636  30 ASP A OD2 
177  N  N   . ARG A 17 ? 0.5167 0.4858 0.4510 -0.0828 -0.0005 0.0668  31 ARG A N   
178  C  CA  . ARG A 17 ? 0.5245 0.4810 0.4357 -0.1062 0.0021  0.0708  31 ARG A CA  
179  C  C   . ARG A 17 ? 0.5195 0.4366 0.4157 -0.1114 0.0139  0.0599  31 ARG A C   
180  O  O   . ARG A 17 ? 0.6148 0.5192 0.5269 -0.0953 0.0174  0.0507  31 ARG A O   
181  C  CB  . ARG A 17 ? 0.4444 0.4079 0.3617 -0.1095 -0.0026 0.0768  31 ARG A CB  
182  C  CG  . ARG A 17 ? 0.4742 0.4196 0.4059 -0.0954 0.0026  0.0666  31 ARG A CG  
183  C  CD  . ARG A 17 ? 0.4712 0.4195 0.4044 -0.0991 -0.0014 0.0726  31 ARG A CD  
184  N  NE  . ARG A 17 ? 0.5067 0.4346 0.4515 -0.0882 0.0059  0.0618  31 ARG A NE  
185  C  CZ  . ARG A 17 ? 0.6451 0.5729 0.5961 -0.0849 0.0039  0.0642  31 ARG A CZ  
186  N  NH1 . ARG A 17 ? 0.6856 0.6338 0.6340 -0.0901 -0.0070 0.0787  31 ARG A NH1 
187  N  NH2 . ARG A 17 ? 0.6310 0.5389 0.5926 -0.0765 0.0123  0.0531  31 ARG A NH2 
201  N  N   . VAL A 18 ? 0.4960 0.3932 0.3622 -0.1349 0.0204  0.0618  32 VAL A N   
202  C  CA  . VAL A 18 ? 0.6271 0.4828 0.4788 -0.1417 0.0361  0.0523  32 VAL A CA  
203  C  C   . VAL A 18 ? 0.6829 0.5212 0.5263 -0.1522 0.0415  0.0512  32 VAL A C   
204  O  O   . VAL A 18 ? 0.7160 0.5608 0.5390 -0.1703 0.0347  0.0604  32 VAL A O   
205  C  CB  . VAL A 18 ? 0.6426 0.4767 0.4569 -0.1641 0.0445  0.0537  32 VAL A CB  
206  C  CG1 . VAL A 18 ? 0.6146 0.4021 0.4162 -0.1694 0.0651  0.0437  32 VAL A CG1 
207  C  CG2 . VAL A 18 ? 0.7066 0.5568 0.5236 -0.1565 0.0390  0.0557  32 VAL A CG2 
217  N  N   . ASN A 19 ? 0.7244 0.5403 0.5839 -0.1418 0.0531  0.0409  33 ASN A N   
218  C  CA  . ASN A 19 ? 0.7969 0.5893 0.6438 -0.1538 0.0620  0.0385  33 ASN A CA  
219  C  C   . ASN A 19 ? 0.8460 0.5928 0.6511 -0.1801 0.0813  0.0351  33 ASN A C   
220  O  O   . ASN A 19 ? 0.9007 0.6401 0.6824 -0.1913 0.0837  0.0365  33 ASN A O   
221  C  CB  . ASN A 19 ? 0.7468 0.5342 0.6297 -0.1335 0.0685  0.0286  33 ASN A CB  
222  C  CG  . ASN A 19 ? 0.8374 0.6037 0.7391 -0.1237 0.0830  0.0185  33 ASN A CG  
223  O  OD1 . ASN A 19 ? 0.9606 0.7037 0.8411 -0.1354 0.0946  0.0175  33 ASN A OD1 
224  N  ND2 . ASN A 19 ? 0.7306 0.5046 0.6735 -0.1027 0.0820  0.0118  33 ASN A ND2 
231  N  N   . LYS A 20 ? 0.9534 0.6705 0.7455 -0.1870 0.0951  0.0271  34 LYS A N   
232  C  CA  . LYS A 20 ? 1.0886 0.7611 0.8338 -0.2087 0.1148  0.0188  34 LYS A CA  
233  C  C   . LYS A 20 ? 1.0283 0.6749 0.7835 -0.1999 0.1379  0.0075  34 LYS A C   
234  O  O   . LYS A 20 ? 1.1055 0.7173 0.8208 -0.2173 0.1545  0.0024  34 LYS A O   
235  C  CB  . LYS A 20 ? 1.2226 0.8675 0.9503 -0.2173 0.1260  0.0128  34 LYS A CB  
236  C  CG  . LYS A 20 ? 1.3282 0.9711 1.1023 -0.1941 0.1401  0.0023  34 LYS A CG  
237  C  CD  . LYS A 20 ? 1.5149 1.1143 1.2640 -0.2057 0.1652  -0.0089 34 LYS A CD  
238  C  CE  . LYS A 20 ? 1.6410 1.2300 1.3444 -0.2276 0.1533  -0.0017 34 LYS A CE  
239  N  NZ  . LYS A 20 ? 1.7051 1.2429 1.3714 -0.2435 0.1796  -0.0129 34 LYS A NZ  
253  N  N   . ASN A 21 ? 0.8568 0.5187 0.6656 -0.1739 0.1389  0.0043  35 ASN A N   
254  C  CA  . ASN A 21 ? 0.8403 0.4824 0.6703 -0.1627 0.1575  -0.0029 35 ASN A CA  
255  C  C   . ASN A 21 ? 0.7887 0.4440 0.6222 -0.1575 0.1463  0.0038  35 ASN A C   
256  O  O   . ASN A 21 ? 0.8708 0.5121 0.7260 -0.1458 0.1572  0.0006  35 ASN A O   
257  C  CB  . ASN A 21 ? 0.9556 0.6076 0.8453 -0.1385 0.1608  -0.0085 35 ASN A CB  
258  C  CG  . ASN A 21 ? 0.9842 0.6185 0.8742 -0.1426 0.1783  -0.0169 35 ASN A CG  
259  O  OD1 . ASN A 21 ? 0.9897 0.5903 0.8341 -0.1631 0.1967  -0.0215 35 ASN A OD1 
260  N  ND2 . ASN A 21 ? 0.9730 0.6265 0.9109 -0.1248 0.1733  -0.0199 35 ASN A ND2 
267  N  N   . GLY A 22 ? 0.7500 0.4322 0.5651 -0.1656 0.1249  0.0140  36 GLY A N   
268  C  CA  . GLY A 22 ? 0.7659 0.4585 0.5768 -0.1638 0.1163  0.0204  36 GLY A CA  
269  C  C   . GLY A 22 ? 0.6929 0.4152 0.5490 -0.1346 0.1010  0.0203  36 GLY A C   
270  O  O   . GLY A 22 ? 0.7011 0.4269 0.5580 -0.1269 0.0957  0.0224  36 GLY A O   
274  N  N   . ILE A 23 ? 0.6152 0.3566 0.5044 -0.1197 0.0929  0.0180  37 ILE A N   
275  C  CA  . ILE A 23 ? 0.6851 0.4518 0.6138 -0.0941 0.0774  0.0171  37 ILE A CA  
276  C  C   . ILE A 23 ? 0.6491 0.4541 0.5761 -0.0894 0.0567  0.0238  37 ILE A C   
277  O  O   . ILE A 23 ? 0.6353 0.4521 0.5545 -0.0973 0.0536  0.0270  37 ILE A O   
278  C  CB  . ILE A 23 ? 0.6006 0.3618 0.5693 -0.0808 0.0834  0.0094  37 ILE A CB  
279  C  CG1 . ILE A 23 ? 0.6879 0.4152 0.6712 -0.0794 0.1039  0.0039  37 ILE A CG1 
280  C  CG2 . ILE A 23 ? 0.5481 0.3385 0.5511 -0.0587 0.0632  0.0094  37 ILE A CG2 
281  C  CD1 . ILE A 23 ? 0.7525 0.4711 0.7779 -0.0699 0.1153  -0.0038 37 ILE A CD1 
293  N  N   . ASN A 24 ? 0.4900 0.3111 0.4231 -0.0772 0.0439  0.0263  38 ASN A N   
294  C  CA  . ASN A 24 ? 0.4916 0.3453 0.4272 -0.0704 0.0285  0.0316  38 ASN A CA  
295  C  C   . ASN A 24 ? 0.4849 0.3521 0.4491 -0.0560 0.0222  0.0282  38 ASN A C   
296  O  O   . ASN A 24 ? 0.5339 0.3921 0.5231 -0.0434 0.0216  0.0218  38 ASN A O   
297  C  CB  . ASN A 24 ? 0.4993 0.3582 0.4323 -0.0604 0.0194  0.0329  38 ASN A CB  
298  C  CG  . ASN A 24 ? 0.6649 0.5160 0.5663 -0.0753 0.0242  0.0374  38 ASN A CG  
299  O  OD1 . ASN A 24 ? 0.6889 0.5473 0.5704 -0.0931 0.0278  0.0425  38 ASN A OD1 
300  N  ND2 . ASN A 24 ? 0.8121 0.6470 0.7072 -0.0695 0.0233  0.0364  38 ASN A ND2 
307  N  N   . GLU A 25 ? 0.4400 0.3288 0.4019 -0.0582 0.0170  0.0334  39 GLU A N   
308  C  CA  . GLU A 25 ? 0.4131 0.3148 0.3978 -0.0445 0.0113  0.0313  39 GLU A CA  
309  C  C   . GLU A 25 ? 0.4226 0.3509 0.4074 -0.0365 0.0017  0.0376  39 GLU A C   
310  O  O   . GLU A 25 ? 0.4674 0.4096 0.4374 -0.0456 0.0007  0.0458  39 GLU A O   
311  C  CB  . GLU A 25 ? 0.4610 0.3584 0.4438 -0.0536 0.0173  0.0322  39 GLU A CB  
312  C  CG  . GLU A 25 ? 0.5468 0.4150 0.5354 -0.0582 0.0304  0.0235  39 GLU A CG  
313  C  CD  . GLU A 25 ? 0.6404 0.4974 0.6159 -0.0717 0.0380  0.0247  39 GLU A CD  
314  O  OE1 . GLU A 25 ? 0.6240 0.4956 0.5827 -0.0801 0.0307  0.0345  39 GLU A OE1 
315  O  OE2 . GLU A 25 ? 0.7519 0.5841 0.7342 -0.0747 0.0513  0.0166  39 GLU A OE2 
322  N  N   . TYR A 26 ? 0.3738 0.3076 0.3757 -0.0203 -0.0038 0.0336  40 TYR A N   
323  C  CA  . TYR A 26 ? 0.3918 0.3428 0.3925 -0.0110 -0.0088 0.0374  40 TYR A CA  
324  C  C   . TYR A 26 ? 0.3599 0.3209 0.3755 -0.0018 -0.0090 0.0379  40 TYR A C   
325  O  O   . TYR A 26 ? 0.3744 0.3241 0.4026 0.0030  -0.0086 0.0310  40 TYR A O   
326  C  CB  . TYR A 26 ? 0.3750 0.3136 0.3726 -0.0015 -0.0148 0.0315  40 TYR A CB  
327  C  CG  . TYR A 26 ? 0.5110 0.4372 0.4925 -0.0096 -0.0145 0.0322  40 TYR A CG  
328  C  CD1 . TYR A 26 ? 0.5384 0.4709 0.4997 -0.0148 -0.0135 0.0375  40 TYR A CD1 
329  C  CD2 . TYR A 26 ? 0.3687 0.2753 0.3565 -0.0123 -0.0128 0.0277  40 TYR A CD2 
330  C  CE1 . TYR A 26 ? 0.4982 0.4162 0.4415 -0.0229 -0.0121 0.0381  40 TYR A CE1 
331  C  CE2 . TYR A 26 ? 0.3481 0.2401 0.3205 -0.0191 -0.0107 0.0290  40 TYR A CE2 
332  C  CZ  . TYR A 26 ? 0.4144 0.3112 0.3623 -0.0247 -0.0109 0.0341  40 TYR A CZ  
333  O  OH  . TYR A 26 ? 0.4573 0.3365 0.3866 -0.0320 -0.0078 0.0352  40 TYR A OH  
343  N  N   . TYR A 27 ? 0.3639 0.3459 0.3800 0.0007  -0.0083 0.0465  41 TYR A N   
344  C  CA  . TYR A 27 ? 0.3312 0.3224 0.3615 0.0103  -0.0069 0.0492  41 TYR A CA  
345  C  C   . TYR A 27 ? 0.2848 0.2692 0.3169 0.0249  -0.0063 0.0428  41 TYR A C   
346  O  O   . TYR A 27 ? 0.3988 0.3889 0.4237 0.0285  -0.0038 0.0453  41 TYR A O   
347  C  CB  . TYR A 27 ? 0.3676 0.3855 0.4034 0.0065  -0.0061 0.0638  41 TYR A CB  
348  C  CG  . TYR A 27 ? 0.4683 0.4935 0.5192 0.0142  -0.0053 0.0693  41 TYR A CG  
349  C  CD1 . TYR A 27 ? 0.4775 0.4857 0.5284 0.0124  -0.0056 0.0641  41 TYR A CD1 
350  C  CD2 . TYR A 27 ? 0.4111 0.4590 0.4777 0.0235  -0.0027 0.0803  41 TYR A CD2 
351  C  CE1 . TYR A 27 ? 0.4938 0.5051 0.5547 0.0192  -0.0048 0.0695  41 TYR A CE1 
352  C  CE2 . TYR A 27 ? 0.4118 0.4641 0.4927 0.0321  -0.0017 0.0866  41 TYR A CE2 
353  C  CZ  . TYR A 27 ? 0.4497 0.4827 0.5252 0.0294  -0.0037 0.0813  41 TYR A CZ  
354  O  OH  . TYR A 27 ? 0.4215 0.4550 0.5075 0.0375  -0.0027 0.0878  41 TYR A OH  
364  N  N   . ILE A 28 ? 0.2768 0.2459 0.3161 0.0316  -0.0074 0.0342  42 ILE A N   
365  C  CA  . ILE A 28 ? 0.3326 0.2880 0.3677 0.0418  -0.0089 0.0264  42 ILE A CA  
366  C  C   . ILE A 28 ? 0.3428 0.3001 0.3828 0.0526  -0.0018 0.0278  42 ILE A C   
367  O  O   . ILE A 28 ? 0.3652 0.3240 0.4170 0.0548  0.0010  0.0288  42 ILE A O   
368  C  CB  . ILE A 28 ? 0.2857 0.2211 0.3267 0.0411  -0.0168 0.0152  42 ILE A CB  
369  C  CG1 . ILE A 28 ? 0.2795 0.2107 0.3193 0.0325  -0.0215 0.0147  42 ILE A CG1 
370  C  CG2 . ILE A 28 ? 0.4001 0.3193 0.4314 0.0480  -0.0221 0.0082  42 ILE A CG2 
371  C  CD1 . ILE A 28 ? 0.3235 0.2554 0.3434 0.0300  -0.0238 0.0187  42 ILE A CD1 
383  N  N   . LYS A 29 ? 0.3733 0.3263 0.4013 0.0590  0.0030  0.0275  43 LYS A N   
384  C  CA  . LYS A 29 ? 0.4502 0.3931 0.4768 0.0696  0.0115  0.0251  43 LYS A CA  
385  C  C   . LYS A 29 ? 0.4534 0.3680 0.4664 0.0695  0.0043  0.0120  43 LYS A C   
386  O  O   . LYS A 29 ? 0.4580 0.3578 0.4515 0.0661  -0.0021 0.0074  43 LYS A O   
387  C  CB  . LYS A 29 ? 0.4930 0.4406 0.5119 0.0754  0.0241  0.0307  43 LYS A CB  
388  C  CG  . LYS A 29 ? 0.5287 0.4601 0.5431 0.0864  0.0371  0.0277  43 LYS A CG  
389  C  CD  . LYS A 29 ? 0.5438 0.4884 0.5824 0.0938  0.0425  0.0349  43 LYS A CD  
390  C  CE  . LYS A 29 ? 0.7479 0.6659 0.7777 0.1014  0.0497  0.0267  43 LYS A CE  
391  N  NZ  . LYS A 29 ? 0.6722 0.5624 0.6751 0.1044  0.0604  0.0191  43 LYS A NZ  
405  N  N   . TRP A 30 ? 0.4362 0.3423 0.4587 0.0720  0.0041  0.0069  44 TRP A N   
406  C  CA  . TRP A 30 ? 0.5210 0.4036 0.5357 0.0697  -0.0050 -0.0047 44 TRP A CA  
407  C  C   . TRP A 30 ? 0.6763 0.5361 0.6678 0.0749  0.0032  -0.0092 44 TRP A C   
408  O  O   . TRP A 30 ? 0.5629 0.4216 0.5572 0.0827  0.0173  -0.0067 44 TRP A O   
409  C  CB  . TRP A 30 ? 0.4126 0.2958 0.4491 0.0678  -0.0071 -0.0089 44 TRP A CB  
410  C  CG  . TRP A 30 ? 0.4900 0.3874 0.5453 0.0607  -0.0121 -0.0065 44 TRP A CG  
411  C  CD1 . TRP A 30 ? 0.4416 0.3527 0.5075 0.0586  -0.0054 0.0004  44 TRP A CD1 
412  C  CD2 . TRP A 30 ? 0.4215 0.3161 0.4843 0.0541  -0.0240 -0.0104 44 TRP A CD2 
413  N  NE1 . TRP A 30 ? 0.4597 0.3733 0.5353 0.0500  -0.0098 -0.0006 44 TRP A NE1 
414  C  CE2 . TRP A 30 ? 0.4047 0.3096 0.4817 0.0484  -0.0201 -0.0070 44 TRP A CE2 
415  C  CE3 . TRP A 30 ? 0.4844 0.3670 0.5424 0.0521  -0.0379 -0.0156 44 TRP A CE3 
416  C  CZ2 . TRP A 30 ? 0.5419 0.4450 0.6310 0.0424  -0.0259 -0.0091 44 TRP A CZ2 
417  C  CZ3 . TRP A 30 ? 0.4926 0.3769 0.5671 0.0472  -0.0471 -0.0161 44 TRP A CZ3 
418  C  CH2 . TRP A 30 ? 0.3993 0.2935 0.4902 0.0433  -0.0392 -0.0132 44 TRP A CH2 
429  N  N   . ALA A 31 ? 0.6475 0.4852 0.6129 0.0698  -0.0053 -0.0152 45 ALA A N   
430  C  CA  . ALA A 31 ? 0.6838 0.4916 0.6180 0.0714  0.0033  -0.0208 45 ALA A CA  
431  C  C   . ALA A 31 ? 0.7260 0.5235 0.6676 0.0746  0.0094  -0.0261 45 ALA A C   
432  O  O   . ALA A 31 ? 0.6156 0.4136 0.5729 0.0694  -0.0033 -0.0315 45 ALA A O   
433  C  CB  . ALA A 31 ? 0.6383 0.4183 0.5410 0.0610  -0.0136 -0.0276 45 ALA A CB  
439  N  N   . GLY A 32 ? 0.7838 0.5711 0.7158 0.0832  0.0304  -0.0243 46 GLY A N   
440  C  CA  . GLY A 32 ? 0.8408 0.6110 0.7724 0.0861  0.0384  -0.0299 46 GLY A CA  
441  C  C   . GLY A 32 ? 0.8449 0.6382 0.8110 0.0926  0.0425  -0.0242 46 GLY A C   
442  O  O   . GLY A 32 ? 0.9571 0.7367 0.9247 0.0936  0.0471  -0.0291 46 GLY A O   
446  N  N   . TYR A 33 ? 0.6943 0.5196 0.6840 0.0952  0.0405  -0.0137 47 TYR A N   
447  C  CA  . TYR A 33 ? 0.6225 0.4668 0.6386 0.0991  0.0432  -0.0065 47 TYR A CA  
448  C  C   . TYR A 33 ? 0.6910 0.5592 0.7198 0.1083  0.0536  0.0088  47 TYR A C   
449  O  O   . TYR A 33 ? 0.6831 0.5613 0.7071 0.1079  0.0545  0.0130  47 TYR A O   
450  C  CB  . TYR A 33 ? 0.5839 0.4422 0.6168 0.0888  0.0274  -0.0088 47 TYR A CB  
451  C  CG  . TYR A 33 ? 0.6798 0.5193 0.7125 0.0811  0.0186  -0.0220 47 TYR A CG  
452  C  CD1 . TYR A 33 ? 0.7233 0.5565 0.7678 0.0802  0.0229  -0.0256 47 TYR A CD1 
453  C  CD2 . TYR A 33 ? 0.7230 0.5507 0.7446 0.0739  0.0054  -0.0300 47 TYR A CD2 
454  C  CE1 . TYR A 33 ? 0.8271 0.6458 0.8763 0.0722  0.0156  -0.0377 47 TYR A CE1 
455  C  CE2 . TYR A 33 ? 0.7829 0.5976 0.8105 0.0661  -0.0050 -0.0404 47 TYR A CE2 
456  C  CZ  . TYR A 33 ? 0.8239 0.6355 0.8675 0.0652  0.0010  -0.0446 47 TYR A CZ  
457  O  OH  . TYR A 33 ? 0.7935 0.5942 0.8475 0.0564  -0.0084 -0.0550 47 TYR A OH  
467  N  N   . ASP A 34 ? 0.6440 0.5207 0.6891 0.1161  0.0614  0.0180  48 ASP A N   
468  C  CA  . ASP A 34 ? 0.6375 0.5394 0.7005 0.1253  0.0697  0.0348  48 ASP A CA  
469  C  C   . ASP A 34 ? 0.5820 0.5145 0.6601 0.1162  0.0559  0.0442  48 ASP A C   
470  O  O   . ASP A 34 ? 0.6259 0.5561 0.7005 0.1046  0.0436  0.0376  48 ASP A O   
471  C  CB  . ASP A 34 ? 0.5334 0.4305 0.6082 0.1387  0.0828  0.0436  48 ASP A CB  
472  C  CG  . ASP A 34 ? 0.5955 0.4886 0.6751 0.1344  0.0749  0.0437  48 ASP A CG  
473  O  OD1 . ASP A 34 ? 0.5554 0.4582 0.6364 0.1216  0.0606  0.0417  48 ASP A OD1 
474  O  OD2 . ASP A 34 ? 0.6346 0.5121 0.7149 0.1439  0.0852  0.0464  48 ASP A OD2 
479  N  N   . TRP A 35 ? 0.4723 0.4321 0.5676 0.1207  0.0592  0.0596  49 TRP A N   
480  C  CA  . TRP A 35 ? 0.4648 0.4529 0.5705 0.1099  0.0467  0.0696  49 TRP A CA  
481  C  C   . TRP A 35 ? 0.5527 0.5448 0.6623 0.1010  0.0353  0.0744  49 TRP A C   
482  O  O   . TRP A 35 ? 0.6010 0.6081 0.7104 0.0879  0.0247  0.0794  49 TRP A O   
483  C  CB  . TRP A 35 ? 0.5010 0.5193 0.6297 0.1168  0.0530  0.0869  49 TRP A CB  
484  C  CG  . TRP A 35 ? 0.5531 0.5700 0.6740 0.1187  0.0630  0.0820  49 TRP A CG  
485  C  CD1 . TRP A 35 ? 0.6060 0.5985 0.7136 0.1284  0.0796  0.0732  49 TRP A CD1 
486  C  CD2 . TRP A 35 ? 0.5274 0.5625 0.6468 0.1085  0.0581  0.0846  49 TRP A CD2 
487  N  NE1 . TRP A 35 ? 0.6096 0.6029 0.7067 0.1248  0.0854  0.0705  49 TRP A NE1 
488  C  CE2 . TRP A 35 ? 0.5188 0.5392 0.6241 0.1132  0.0724  0.0774  49 TRP A CE2 
489  C  CE3 . TRP A 35 ? 0.5104 0.5694 0.6355 0.0945  0.0443  0.0923  49 TRP A CE3 
490  C  CZ2 . TRP A 35 ? 0.6082 0.6383 0.7070 0.1052  0.0732  0.0779  49 TRP A CZ2 
491  C  CZ3 . TRP A 35 ? 0.5923 0.6619 0.7116 0.0866  0.0449  0.0925  49 TRP A CZ3 
492  C  CH2 . TRP A 35 ? 0.6625 0.7183 0.7697 0.0925  0.0593  0.0854  49 TRP A CH2 
503  N  N   . TYR A 36 ? 0.5277 0.5028 0.6369 0.1066  0.0389  0.0729  50 TYR A N   
504  C  CA  . TYR A 36 ? 0.5067 0.4764 0.6124 0.0965  0.0305  0.0751  50 TYR A CA  
505  C  C   . TYR A 36 ? 0.4159 0.3654 0.5071 0.0844  0.0268  0.0574  50 TYR A C   
506  O  O   . TYR A 36 ? 0.4971 0.4384 0.5825 0.0732  0.0225  0.0567  50 TYR A O   
507  C  CB  . TYR A 36 ? 0.7038 0.6597 0.8130 0.1071  0.0371  0.0804  50 TYR A CB  
508  C  CG  . TYR A 36 ? 0.9338 0.9077 1.0639 0.1235  0.0441  0.0975  50 TYR A CG  
509  C  CD1 . TYR A 36 ? 0.9963 0.9978 1.1446 0.1226  0.0347  0.1192  50 TYR A CD1 
510  C  CD2 . TYR A 36 ? 0.9989 0.9617 1.1314 0.1389  0.0604  0.0925  50 TYR A CD2 
511  C  CE1 . TYR A 36 ? 1.0796 1.1014 1.2558 0.1385  0.0412  0.1364  50 TYR A CE1 
512  C  CE2 . TYR A 36 ? 1.0848 1.0630 1.2408 0.1550  0.0708  0.1081  50 TYR A CE2 
513  C  CZ  . TYR A 36 ? 1.1399 1.1502 1.3220 0.1558  0.0610  0.1306  50 TYR A CZ  
514  O  OH  . TYR A 36 ? 1.1528 1.1824 1.3673 0.1730  0.0714  0.1480  50 TYR A OH  
524  N  N   . ASP A 37 ? 0.4332 0.3724 0.5186 0.0863  0.0289  0.0439  51 ASP A N   
525  C  CA  . ASP A 37 ? 0.5607 0.4846 0.6403 0.0764  0.0239  0.0286  51 ASP A CA  
526  C  C   . ASP A 37 ? 0.4469 0.3822 0.5246 0.0667  0.0159  0.0281  51 ASP A C   
527  O  O   . ASP A 37 ? 0.5007 0.4257 0.5786 0.0596  0.0117  0.0175  51 ASP A O   
528  C  CB  . ASP A 37 ? 0.6024 0.5063 0.6757 0.0823  0.0270  0.0154  51 ASP A CB  
529  C  CG  . ASP A 37 ? 0.6069 0.4931 0.6786 0.0894  0.0360  0.0129  51 ASP A CG  
530  O  OD1 . ASP A 37 ? 0.6492 0.5388 0.7256 0.0911  0.0395  0.0223  51 ASP A OD1 
531  O  OD2 . ASP A 37 ? 0.6955 0.5622 0.7587 0.0920  0.0390  0.0021  51 ASP A OD2 
536  N  N   . ASN A 38 ? 0.4319 0.3883 0.5102 0.0671  0.0147  0.0398  52 ASN A N   
537  C  CA  . ASN A 38 ? 0.3270 0.2928 0.4003 0.0579  0.0088  0.0402  52 ASN A CA  
538  C  C   . ASN A 38 ? 0.3677 0.3276 0.4389 0.0439  0.0051  0.0382  52 ASN A C   
539  O  O   . ASN A 38 ? 0.4000 0.3573 0.4715 0.0395  0.0065  0.0431  52 ASN A O   
540  C  CB  . ASN A 38 ? 0.2183 0.2099 0.2953 0.0584  0.0093  0.0548  52 ASN A CB  
541  C  CG  . ASN A 38 ? 0.2676 0.2616 0.3445 0.0702  0.0168  0.0548  52 ASN A CG  
542  O  OD1 . ASN A 38 ? 0.3832 0.3590 0.4554 0.0796  0.0227  0.0465  52 ASN A OD1 
543  N  ND2 . ASN A 38 ? 0.2838 0.2983 0.3634 0.0682  0.0181  0.0637  52 ASN A ND2 
550  N  N   . THR A 39 ? 0.3726 0.3268 0.4398 0.0366  0.0016  0.0312  53 THR A N   
551  C  CA  . THR A 39 ? 0.3506 0.2944 0.4157 0.0233  0.0023  0.0281  53 THR A CA  
552  C  C   . THR A 39 ? 0.3880 0.3364 0.4444 0.0147  -0.0006 0.0301  53 THR A C   
553  O  O   . THR A 39 ? 0.3375 0.2917 0.3913 0.0200  -0.0043 0.0296  53 THR A O   
554  C  CB  . THR A 39 ? 0.5103 0.4333 0.5871 0.0242  0.0049  0.0142  53 THR A CB  
555  O  OG1 . THR A 39 ? 0.3089 0.2287 0.3923 0.0307  -0.0011 0.0065  53 THR A OG1 
556  C  CG2 . THR A 39 ? 0.4292 0.3447 0.5107 0.0301  0.0095  0.0120  53 THR A CG2 
564  N  N   . TRP A 40 ? 0.4966 0.4386 0.5437 0.0000  0.0023  0.0326  54 TRP A N   
565  C  CA  . TRP A 40 ? 0.5359 0.4741 0.5727 -0.0099 0.0025  0.0322  54 TRP A CA  
566  C  C   . TRP A 40 ? 0.5671 0.4848 0.6153 -0.0084 0.0060  0.0201  54 TRP A C   
567  O  O   . TRP A 40 ? 0.4731 0.3754 0.5296 -0.0116 0.0134  0.0140  54 TRP A O   
568  C  CB  . TRP A 40 ? 0.5105 0.4453 0.5284 -0.0285 0.0057  0.0398  54 TRP A CB  
569  C  CG  . TRP A 40 ? 0.4913 0.4507 0.5029 -0.0316 -0.0013 0.0543  54 TRP A CG  
570  C  CD1 . TRP A 40 ? 0.4188 0.3879 0.4337 -0.0306 -0.0046 0.0636  54 TRP A CD1 
571  C  CD2 . TRP A 40 ? 0.3941 0.3731 0.3998 -0.0357 -0.0058 0.0626  54 TRP A CD2 
572  N  NE1 . TRP A 40 ? 0.4223 0.4188 0.4386 -0.0331 -0.0120 0.0780  54 TRP A NE1 
573  C  CE2 . TRP A 40 ? 0.3356 0.3393 0.3468 -0.0368 -0.0120 0.0770  54 TRP A CE2 
574  C  CE3 . TRP A 40 ? 0.3154 0.2933 0.3134 -0.0383 -0.0051 0.0595  54 TRP A CE3 
575  C  CZ2 . TRP A 40 ? 0.2614 0.2910 0.2740 -0.0413 -0.0166 0.0881  54 TRP A CZ2 
576  C  CZ3 . TRP A 40 ? 0.3854 0.3854 0.3788 -0.0436 -0.0087 0.0694  54 TRP A CZ3 
577  C  CH2 . TRP A 40 ? 0.4143 0.4412 0.4167 -0.0455 -0.0140 0.0834  54 TRP A CH2 
588  N  N   . GLU A 41 ? 0.4329 0.3500 0.4833 -0.0038 0.0011  0.0175  55 GLU A N   
589  C  CA  . GLU A 41 ? 0.4026 0.3033 0.4702 -0.0012 0.0020  0.0086  55 GLU A CA  
590  C  C   . GLU A 41 ? 0.3940 0.2860 0.4508 -0.0087 0.0046  0.0106  55 GLU A C   
591  O  O   . GLU A 41 ? 0.2910 0.1915 0.3292 -0.0104 -0.0002 0.0166  55 GLU A O   
592  C  CB  . GLU A 41 ? 0.3559 0.2585 0.4382 0.0122  -0.0097 0.0038  55 GLU A CB  
593  C  CG  . GLU A 41 ? 0.3349 0.2419 0.4255 0.0202  -0.0119 0.0005  55 GLU A CG  
594  C  CD  . GLU A 41 ? 0.4880 0.3867 0.5942 0.0167  -0.0022 -0.0047 55 GLU A CD  
595  O  OE1 . GLU A 41 ? 0.4455 0.3329 0.5613 0.0095  0.0060  -0.0077 55 GLU A OE1 
596  O  OE2 . GLU A 41 ? 0.4263 0.3267 0.5331 0.0207  -0.0007 -0.0058 55 GLU A OE2 
603  N  N   . PRO A 42 ? 0.4351 0.3084 0.5049 -0.0130 0.0141  0.0054  56 PRO A N   
604  C  CA  . PRO A 42 ? 0.4212 0.2812 0.4829 -0.0183 0.0185  0.0068  56 PRO A CA  
605  C  C   . PRO A 42 ? 0.3753 0.2390 0.4443 -0.0066 0.0040  0.0076  56 PRO A C   
606  O  O   . PRO A 42 ? 0.4121 0.2826 0.4995 0.0047  -0.0077 0.0047  56 PRO A O   
607  C  CB  . PRO A 42 ? 0.4927 0.3307 0.5762 -0.0214 0.0341  0.0000  56 PRO A CB  
608  C  CG  . PRO A 42 ? 0.4797 0.3241 0.5943 -0.0119 0.0309  -0.0061 56 PRO A CG  
609  C  CD  . PRO A 42 ? 0.4882 0.3497 0.5829 -0.0124 0.0236  -0.0023 56 PRO A CD  
617  N  N   . GLU A 43 ? 0.3931 0.2490 0.4435 -0.0108 0.0043  0.0117  57 GLU A N   
618  C  CA  . GLU A 43 ? 0.5233 0.3777 0.5723 -0.0018 -0.0100 0.0138  57 GLU A CA  
619  C  C   . GLU A 43 ? 0.5403 0.3892 0.6247 0.0107  -0.0209 0.0104  57 GLU A C   
620  O  O   . GLU A 43 ? 0.6032 0.4555 0.6863 0.0187  -0.0385 0.0114  57 GLU A O   
621  C  CB  . GLU A 43 ? 0.5819 0.4213 0.6087 -0.0092 -0.0039 0.0179  57 GLU A CB  
622  C  CG  . GLU A 43 ? 0.6350 0.4693 0.6524 -0.0017 -0.0186 0.0211  57 GLU A CG  
623  C  CD  . GLU A 43 ? 0.6485 0.4761 0.6290 -0.0115 -0.0137 0.0260  57 GLU A CD  
624  O  OE1 . GLU A 43 ? 0.6531 0.4672 0.6220 -0.0075 -0.0220 0.0290  57 GLU A OE1 
625  O  OE2 . GLU A 43 ? 0.7030 0.5379 0.6651 -0.0245 -0.0027 0.0275  57 GLU A OE2 
632  N  N   . GLN A 44 ? 0.5353 0.3746 0.6512 0.0112  -0.0105 0.0067  58 GLN A N   
633  C  CA  . GLN A 44 ? 0.6039 0.4426 0.7627 0.0224  -0.0216 0.0048  58 GLN A CA  
634  C  C   . GLN A 44 ? 0.5379 0.3914 0.7092 0.0282  -0.0362 0.0010  58 GLN A C   
635  O  O   . GLN A 44 ? 0.3949 0.2501 0.5859 0.0360  -0.0555 0.0020  58 GLN A O   
636  C  CB  . GLN A 44 ? 0.7356 0.5628 0.9308 0.0212  -0.0025 0.0009  58 GLN A CB  
637  C  CG  . GLN A 44 ? 0.9131 0.7423 1.1118 0.0142  0.0136  -0.0059 58 GLN A CG  
638  C  CD  . GLN A 44 ? 0.9827 0.7948 1.2126 0.0108  0.0377  -0.0108 58 GLN A CD  
639  O  OE1 . GLN A 44 ? 0.8639 0.6696 1.1335 0.0187  0.0391  -0.0098 58 GLN A OE1 
640  N  NE2 . GLN A 44 ? 0.9461 0.7485 1.1584 -0.0011 0.0574  -0.0155 58 GLN A NE2 
649  N  N   . ASN A 45 ? 0.3946 0.2567 0.5529 0.0238  -0.0283 -0.0024 59 ASN A N   
650  C  CA  . ASN A 45 ? 0.3162 0.1878 0.4840 0.0289  -0.0391 -0.0064 59 ASN A CA  
651  C  C   . ASN A 45 ? 0.3201 0.1940 0.4621 0.0332  -0.0579 -0.0033 59 ASN A C   
652  O  O   . ASN A 45 ? 0.4222 0.2987 0.5664 0.0367  -0.0683 -0.0066 59 ASN A O   
653  C  CB  . ASN A 45 ? 0.4068 0.2843 0.5645 0.0242  -0.0257 -0.0095 59 ASN A CB  
654  C  CG  . ASN A 45 ? 0.5165 0.3870 0.7015 0.0200  -0.0093 -0.0152 59 ASN A CG  
655  O  OD1 . ASN A 45 ? 0.5592 0.4213 0.7736 0.0206  -0.0042 -0.0170 59 ASN A OD1 
656  N  ND2 . ASN A 45 ? 0.4476 0.3196 0.6240 0.0160  0.0002  -0.0178 59 ASN A ND2 
663  N  N   . LEU A 46 ? 0.2656 0.1350 0.3791 0.0314  -0.0602 0.0024  60 LEU A N   
664  C  CA  . LEU A 46 ? 0.3718 0.2381 0.4535 0.0335  -0.0738 0.0050  60 LEU A CA  
665  C  C   . LEU A 46 ? 0.5483 0.4011 0.6343 0.0373  -0.0947 0.0079  60 LEU A C   
666  O  O   . LEU A 46 ? 0.4939 0.3363 0.5464 0.0367  -0.1046 0.0113  60 LEU A O   
667  C  CB  . LEU A 46 ? 0.4790 0.3479 0.5245 0.0280  -0.0637 0.0097  60 LEU A CB  
668  C  CG  . LEU A 46 ? 0.5503 0.4345 0.5837 0.0263  -0.0524 0.0097  60 LEU A CG  
669  C  CD1 . LEU A 46 ? 0.4249 0.3174 0.4825 0.0250  -0.0421 0.0065  60 LEU A CD1 
670  C  CD2 . LEU A 46 ? 0.4117 0.3031 0.4193 0.0194  -0.0429 0.0159  60 LEU A CD2 
682  N  N   . PHE A 47 ? 0.4781 0.3304 0.6062 0.0408  -0.1011 0.0071  61 PHE A N   
683  C  CA  . PHE A 47 ? 0.5877 0.4301 0.7295 0.0450  -0.1242 0.0122  61 PHE A CA  
684  C  C   . PHE A 47 ? 0.6046 0.4381 0.7181 0.0441  -0.1469 0.0125  61 PHE A C   
685  O  O   . PHE A 47 ? 0.6467 0.4654 0.7449 0.0443  -0.1668 0.0187  61 PHE A O   
686  C  CB  . PHE A 47 ? 0.5119 0.3614 0.7140 0.0492  -0.1267 0.0110  61 PHE A CB  
687  C  CG  . PHE A 47 ? 0.5055 0.3663 0.7285 0.0481  -0.1267 0.0033  61 PHE A CG  
688  C  CD1 . PHE A 47 ? 0.4777 0.3467 0.7190 0.0462  -0.1029 -0.0033 61 PHE A CD1 
689  C  CD2 . PHE A 47 ? 0.4278 0.2869 0.6473 0.0475  -0.1501 0.0026  61 PHE A CD2 
690  C  CE1 . PHE A 47 ? 0.4199 0.2962 0.6775 0.0449  -0.1018 -0.0104 61 PHE A CE1 
691  C  CE2 . PHE A 47 ? 0.4344 0.3015 0.6712 0.0454  -0.1489 -0.0050 61 PHE A CE2 
692  C  CZ  . PHE A 47 ? 0.3596 0.2356 0.6164 0.0448  -0.1244 -0.0115 61 PHE A CZ  
702  N  N   . GLY A 48 ? 0.5532 0.3917 0.6559 0.0421  -0.1433 0.0060  62 GLY A N   
703  C  CA  . GLY A 48 ? 0.5523 0.3767 0.6231 0.0392  -0.1611 0.0048  62 GLY A CA  
704  C  C   . GLY A 48 ? 0.5723 0.3848 0.5869 0.0362  -0.1525 0.0049  62 GLY A C   
705  O  O   . GLY A 48 ? 0.5476 0.3419 0.5278 0.0325  -0.1631 0.0033  62 GLY A O   
709  N  N   . ALA A 49 ? 0.5903 0.4108 0.5949 0.0364  -0.1331 0.0070  63 ALA A N   
710  C  CA  . ALA A 49 ? 0.7140 0.5316 0.6776 0.0340  -0.1189 0.0069  63 ALA A CA  
711  C  C   . ALA A 49 ? 0.7227 0.5317 0.6601 0.0309  -0.1162 0.0128  63 ALA A C   
712  O  O   . ALA A 49 ? 0.5736 0.3926 0.4974 0.0285  -0.0981 0.0142  63 ALA A O   
713  C  CB  . ALA A 49 ? 0.6045 0.4448 0.5831 0.0356  -0.0965 0.0046  63 ALA A CB  
719  N  N   . GLU A 50 ? 0.6244 0.4151 0.5556 0.0303  -0.1353 0.0171  64 GLU A N   
720  C  CA  . GLU A 50 ? 0.6371 0.4151 0.5450 0.0275  -0.1348 0.0232  64 GLU A CA  
721  C  C   . GLU A 50 ? 0.7023 0.4702 0.5610 0.0219  -0.1228 0.0227  64 GLU A C   
722  O  O   . GLU A 50 ? 0.7702 0.5446 0.6186 0.0184  -0.1069 0.0251  64 GLU A O   
723  C  CB  . GLU A 50 ? 0.6706 0.4261 0.5777 0.0288  -0.1619 0.0290  64 GLU A CB  
724  C  CG  . GLU A 50 ? 0.8720 0.6170 0.7757 0.0292  -0.1615 0.0365  64 GLU A CG  
725  C  CD  . GLU A 50 ? 1.0485 0.7756 0.9665 0.0333  -0.1900 0.0450  64 GLU A CD  
726  O  OE1 . GLU A 50 ? 0.8555 0.5728 0.7773 0.0357  -0.1893 0.0518  64 GLU A OE1 
727  O  OE2 . GLU A 50 ? 1.1805 0.9023 1.1064 0.0338  -0.2136 0.0457  64 GLU A OE2 
734  N  N   . LYS A 51 ? 0.7085 0.4590 0.5365 0.0199  -0.1284 0.0195  65 LYS A N   
735  C  CA  . LYS A 51 ? 0.7276 0.4633 0.5085 0.0145  -0.1149 0.0187  65 LYS A CA  
736  C  C   . LYS A 51 ? 0.7506 0.5147 0.5432 0.0153  -0.0873 0.0174  65 LYS A C   
737  O  O   . LYS A 51 ? 0.8432 0.6086 0.6167 0.0107  -0.0733 0.0200  65 LYS A O   
738  C  CB  . LYS A 51 ? 0.7661 0.4719 0.5097 0.0111  -0.1240 0.0146  65 LYS A CB  
739  C  CG  . LYS A 51 ? 0.9456 0.6246 0.6336 0.0040  -0.1108 0.0135  65 LYS A CG  
740  C  CD  . LYS A 51 ? 1.1858 0.8244 0.8284 -0.0022 -0.1219 0.0093  65 LYS A CD  
741  C  CE  . LYS A 51 ? 1.3663 0.9751 0.9526 -0.0096 -0.1013 0.0065  65 LYS A CE  
742  N  NZ  . LYS A 51 ? 1.4754 1.0401 1.0117 -0.0178 -0.1068 0.0009  65 LYS A NZ  
756  N  N   . VAL A 52 ? 0.6394 0.4261 0.4634 0.0206  -0.0801 0.0143  66 VAL A N   
757  C  CA  . VAL A 52 ? 0.7303 0.5434 0.5663 0.0219  -0.0573 0.0153  66 VAL A CA  
758  C  C   . VAL A 52 ? 0.5984 0.4349 0.4557 0.0184  -0.0508 0.0205  66 VAL A C   
759  O  O   . VAL A 52 ? 0.5488 0.4023 0.4041 0.0145  -0.0354 0.0244  66 VAL A O   
760  C  CB  . VAL A 52 ? 0.6962 0.5235 0.5570 0.0287  -0.0514 0.0116  66 VAL A CB  
761  C  CG1 . VAL A 52 ? 0.6032 0.4306 0.4913 0.0315  -0.0673 0.0082  66 VAL A CG1 
762  C  CG2 . VAL A 52 ? 0.7427 0.6038 0.6288 0.0302  -0.0333 0.0163  66 VAL A CG2 
772  N  N   . LEU A 53 ? 0.5507 0.3862 0.4281 0.0187  -0.0622 0.0208  67 LEU A N   
773  C  CA  . LEU A 53 ? 0.5412 0.3900 0.4331 0.0136  -0.0553 0.0246  67 LEU A CA  
774  C  C   . LEU A 53 ? 0.5735 0.4113 0.4348 0.0058  -0.0512 0.0287  67 LEU A C   
775  O  O   . LEU A 53 ? 0.6018 0.4547 0.4630 -0.0019 -0.0389 0.0323  67 LEU A O   
776  C  CB  . LEU A 53 ? 0.5390 0.3824 0.4585 0.0164  -0.0655 0.0234  67 LEU A CB  
777  C  CG  . LEU A 53 ? 0.5904 0.4393 0.5202 0.0098  -0.0553 0.0264  67 LEU A CG  
778  C  CD1 . LEU A 53 ? 0.6248 0.4978 0.5590 0.0034  -0.0399 0.0280  67 LEU A CD1 
779  C  CD2 . LEU A 53 ? 0.4692 0.3122 0.4325 0.0138  -0.0599 0.0244  67 LEU A CD2 
791  N  N   . LYS A 54 ? 0.6083 0.4181 0.4415 0.0063  -0.0627 0.0286  68 LYS A N   
792  C  CA  . LYS A 54 ? 0.7612 0.5540 0.5615 -0.0011 -0.0596 0.0322  68 LYS A CA  
793  C  C   . LYS A 54 ? 0.7381 0.5362 0.5138 -0.0065 -0.0439 0.0321  68 LYS A C   
794  O  O   . LYS A 54 ? 0.8846 0.6845 0.6442 -0.0153 -0.0328 0.0352  68 LYS A O   
795  C  CB  . LYS A 54 ? 0.9909 0.7487 0.7681 0.0010  -0.0793 0.0333  68 LYS A CB  
796  C  CG  . LYS A 54 ? 1.0775 0.8321 0.8868 0.0068  -0.0935 0.0356  68 LYS A CG  
797  C  CD  . LYS A 54 ? 1.2478 0.9704 1.0400 0.0099  -0.1178 0.0393  68 LYS A CD  
798  C  CE  . LYS A 54 ? 1.3857 1.0813 1.1382 0.0040  -0.1173 0.0447  68 LYS A CE  
799  N  NZ  . LYS A 54 ? 1.4865 1.1478 1.2160 0.0061  -0.1433 0.0500  68 LYS A NZ  
813  N  N   . LYS A 55 ? 0.5903 0.3903 0.3644 -0.0016 -0.0408 0.0287  69 LYS A N   
814  C  CA  . LYS A 55 ? 0.7810 0.5898 0.5421 -0.0049 -0.0213 0.0291  69 LYS A CA  
815  C  C   . LYS A 55 ? 0.7851 0.6345 0.5796 -0.0079 -0.0081 0.0340  69 LYS A C   
816  O  O   . LYS A 55 ? 0.7682 0.6283 0.5554 -0.0163 0.0044  0.0378  69 LYS A O   
817  C  CB  . LYS A 55 ? 0.8845 0.6841 0.6394 0.0019  -0.0180 0.0243  69 LYS A CB  
818  C  CG  . LYS A 55 ? 0.9325 0.7414 0.6817 0.0010  0.0060  0.0249  69 LYS A CG  
819  C  CD  . LYS A 55 ? 1.0438 0.8193 0.7608 0.0037  0.0107  0.0187  69 LYS A CD  
820  C  CE  . LYS A 55 ? 1.1738 0.9491 0.9086 0.0121  0.0001  0.0147  69 LYS A CE  
821  N  NZ  . LYS A 55 ? 1.3064 1.0485 1.0087 0.0131  0.0081  0.0083  69 LYS A NZ  
835  N  N   . TRP A 56 ? 0.7689 0.6393 0.5985 -0.0028 -0.0122 0.0343  70 TRP A N   
836  C  CA  . TRP A 56 ? 0.6288 0.5341 0.4865 -0.0074 -0.0035 0.0400  70 TRP A CA  
837  C  C   . TRP A 56 ? 0.6964 0.6032 0.5441 -0.0206 -0.0019 0.0440  70 TRP A C   
838  O  O   . TRP A 56 ? 0.6791 0.6085 0.5316 -0.0298 0.0079  0.0499  70 TRP A O   
839  C  CB  . TRP A 56 ? 0.5284 0.4455 0.4168 -0.0016 -0.0100 0.0388  70 TRP A CB  
840  C  CG  . TRP A 56 ? 0.5444 0.4892 0.4531 -0.0096 -0.0047 0.0453  70 TRP A CG  
841  C  CD1 . TRP A 56 ? 0.5150 0.4580 0.4262 -0.0188 -0.0073 0.0464  70 TRP A CD1 
842  C  CD2 . TRP A 56 ? 0.5817 0.5576 0.5093 -0.0104 0.0036  0.0527  70 TRP A CD2 
843  N  NE1 . TRP A 56 ? 0.5386 0.5070 0.4629 -0.0276 -0.0026 0.0535  70 TRP A NE1 
844  C  CE2 . TRP A 56 ? 0.6061 0.5975 0.5435 -0.0222 0.0024  0.0585  70 TRP A CE2 
845  C  CE3 . TRP A 56 ? 0.6186 0.6090 0.5564 -0.0025 0.0127  0.0558  70 TRP A CE3 
846  C  CZ2 . TRP A 56 ? 0.3806 0.4041 0.3378 -0.0272 0.0055  0.0688  70 TRP A CZ2 
847  C  CZ3 . TRP A 56 ? 0.5568 0.5813 0.5209 -0.0046 0.0180  0.0661  70 TRP A CZ3 
848  C  CH2 . TRP A 56 ? 0.4470 0.4888 0.4207 -0.0172 0.0122  0.0731  70 TRP A CH2 
859  N  N   . LYS A 57 ? 0.6382 0.5202 0.4734 -0.0220 -0.0112 0.0415  71 LYS A N   
860  C  CA  . LYS A 57 ? 0.6935 0.5707 0.5168 -0.0345 -0.0079 0.0446  71 LYS A CA  
861  C  C   . LYS A 57 ? 0.7968 0.6663 0.5888 -0.0439 0.0006  0.0468  71 LYS A C   
862  O  O   . LYS A 57 ? 0.7737 0.6528 0.5596 -0.0577 0.0086  0.0508  71 LYS A O   
863  C  CB  . LYS A 57 ? 0.6915 0.5416 0.5125 -0.0312 -0.0178 0.0421  71 LYS A CB  
864  C  CG  . LYS A 57 ? 0.7047 0.5627 0.5568 -0.0288 -0.0193 0.0407  71 LYS A CG  
865  C  CD  . LYS A 57 ? 0.7293 0.5606 0.5832 -0.0262 -0.0247 0.0395  71 LYS A CD  
866  C  CE  . LYS A 57 ? 0.7596 0.5950 0.6456 -0.0235 -0.0227 0.0369  71 LYS A CE  
867  N  NZ  . LYS A 57 ? 0.8480 0.6586 0.7439 -0.0185 -0.0261 0.0363  71 LYS A NZ  
881  N  N   . LYS A 58 ? 0.8140 0.6635 0.5829 -0.0383 -0.0007 0.0440  72 LYS A N   
882  C  CA  . LYS A 58 ? 0.8525 0.6875 0.5870 -0.0475 0.0088  0.0450  72 LYS A CA  
883  C  C   . LYS A 58 ? 0.7904 0.6568 0.5373 -0.0530 0.0261  0.0482  72 LYS A C   
884  O  O   . LYS A 58 ? 0.8063 0.6764 0.5393 -0.0655 0.0371  0.0510  72 LYS A O   
885  C  CB  . LYS A 58 ? 0.8884 0.6841 0.5871 -0.0418 0.0017  0.0408  72 LYS A CB  
886  C  CG  . LYS A 58 ? 0.9285 0.6909 0.6124 -0.0380 -0.0172 0.0405  72 LYS A CG  
887  C  CD  . LYS A 58 ? 0.9994 0.7248 0.6497 -0.0329 -0.0291 0.0377  72 LYS A CD  
888  C  CE  . LYS A 58 ? 1.0386 0.7337 0.6806 -0.0279 -0.0525 0.0400  72 LYS A CE  
889  N  NZ  . LYS A 58 ? 0.9832 0.6446 0.5956 -0.0243 -0.0698 0.0384  72 LYS A NZ  
903  N  N   . ARG A 59 ? 0.9380 0.8279 0.7144 -0.0437 0.0289  0.0485  73 ARG A N   
904  C  CA  . ARG A 59 ? 1.0625 0.9824 0.8576 -0.0455 0.0456  0.0531  73 ARG A CA  
905  C  C   . ARG A 59 ? 1.0547 1.0096 0.8708 -0.0595 0.0496  0.0614  73 ARG A C   
906  O  O   . ARG A 59 ? 1.1297 1.1000 0.9471 -0.0688 0.0630  0.0656  73 ARG A O   
907  C  CB  . ARG A 59 ? 1.1581 1.0945 0.9833 -0.0312 0.0468  0.0530  73 ARG A CB  
908  C  CG  . ARG A 59 ? 1.3358 1.2372 1.1370 -0.0204 0.0458  0.0449  73 ARG A CG  
909  C  CD  . ARG A 59 ? 1.5030 1.4137 1.3309 -0.0074 0.0401  0.0434  73 ARG A CD  
910  N  NE  . ARG A 59 ? 1.6397 1.5912 1.5088 -0.0039 0.0512  0.0509  73 ARG A NE  
911  C  CZ  . ARG A 59 ? 1.6775 1.6433 1.5746 0.0067  0.0490  0.0521  73 ARG A CZ  
912  N  NH1 . ARG A 59 ? 1.7123 1.6558 1.6015 0.0139  0.0372  0.0448  73 ARG A NH1 
913  N  NH2 . ARG A 59 ? 1.6360 1.6382 1.5703 0.0096  0.0579  0.0613  73 ARG A NH2 
927  N  N   . LYS B 4  ? 1.2740 0.9180 0.9953 -0.0005 -0.1625 -0.0156 4  LYS P N   
928  C  CA  . LYS B 4  ? 1.2429 0.9184 1.0173 0.0068  -0.1564 -0.0192 4  LYS P CA  
929  C  C   . LYS B 4  ? 1.0973 0.8124 0.9297 0.0154  -0.1579 -0.0138 4  LYS P C   
930  O  O   . LYS B 4  ? 1.1059 0.8251 0.9613 0.0141  -0.1813 -0.0089 4  LYS P O   
931  C  CB  . LYS B 4  ? 1.3202 0.9810 1.0965 -0.0015 -0.1797 -0.0231 4  LYS P CB  
932  C  CG  . LYS B 4  ? 1.2792 0.9589 1.0904 0.0031  -0.1669 -0.0298 4  LYS P CG  
933  C  CD  . LYS B 4  ? 1.2648 0.9788 1.1421 0.0077  -0.1794 -0.0277 4  LYS P CD  
934  C  CE  . LYS B 4  ? 1.2165 0.9362 1.1172 0.0065  -0.1754 -0.0354 4  LYS P CE  
935  N  NZ  . LYS B 4  ? 1.1717 0.9031 1.0768 0.0159  -0.1427 -0.0391 4  LYS P NZ  
948  N  N   . GLN B 5  ? 0.9532 0.6948 0.8086 0.0236  -0.1324 -0.0140 5  GLN P N   
949  C  CA  . GLN B 5  ? 0.7250 0.4976 0.6230 0.0294  -0.1282 -0.0093 5  GLN P CA  
950  C  C   . GLN B 5  ? 0.6007 0.3961 0.5453 0.0337  -0.1231 -0.0129 5  GLN P C   
951  O  O   . GLN B 5  ? 0.7297 0.5279 0.6733 0.0361  -0.1085 -0.0172 5  GLN P O   
952  C  CB  . GLN B 5  ? 0.7424 0.5267 0.6285 0.0322  -0.1050 -0.0058 5  GLN P CB  
953  C  CG  . GLN B 5  ? 0.7490 0.5086 0.5862 0.0271  -0.1049 -0.0034 5  GLN P CG  
954  C  CD  . GLN B 5  ? 0.8169 0.5651 0.6486 0.0232  -0.1260 0.0018  5  GLN P CD  
955  O  OE1 . GLN B 5  ? 0.7890 0.5551 0.6457 0.0254  -0.1240 0.0064  5  GLN P OE1 
956  N  NE2 . GLN B 5  ? 0.9184 0.6335 0.7146 0.0166  -0.1459 0.0019  5  GLN P NE2 
965  N  N   . THR B 6  ? 0.6296 0.4386 0.6148 0.0347  -0.1336 -0.0108 6  THR P N   
966  C  CA  . THR B 6  ? 0.5548 0.3815 0.5848 0.0371  -0.1282 -0.0149 6  THR P CA  
967  C  C   . THR B 6  ? 0.4204 0.2666 0.4823 0.0399  -0.1165 -0.0115 6  THR P C   
968  O  O   . THR B 6  ? 0.4335 0.2783 0.4924 0.0397  -0.1200 -0.0060 6  THR P O   
969  C  CB  . THR B 6  ? 0.7012 0.5230 0.7573 0.0336  -0.1512 -0.0174 6  THR P CB  
970  O  OG1 . THR B 6  ? 0.6852 0.5081 0.7616 0.0339  -0.1686 -0.0107 6  THR P OG1 
971  C  CG2 . THR B 6  ? 0.6826 0.4798 0.7004 0.0272  -0.1646 -0.0209 6  THR P CG2 
979  N  N   . ALA B 7  ? 0.4070 0.2665 0.4948 0.0412  -0.1017 -0.0152 7  ALA P N   
980  C  CA  . ALA B 7  ? 0.4118 0.2837 0.5242 0.0411  -0.0880 -0.0133 7  ALA P CA  
981  C  C   . ALA B 7  ? 0.4553 0.3335 0.6008 0.0407  -0.0786 -0.0194 7  ALA P C   
982  O  O   . ALA B 7  ? 0.4413 0.3170 0.5836 0.0413  -0.0786 -0.0243 7  ALA P O   
983  C  CB  . ALA B 7  ? 0.3786 0.2571 0.4649 0.0400  -0.0721 -0.0088 7  ALA P CB  
989  N  N   . ARG B 8  ? 0.4163 0.2987 0.5907 0.0389  -0.0686 -0.0196 8  ARG P N   
990  C  CA  . ARG B 8  ? 0.4334 0.3179 0.6345 0.0369  -0.0552 -0.0257 8  ARG P CA  
991  C  C   . ARG B 8  ? 0.3703 0.2569 0.5479 0.0341  -0.0371 -0.0244 8  ARG P C   
992  O  O   . ARG B 8  ? 0.3796 0.2680 0.5388 0.0310  -0.0298 -0.0187 8  ARG P O   
993  C  CB  . ARG B 8  ? 0.3805 0.2638 0.6217 0.0352  -0.0486 -0.0267 8  ARG P CB  
994  C  CG  . ARG B 8  ? 0.3700 0.2506 0.6361 0.0311  -0.0291 -0.0336 8  ARG P CG  
995  C  CD  . ARG B 8  ? 0.5366 0.4128 0.8426 0.0298  -0.0188 -0.0344 8  ARG P CD  
996  N  NE  . ARG B 8  ? 0.5627 0.4313 0.8913 0.0243  0.0038  -0.0417 8  ARG P NE  
997  C  CZ  . ARG B 8  ? 0.6603 0.5314 1.0178 0.0238  0.0044  -0.0488 8  ARG P CZ  
998  N  NH1 . ARG B 8  ? 0.6233 0.4836 0.9974 0.0175  0.0281  -0.0556 8  ARG P NH1 
999  N  NH2 . ARG B 8  ? 0.7027 0.5840 1.0689 0.0278  -0.0176 -0.0495 8  ARG P NH2 
1013 N  N   . M3L B 9  ? 0.3996 0.2851 0.5770 0.0346  -0.0313 -0.0288 9  M3L P N   
1014 C  CA  . M3L B 9  ? 0.3867 0.2736 0.5440 0.0324  -0.0166 -0.0257 9  M3L P CA  
1015 C  CB  . M3L B 9  ? 0.4106 0.2971 0.5521 0.0381  -0.0177 -0.0265 9  M3L P CB  
1016 C  CG  . M3L B 9  ? 0.5393 0.4262 0.6694 0.0370  -0.0042 -0.0226 9  M3L P CG  
1017 C  CD  . M3L B 9  ? 0.4873 0.3745 0.6002 0.0450  -0.0034 -0.0200 9  M3L P CD  
1018 C  CE  . M3L B 9  ? 0.5923 0.4669 0.7118 0.0478  -0.0071 -0.0298 9  M3L P CE  
1019 N  NZ  . M3L B 9  ? 0.5386 0.4064 0.6403 0.0551  -0.0015 -0.0286 9  M3L P NZ  
1020 C  C   . M3L B 9  ? 0.4627 0.3420 0.6379 0.0261  -0.0019 -0.0303 9  M3L P C   
1021 O  O   . M3L B 9  ? 0.7049 0.5789 0.8998 0.0264  -0.0001 -0.0378 9  M3L P O   
1022 C  CM1 . M3L B 9  ? 0.5473 0.4002 0.6575 0.0534  0.0021  -0.0379 9  M3L P CM1 
1023 C  CM2 . M3L B 9  ? 0.5060 0.3694 0.5895 0.0593  -0.0085 -0.0289 9  M3L P CM2 
1024 C  CM3 . M3L B 9  ? 0.5500 0.4266 0.6427 0.0587  0.0084  -0.0178 9  M3L P CM3 
1044 N  N   . SER B 10 ? 0.6050 0.4809 0.7711 0.0186  0.0095  -0.0264 10 SER P N   
1045 C  CA  . SER B 10 ? 0.8110 0.6726 0.9826 0.0096  0.0269  -0.0304 10 SER P CA  
1046 C  C   . SER B 10 ? 0.9206 0.7768 1.0880 0.0105  0.0319  -0.0336 10 SER P C   
1047 O  O   . SER B 10 ? 0.9332 0.7745 1.0929 0.0020  0.0463  -0.0350 10 SER P O   
1048 C  CB  . SER B 10 ? 0.9097 0.7660 1.0531 -0.0008 0.0357  -0.0231 10 SER P CB  
1049 O  OG  . SER B 10 ? 0.9741 0.8327 1.1173 -0.0021 0.0326  -0.0202 10 SER P OG  
1055 C  C   . ACY C .  ? 0.7064 0.5951 0.7985 0.1267  0.0616  0.0644  1  ACY A C   
1056 O  O   . ACY C .  ? 0.8060 0.6872 0.8886 0.1138  0.0562  0.0494  1  ACY A O   
1057 O  OXT . ACY C .  ? 0.5936 0.4888 0.6933 0.1395  0.0708  0.0682  1  ACY A OXT 
1058 C  CH3 . ACY C .  ? 0.7435 0.6316 0.8378 0.1263  0.0573  0.0791  1  ACY A CH3 
1062 ZN ZN  . ZN  D .  ? 0.6791 0.5190 0.7343 0.1058  0.0577  0.0029  76 ZN  A ZN  
1063 ZN ZN  . ZN  E .  ? 1.0487 0.9003 1.1188 0.0940  0.0517  0.0149  2  ZN  A ZN  
1064 ZN ZN  . ZN  F .  ? 1.1939 1.1833 1.0865 -0.0692 0.0079  0.0685  3  ZN  A ZN  
1065 ZN ZN  . ZN  G .  ? 1.4746 1.3898 1.9503 0.0219  -0.2608 -0.0102 4  ZN  A ZN  
1066 O  O   . HOH H .  ? 0.5916 0.3938 0.7044 -0.0123 0.0408  0.0014  5  HOH A O   
1067 O  O   . HOH H .  ? 0.9147 0.6928 0.8152 0.0974  0.0751  -0.0122 6  HOH A O   
1068 O  O   . HOH H .  ? 0.5822 0.4027 0.5825 0.0562  -0.0389 -0.0341 8  HOH A O   
1069 O  O   . HOH H .  ? 0.7195 0.5349 0.8757 0.0354  -0.0049 -0.0723 9  HOH A O   
1070 O  O   . HOH H .  ? 0.9140 0.7331 0.5755 -0.0890 0.0429  0.0510  10 HOH A O   
1071 O  O   . HOH H .  ? 0.5875 0.6711 0.5689 -0.0707 -0.0078 0.0999  12 HOH A O   
1072 O  O   . HOH H .  ? 0.4230 0.3444 0.4745 0.0838  0.0217  0.0182  77 HOH A O   
1073 O  O   . HOH H .  ? 0.4912 0.4027 0.5257 -0.0173 0.0139  0.0347  78 HOH A O   
1074 O  O   . HOH H .  ? 0.5082 0.5234 0.4646 -0.1019 -0.0308 0.1104  79 HOH A O   
1075 O  O   . HOH H .  ? 0.8405 0.5755 0.6646 0.0312  -0.0805 -0.0224 80 HOH A O   
1076 O  O   . HOH H .  ? 0.8814 0.7106 0.9643 0.0326  -0.0779 0.0197  81 HOH A O   
1077 O  O   . HOH H .  ? 0.8569 0.5844 0.7193 0.0215  -0.1889 0.0186  82 HOH A O   
1078 O  O   . HOH H .  ? 0.8043 0.4250 0.7704 -0.0991 0.1767  -0.0063 83 HOH A O   
1079 O  O   . HOH H .  ? 0.8997 0.7217 0.7471 -0.0737 0.0185  0.0422  84 HOH A O   
1080 O  O   . HOH H .  ? 0.8498 0.6386 0.7480 -0.0385 0.0050  0.0358  85 HOH A O   
1081 O  O   . HOH H .  ? 0.4365 0.4228 0.5042 0.0268  -0.0017 0.0752  86 HOH A O   
1082 O  O   . HOH H .  ? 0.9406 0.7400 0.9290 0.0137  -0.0557 0.0312  87 HOH A O   
1083 O  O   . HOH H .  ? 0.6088 0.5642 0.4522 -0.1742 -0.0041 0.0931  88 HOH A O   
1084 O  O   . HOH H .  ? 0.9305 0.6786 0.8734 0.0251  -0.2184 0.0168  89 HOH A O   
1085 O  O   . HOH H .  ? 0.6969 0.4880 0.6639 -0.0490 0.0402  0.0216  90 HOH A O   
1086 O  O   . HOH H .  ? 0.6707 0.4449 0.7395 -0.0164 0.0411  0.0123  91 HOH A O   
1087 O  O   . HOH H .  ? 0.6111 0.5104 0.5000 -0.0579 0.0020  0.0462  92 HOH A O   
1088 O  O   . HOH H .  ? 0.6635 0.6701 0.6357 0.0304  0.0436  0.0589  93 HOH A O   
1089 O  O   . HOH H .  ? 0.8798 0.7987 0.8497 0.0896  0.0850  0.0349  94 HOH A O   
1090 O  O   . HOH H .  ? 1.0533 0.6733 0.6689 0.0003  -0.0747 -0.0102 95 HOH A O   
1091 O  O   . HOH H .  ? 0.7687 0.7151 0.8082 -0.0024 0.0021  0.0591  96 HOH A O   
1092 O  O   . HOH H .  ? 0.5273 0.5360 0.5578 -0.0255 -0.0225 0.1027  97 HOH A O   
1093 O  O   . HOH I .  ? 0.8435 0.6979 1.0368 0.0254  0.0174  -0.0495 26 HOH P O   
1094 O  O   . HOH I .  ? 0.8201 0.6354 1.0511 -0.0114 0.0819  -0.0574 56 HOH P O   
# 
loop_
_pdbx_poly_seq_scheme.asym_id 
_pdbx_poly_seq_scheme.entity_id 
_pdbx_poly_seq_scheme.seq_id 
_pdbx_poly_seq_scheme.mon_id 
_pdbx_poly_seq_scheme.ndb_seq_num 
_pdbx_poly_seq_scheme.pdb_seq_num 
_pdbx_poly_seq_scheme.auth_seq_num 
_pdbx_poly_seq_scheme.pdb_mon_id 
_pdbx_poly_seq_scheme.auth_mon_id 
_pdbx_poly_seq_scheme.pdb_strand_id 
_pdbx_poly_seq_scheme.pdb_ins_code 
_pdbx_poly_seq_scheme.hetero 
A 1 1  GLY 1  15 ?  ?   ?   A . n 
A 1 2  GLU 2  16 ?  ?   ?   A . n 
A 1 3  THR 3  17 ?  ?   ?   A . n 
A 1 4  ASP 4  18 ?  ?   ?   A . n 
A 1 5  ALA 5  19 19 ALA ALA A . n 
A 1 6  ASP 6  20 20 ASP ASP A . n 
A 1 7  VAL 7  21 21 VAL VAL A . n 
A 1 8  TYR 8  22 22 TYR TYR A . n 
A 1 9  GLU 9  23 23 GLU GLU A . n 
A 1 10 VAL 10 24 24 VAL VAL A . n 
A 1 11 GLU 11 25 25 GLU GLU A . n 
A 1 12 ASP 12 26 26 ASP ASP A . n 
A 1 13 ILE 13 27 27 ILE ILE A . n 
A 1 14 LEU 14 28 28 LEU LEU A . n 
A 1 15 ALA 15 29 29 ALA ALA A . n 
A 1 16 ASP 16 30 30 ASP ASP A . n 
A 1 17 ARG 17 31 31 ARG ARG A . n 
A 1 18 VAL 18 32 32 VAL VAL A . n 
A 1 19 ASN 19 33 33 ASN ASN A . n 
A 1 20 LYS 20 34 34 LYS LYS A . n 
A 1 21 ASN 21 35 35 ASN ASN A . n 
A 1 22 GLY 22 36 36 GLY GLY A . n 
A 1 23 ILE 23 37 37 ILE ILE A . n 
A 1 24 ASN 24 38 38 ASN ASN A . n 
A 1 25 GLU 25 39 39 GLU GLU A . n 
A 1 26 TYR 26 40 40 TYR TYR A . n 
A 1 27 TYR 27 41 41 TYR TYR A . n 
A 1 28 ILE 28 42 42 ILE ILE A . n 
A 1 29 LYS 29 43 43 LYS LYS A . n 
A 1 30 TRP 30 44 44 TRP TRP A . n 
A 1 31 ALA 31 45 45 ALA ALA A . n 
A 1 32 GLY 32 46 46 GLY GLY A . n 
A 1 33 TYR 33 47 47 TYR TYR A . n 
A 1 34 ASP 34 48 48 ASP ASP A . n 
A 1 35 TRP 35 49 49 TRP TRP A . n 
A 1 36 TYR 36 50 50 TYR TYR A . n 
A 1 37 ASP 37 51 51 ASP ASP A . n 
A 1 38 ASN 38 52 52 ASN ASN A . n 
A 1 39 THR 39 53 53 THR THR A . n 
A 1 40 TRP 40 54 54 TRP TRP A . n 
A 1 41 GLU 41 55 55 GLU GLU A . n 
A 1 42 PRO 42 56 56 PRO PRO A . n 
A 1 43 GLU 43 57 57 GLU GLU A . n 
A 1 44 GLN 44 58 58 GLN GLN A . n 
A 1 45 ASN 45 59 59 ASN ASN A . n 
A 1 46 LEU 46 60 60 LEU LEU A . n 
A 1 47 PHE 47 61 61 PHE PHE A . n 
A 1 48 GLY 48 62 62 GLY GLY A . n 
A 1 49 ALA 49 63 63 ALA ALA A . n 
A 1 50 GLU 50 64 64 GLU GLU A . n 
A 1 51 LYS 51 65 65 LYS LYS A . n 
A 1 52 VAL 52 66 66 VAL VAL A . n 
A 1 53 LEU 53 67 67 LEU LEU A . n 
A 1 54 LYS 54 68 68 LYS LYS A . n 
A 1 55 LYS 55 69 69 LYS LYS A . n 
A 1 56 TRP 56 70 70 TRP TRP A . n 
A 1 57 LYS 57 71 71 LYS LYS A . n 
A 1 58 LYS 58 72 72 LYS LYS A . n 
A 1 59 ARG 59 73 73 ARG ARG A . n 
A 1 60 LYS 60 74 ?  ?   ?   A . n 
A 1 61 LYS 61 75 ?  ?   ?   A . n 
B 2 1  ALA 1  1  ?  ?   ?   P . n 
B 2 2  ARG 2  2  ?  ?   ?   P . n 
B 2 3  THR 3  3  ?  ?   ?   P . n 
B 2 4  LYS 4  4  4  LYS LYS P . n 
B 2 5  GLN 5  5  5  GLN GLN P . n 
B 2 6  THR 6  6  6  THR THR P . n 
B 2 7  ALA 7  7  7  ALA ALA P . n 
B 2 8  ARG 8  8  8  ARG ARG P . n 
B 2 9  M3L 9  9  9  M3L M3L P . n 
B 2 10 SER 10 10 10 SER SER P . n 
B 2 11 THR 11 11 ?  ?   ?   P . n 
B 2 12 GLY 12 12 ?  ?   ?   P . n 
B 2 13 GLY 13 13 ?  ?   ?   P . n 
B 2 14 LYS 14 14 ?  ?   ?   P . n 
B 2 15 ALA 15 15 ?  ?   ?   P . n 
B 2 16 TYR 16 16 ?  ?   ?   P . n 
# 
loop_
_pdbx_nonpoly_scheme.asym_id 
_pdbx_nonpoly_scheme.entity_id 
_pdbx_nonpoly_scheme.mon_id 
_pdbx_nonpoly_scheme.ndb_seq_num 
_pdbx_nonpoly_scheme.pdb_seq_num 
_pdbx_nonpoly_scheme.auth_seq_num 
_pdbx_nonpoly_scheme.pdb_mon_id 
_pdbx_nonpoly_scheme.auth_mon_id 
_pdbx_nonpoly_scheme.pdb_strand_id 
_pdbx_nonpoly_scheme.pdb_ins_code 
C 3 ACY 1  1  1  ACY ACY A . 
D 4 ZN  1  76 1  ZN  ZN  A . 
E 4 ZN  1  2  2  ZN  ZN  A . 
F 4 ZN  1  3  3  ZN  ZN  A . 
G 4 ZN  1  4  4  ZN  ZN  A . 
H 5 HOH 1  5  5  HOH HOH A . 
H 5 HOH 2  6  6  HOH HOH A . 
H 5 HOH 3  8  8  HOH HOH A . 
H 5 HOH 4  9  9  HOH HOH A . 
H 5 HOH 5  10 10 HOH HOH A . 
H 5 HOH 6  12 12 HOH HOH A . 
H 5 HOH 7  77 2  HOH HOH A . 
H 5 HOH 8  78 3  HOH HOH A . 
H 5 HOH 9  79 4  HOH HOH A . 
H 5 HOH 10 80 15 HOH HOH A . 
H 5 HOH 11 81 22 HOH HOH A . 
H 5 HOH 12 82 27 HOH HOH A . 
H 5 HOH 13 83 30 HOH HOH A . 
H 5 HOH 14 84 31 HOH HOH A . 
H 5 HOH 15 85 33 HOH HOH A . 
H 5 HOH 16 86 34 HOH HOH A . 
H 5 HOH 17 87 37 HOH HOH A . 
H 5 HOH 18 88 41 HOH HOH A . 
H 5 HOH 19 89 49 HOH HOH A . 
H 5 HOH 20 90 52 HOH HOH A . 
H 5 HOH 21 91 57 HOH HOH A . 
H 5 HOH 22 92 58 HOH HOH A . 
H 5 HOH 23 93 59 HOH HOH A . 
H 5 HOH 24 94 60 HOH HOH A . 
H 5 HOH 25 95 61 HOH HOH A . 
H 5 HOH 26 96 62 HOH HOH A . 
H 5 HOH 27 97 63 HOH HOH A . 
I 5 HOH 1  26 26 HOH HOH P . 
I 5 HOH 2  56 56 HOH HOH P . 
# 
_pdbx_struct_mod_residue.id               1 
_pdbx_struct_mod_residue.label_asym_id    B 
_pdbx_struct_mod_residue.label_comp_id    M3L 
_pdbx_struct_mod_residue.label_seq_id     9 
_pdbx_struct_mod_residue.auth_asym_id     P 
_pdbx_struct_mod_residue.auth_comp_id     M3L 
_pdbx_struct_mod_residue.auth_seq_id      9 
_pdbx_struct_mod_residue.PDB_ins_code     ? 
_pdbx_struct_mod_residue.parent_comp_id   LYS 
_pdbx_struct_mod_residue.details          N-TRIMETHYLLYSINE 
# 
_pdbx_struct_assembly.id                   1 
_pdbx_struct_assembly.details              author_and_software_defined_assembly 
_pdbx_struct_assembly.method_details       PISA 
_pdbx_struct_assembly.oligomeric_details   dimeric 
_pdbx_struct_assembly.oligomeric_count     2 
# 
_pdbx_struct_assembly_gen.assembly_id       1 
_pdbx_struct_assembly_gen.oper_expression   1 
_pdbx_struct_assembly_gen.asym_id_list      A,B,C,D,E,F,G,H,I 
# 
loop_
_pdbx_struct_assembly_prop.biol_id 
_pdbx_struct_assembly_prop.type 
_pdbx_struct_assembly_prop.value 
_pdbx_struct_assembly_prop.details 
1 'ABSA (A^2)' 1500 ? 
1 MORE         -68  ? 
1 'SSA (A^2)'  4420 ? 
# 
_pdbx_struct_oper_list.id                   1 
_pdbx_struct_oper_list.type                 'identity operation' 
_pdbx_struct_oper_list.name                 1_555 
_pdbx_struct_oper_list.symmetry_operation   x,y,z 
_pdbx_struct_oper_list.matrix[1][1]         1.0000000000 
_pdbx_struct_oper_list.matrix[1][2]         0.0000000000 
_pdbx_struct_oper_list.matrix[1][3]         0.0000000000 
_pdbx_struct_oper_list.vector[1]            0.0000000000 
_pdbx_struct_oper_list.matrix[2][1]         0.0000000000 
_pdbx_struct_oper_list.matrix[2][2]         1.0000000000 
_pdbx_struct_oper_list.matrix[2][3]         0.0000000000 
_pdbx_struct_oper_list.vector[2]            0.0000000000 
_pdbx_struct_oper_list.matrix[3][1]         0.0000000000 
_pdbx_struct_oper_list.matrix[3][2]         0.0000000000 
_pdbx_struct_oper_list.matrix[3][3]         1.0000000000 
_pdbx_struct_oper_list.vector[3]            0.0000000000 
# 
loop_
_pdbx_audit_revision_history.ordinal 
_pdbx_audit_revision_history.data_content_type 
_pdbx_audit_revision_history.major_revision 
_pdbx_audit_revision_history.minor_revision 
_pdbx_audit_revision_history.revision_date 
1 'Structure model' 1 0 2009-04-21 
2 'Structure model' 1 1 2011-07-13 
3 'Structure model' 1 2 2021-10-20 
4 'Structure model' 1 3 2023-09-06 
# 
_pdbx_audit_revision_details.ordinal             1 
_pdbx_audit_revision_details.revision_ordinal    1 
_pdbx_audit_revision_details.data_content_type   'Structure model' 
_pdbx_audit_revision_details.provider            repository 
_pdbx_audit_revision_details.type                'Initial release' 
_pdbx_audit_revision_details.description         ? 
_pdbx_audit_revision_details.details             ? 
# 
loop_
_pdbx_audit_revision_group.ordinal 
_pdbx_audit_revision_group.revision_ordinal 
_pdbx_audit_revision_group.data_content_type 
_pdbx_audit_revision_group.group 
1 2 'Structure model' 'Version format compliance' 
2 3 'Structure model' 'Database references'       
3 3 'Structure model' 'Derived calculations'      
4 4 'Structure model' 'Data collection'           
5 4 'Structure model' 'Refinement description'    
# 
loop_
_pdbx_audit_revision_category.ordinal 
_pdbx_audit_revision_category.revision_ordinal 
_pdbx_audit_revision_category.data_content_type 
_pdbx_audit_revision_category.category 
1 3 'Structure model' database_2                    
2 3 'Structure model' struct_conn                   
3 3 'Structure model' struct_ref_seq_dif            
4 3 'Structure model' struct_site                   
5 4 'Structure model' chem_comp_atom                
6 4 'Structure model' chem_comp_bond                
7 4 'Structure model' pdbx_initial_refinement_model 
# 
loop_
_pdbx_audit_revision_item.ordinal 
_pdbx_audit_revision_item.revision_ordinal 
_pdbx_audit_revision_item.data_content_type 
_pdbx_audit_revision_item.item 
1 3 'Structure model' '_database_2.pdbx_DOI'                
2 3 'Structure model' '_database_2.pdbx_database_accession' 
3 3 'Structure model' '_struct_conn.pdbx_leaving_atom_flag' 
4 3 'Structure model' '_struct_ref_seq_dif.details'         
5 3 'Structure model' '_struct_site.pdbx_auth_asym_id'      
6 3 'Structure model' '_struct_site.pdbx_auth_comp_id'      
7 3 'Structure model' '_struct_site.pdbx_auth_seq_id'       
# 
_pdbx_refine_tls.id               1 
_pdbx_refine_tls.details          ? 
_pdbx_refine_tls.method           refined 
_pdbx_refine_tls.origin_x         -0.2332 
_pdbx_refine_tls.origin_y         0.6085 
_pdbx_refine_tls.origin_z         -0.3501 
_pdbx_refine_tls.T[1][1]          0.1801 
_pdbx_refine_tls.T[2][2]          0.1035 
_pdbx_refine_tls.T[3][3]          0.2133 
_pdbx_refine_tls.T[1][2]          0.0297 
_pdbx_refine_tls.T[1][3]          -0.0271 
_pdbx_refine_tls.T[2][3]          0.0136 
_pdbx_refine_tls.L[1][1]          0.7337 
_pdbx_refine_tls.L[2][2]          4.0691 
_pdbx_refine_tls.L[3][3]          1.9580 
_pdbx_refine_tls.L[1][2]          1.3747 
_pdbx_refine_tls.L[1][3]          -0.8992 
_pdbx_refine_tls.L[2][3]          -0.6049 
_pdbx_refine_tls.S[1][1]          -0.0587 
_pdbx_refine_tls.S[1][2]          -0.0913 
_pdbx_refine_tls.S[1][3]          0.0854 
_pdbx_refine_tls.S[2][1]          0.2697 
_pdbx_refine_tls.S[2][2]          0.1780 
_pdbx_refine_tls.S[2][3]          -0.3054 
_pdbx_refine_tls.S[3][1]          0.0540 
_pdbx_refine_tls.S[3][2]          -0.2836 
_pdbx_refine_tls.S[3][3]          -0.1336 
_pdbx_refine_tls.pdbx_refine_id   'X-RAY DIFFRACTION' 
# 
_pdbx_refine_tls_group.id                  1 
_pdbx_refine_tls_group.refine_tls_id       1 
_pdbx_refine_tls_group.beg_auth_asym_id    ? 
_pdbx_refine_tls_group.beg_auth_seq_id     ? 
_pdbx_refine_tls_group.beg_label_asym_id   ? 
_pdbx_refine_tls_group.beg_label_seq_id    ? 
_pdbx_refine_tls_group.end_auth_asym_id    ? 
_pdbx_refine_tls_group.end_auth_seq_id     ? 
_pdbx_refine_tls_group.end_label_asym_id   ? 
_pdbx_refine_tls_group.end_label_seq_id    ? 
_pdbx_refine_tls_group.selection           ? 
_pdbx_refine_tls_group.selection_details   all 
_pdbx_refine_tls_group.pdbx_refine_id      'X-RAY DIFFRACTION' 
# 
loop_
_software.name 
_software.classification 
_software.version 
_software.citation_id 
_software.pdbx_ordinal 
CBASS  'data collection' .                 ? 1 
PHASER phasing           .                 ? 2 
PHENIX refinement        '(phenix.refine)' ? 3 
XDS    'data reduction'  .                 ? 4 
XSCALE 'data scaling'    .                 ? 5 
# 
_pdbx_validate_torsion.id              1 
_pdbx_validate_torsion.PDB_model_num   1 
_pdbx_validate_torsion.auth_comp_id    ASP 
_pdbx_validate_torsion.auth_asym_id    A 
_pdbx_validate_torsion.auth_seq_id     20 
_pdbx_validate_torsion.PDB_ins_code    ? 
_pdbx_validate_torsion.label_alt_id    ? 
_pdbx_validate_torsion.phi             -84.01 
_pdbx_validate_torsion.psi             32.44 
# 
loop_
_pdbx_unobs_or_zero_occ_residues.id 
_pdbx_unobs_or_zero_occ_residues.PDB_model_num 
_pdbx_unobs_or_zero_occ_residues.polymer_flag 
_pdbx_unobs_or_zero_occ_residues.occupancy_flag 
_pdbx_unobs_or_zero_occ_residues.auth_asym_id 
_pdbx_unobs_or_zero_occ_residues.auth_comp_id 
_pdbx_unobs_or_zero_occ_residues.auth_seq_id 
_pdbx_unobs_or_zero_occ_residues.PDB_ins_code 
_pdbx_unobs_or_zero_occ_residues.label_asym_id 
_pdbx_unobs_or_zero_occ_residues.label_comp_id 
_pdbx_unobs_or_zero_occ_residues.label_seq_id 
1  1 Y 1 A GLY 15 ? A GLY 1  
2  1 Y 1 A GLU 16 ? A GLU 2  
3  1 Y 1 A THR 17 ? A THR 3  
4  1 Y 1 A ASP 18 ? A ASP 4  
5  1 Y 1 A LYS 74 ? A LYS 60 
6  1 Y 1 A LYS 75 ? A LYS 61 
7  1 Y 1 P ALA 1  ? B ALA 1  
8  1 Y 1 P ARG 2  ? B ARG 2  
9  1 Y 1 P THR 3  ? B THR 3  
10 1 Y 1 P THR 11 ? B THR 11 
11 1 Y 1 P GLY 12 ? B GLY 12 
12 1 Y 1 P GLY 13 ? B GLY 13 
13 1 Y 1 P LYS 14 ? B LYS 14 
14 1 Y 1 P ALA 15 ? B ALA 15 
15 1 Y 1 P TYR 16 ? B TYR 16 
# 
loop_
_chem_comp_atom.comp_id 
_chem_comp_atom.atom_id 
_chem_comp_atom.type_symbol 
_chem_comp_atom.pdbx_aromatic_flag 
_chem_comp_atom.pdbx_stereo_config 
_chem_comp_atom.pdbx_ordinal 
ACY C    C  N N 1   
ACY O    O  N N 2   
ACY OXT  O  N N 3   
ACY CH3  C  N N 4   
ACY HXT  H  N N 5   
ACY H1   H  N N 6   
ACY H2   H  N N 7   
ACY H3   H  N N 8   
ALA N    N  N N 9   
ALA CA   C  N S 10  
ALA C    C  N N 11  
ALA O    O  N N 12  
ALA CB   C  N N 13  
ALA OXT  O  N N 14  
ALA H    H  N N 15  
ALA H2   H  N N 16  
ALA HA   H  N N 17  
ALA HB1  H  N N 18  
ALA HB2  H  N N 19  
ALA HB3  H  N N 20  
ALA HXT  H  N N 21  
ARG N    N  N N 22  
ARG CA   C  N S 23  
ARG C    C  N N 24  
ARG O    O  N N 25  
ARG CB   C  N N 26  
ARG CG   C  N N 27  
ARG CD   C  N N 28  
ARG NE   N  N N 29  
ARG CZ   C  N N 30  
ARG NH1  N  N N 31  
ARG NH2  N  N N 32  
ARG OXT  O  N N 33  
ARG H    H  N N 34  
ARG H2   H  N N 35  
ARG HA   H  N N 36  
ARG HB2  H  N N 37  
ARG HB3  H  N N 38  
ARG HG2  H  N N 39  
ARG HG3  H  N N 40  
ARG HD2  H  N N 41  
ARG HD3  H  N N 42  
ARG HE   H  N N 43  
ARG HH11 H  N N 44  
ARG HH12 H  N N 45  
ARG HH21 H  N N 46  
ARG HH22 H  N N 47  
ARG HXT  H  N N 48  
ASN N    N  N N 49  
ASN CA   C  N S 50  
ASN C    C  N N 51  
ASN O    O  N N 52  
ASN CB   C  N N 53  
ASN CG   C  N N 54  
ASN OD1  O  N N 55  
ASN ND2  N  N N 56  
ASN OXT  O  N N 57  
ASN H    H  N N 58  
ASN H2   H  N N 59  
ASN HA   H  N N 60  
ASN HB2  H  N N 61  
ASN HB3  H  N N 62  
ASN HD21 H  N N 63  
ASN HD22 H  N N 64  
ASN HXT  H  N N 65  
ASP N    N  N N 66  
ASP CA   C  N S 67  
ASP C    C  N N 68  
ASP O    O  N N 69  
ASP CB   C  N N 70  
ASP CG   C  N N 71  
ASP OD1  O  N N 72  
ASP OD2  O  N N 73  
ASP OXT  O  N N 74  
ASP H    H  N N 75  
ASP H2   H  N N 76  
ASP HA   H  N N 77  
ASP HB2  H  N N 78  
ASP HB3  H  N N 79  
ASP HD2  H  N N 80  
ASP HXT  H  N N 81  
GLN N    N  N N 82  
GLN CA   C  N S 83  
GLN C    C  N N 84  
GLN O    O  N N 85  
GLN CB   C  N N 86  
GLN CG   C  N N 87  
GLN CD   C  N N 88  
GLN OE1  O  N N 89  
GLN NE2  N  N N 90  
GLN OXT  O  N N 91  
GLN H    H  N N 92  
GLN H2   H  N N 93  
GLN HA   H  N N 94  
GLN HB2  H  N N 95  
GLN HB3  H  N N 96  
GLN HG2  H  N N 97  
GLN HG3  H  N N 98  
GLN HE21 H  N N 99  
GLN HE22 H  N N 100 
GLN HXT  H  N N 101 
GLU N    N  N N 102 
GLU CA   C  N S 103 
GLU C    C  N N 104 
GLU O    O  N N 105 
GLU CB   C  N N 106 
GLU CG   C  N N 107 
GLU CD   C  N N 108 
GLU OE1  O  N N 109 
GLU OE2  O  N N 110 
GLU OXT  O  N N 111 
GLU H    H  N N 112 
GLU H2   H  N N 113 
GLU HA   H  N N 114 
GLU HB2  H  N N 115 
GLU HB3  H  N N 116 
GLU HG2  H  N N 117 
GLU HG3  H  N N 118 
GLU HE2  H  N N 119 
GLU HXT  H  N N 120 
GLY N    N  N N 121 
GLY CA   C  N N 122 
GLY C    C  N N 123 
GLY O    O  N N 124 
GLY OXT  O  N N 125 
GLY H    H  N N 126 
GLY H2   H  N N 127 
GLY HA2  H  N N 128 
GLY HA3  H  N N 129 
GLY HXT  H  N N 130 
HOH O    O  N N 131 
HOH H1   H  N N 132 
HOH H2   H  N N 133 
ILE N    N  N N 134 
ILE CA   C  N S 135 
ILE C    C  N N 136 
ILE O    O  N N 137 
ILE CB   C  N S 138 
ILE CG1  C  N N 139 
ILE CG2  C  N N 140 
ILE CD1  C  N N 141 
ILE OXT  O  N N 142 
ILE H    H  N N 143 
ILE H2   H  N N 144 
ILE HA   H  N N 145 
ILE HB   H  N N 146 
ILE HG12 H  N N 147 
ILE HG13 H  N N 148 
ILE HG21 H  N N 149 
ILE HG22 H  N N 150 
ILE HG23 H  N N 151 
ILE HD11 H  N N 152 
ILE HD12 H  N N 153 
ILE HD13 H  N N 154 
ILE HXT  H  N N 155 
LEU N    N  N N 156 
LEU CA   C  N S 157 
LEU C    C  N N 158 
LEU O    O  N N 159 
LEU CB   C  N N 160 
LEU CG   C  N N 161 
LEU CD1  C  N N 162 
LEU CD2  C  N N 163 
LEU OXT  O  N N 164 
LEU H    H  N N 165 
LEU H2   H  N N 166 
LEU HA   H  N N 167 
LEU HB2  H  N N 168 
LEU HB3  H  N N 169 
LEU HG   H  N N 170 
LEU HD11 H  N N 171 
LEU HD12 H  N N 172 
LEU HD13 H  N N 173 
LEU HD21 H  N N 174 
LEU HD22 H  N N 175 
LEU HD23 H  N N 176 
LEU HXT  H  N N 177 
LYS N    N  N N 178 
LYS CA   C  N S 179 
LYS C    C  N N 180 
LYS O    O  N N 181 
LYS CB   C  N N 182 
LYS CG   C  N N 183 
LYS CD   C  N N 184 
LYS CE   C  N N 185 
LYS NZ   N  N N 186 
LYS OXT  O  N N 187 
LYS H    H  N N 188 
LYS H2   H  N N 189 
LYS HA   H  N N 190 
LYS HB2  H  N N 191 
LYS HB3  H  N N 192 
LYS HG2  H  N N 193 
LYS HG3  H  N N 194 
LYS HD2  H  N N 195 
LYS HD3  H  N N 196 
LYS HE2  H  N N 197 
LYS HE3  H  N N 198 
LYS HZ1  H  N N 199 
LYS HZ2  H  N N 200 
LYS HZ3  H  N N 201 
LYS HXT  H  N N 202 
M3L N    N  N N 203 
M3L CA   C  N S 204 
M3L CB   C  N N 205 
M3L CG   C  N N 206 
M3L CD   C  N N 207 
M3L CE   C  N N 208 
M3L NZ   N  N N 209 
M3L C    C  N N 210 
M3L O    O  N N 211 
M3L OXT  O  N N 212 
M3L CM1  C  N N 213 
M3L CM2  C  N N 214 
M3L CM3  C  N N 215 
M3L H    H  N N 216 
M3L H2   H  N N 217 
M3L HA   H  N N 218 
M3L HB2  H  N N 219 
M3L HB3  H  N N 220 
M3L HG2  H  N N 221 
M3L HG3  H  N N 222 
M3L HD2  H  N N 223 
M3L HD3  H  N N 224 
M3L HE2  H  N N 225 
M3L HE3  H  N N 226 
M3L HXT  H  N N 227 
M3L HM11 H  N N 228 
M3L HM12 H  N N 229 
M3L HM13 H  N N 230 
M3L HM21 H  N N 231 
M3L HM22 H  N N 232 
M3L HM23 H  N N 233 
M3L HM31 H  N N 234 
M3L HM32 H  N N 235 
M3L HM33 H  N N 236 
PHE N    N  N N 237 
PHE CA   C  N S 238 
PHE C    C  N N 239 
PHE O    O  N N 240 
PHE CB   C  N N 241 
PHE CG   C  Y N 242 
PHE CD1  C  Y N 243 
PHE CD2  C  Y N 244 
PHE CE1  C  Y N 245 
PHE CE2  C  Y N 246 
PHE CZ   C  Y N 247 
PHE OXT  O  N N 248 
PHE H    H  N N 249 
PHE H2   H  N N 250 
PHE HA   H  N N 251 
PHE HB2  H  N N 252 
PHE HB3  H  N N 253 
PHE HD1  H  N N 254 
PHE HD2  H  N N 255 
PHE HE1  H  N N 256 
PHE HE2  H  N N 257 
PHE HZ   H  N N 258 
PHE HXT  H  N N 259 
PRO N    N  N N 260 
PRO CA   C  N S 261 
PRO C    C  N N 262 
PRO O    O  N N 263 
PRO CB   C  N N 264 
PRO CG   C  N N 265 
PRO CD   C  N N 266 
PRO OXT  O  N N 267 
PRO H    H  N N 268 
PRO HA   H  N N 269 
PRO HB2  H  N N 270 
PRO HB3  H  N N 271 
PRO HG2  H  N N 272 
PRO HG3  H  N N 273 
PRO HD2  H  N N 274 
PRO HD3  H  N N 275 
PRO HXT  H  N N 276 
SER N    N  N N 277 
SER CA   C  N S 278 
SER C    C  N N 279 
SER O    O  N N 280 
SER CB   C  N N 281 
SER OG   O  N N 282 
SER OXT  O  N N 283 
SER H    H  N N 284 
SER H2   H  N N 285 
SER HA   H  N N 286 
SER HB2  H  N N 287 
SER HB3  H  N N 288 
SER HG   H  N N 289 
SER HXT  H  N N 290 
THR N    N  N N 291 
THR CA   C  N S 292 
THR C    C  N N 293 
THR O    O  N N 294 
THR CB   C  N R 295 
THR OG1  O  N N 296 
THR CG2  C  N N 297 
THR OXT  O  N N 298 
THR H    H  N N 299 
THR H2   H  N N 300 
THR HA   H  N N 301 
THR HB   H  N N 302 
THR HG1  H  N N 303 
THR HG21 H  N N 304 
THR HG22 H  N N 305 
THR HG23 H  N N 306 
THR HXT  H  N N 307 
TRP N    N  N N 308 
TRP CA   C  N S 309 
TRP C    C  N N 310 
TRP O    O  N N 311 
TRP CB   C  N N 312 
TRP CG   C  Y N 313 
TRP CD1  C  Y N 314 
TRP CD2  C  Y N 315 
TRP NE1  N  Y N 316 
TRP CE2  C  Y N 317 
TRP CE3  C  Y N 318 
TRP CZ2  C  Y N 319 
TRP CZ3  C  Y N 320 
TRP CH2  C  Y N 321 
TRP OXT  O  N N 322 
TRP H    H  N N 323 
TRP H2   H  N N 324 
TRP HA   H  N N 325 
TRP HB2  H  N N 326 
TRP HB3  H  N N 327 
TRP HD1  H  N N 328 
TRP HE1  H  N N 329 
TRP HE3  H  N N 330 
TRP HZ2  H  N N 331 
TRP HZ3  H  N N 332 
TRP HH2  H  N N 333 
TRP HXT  H  N N 334 
TYR N    N  N N 335 
TYR CA   C  N S 336 
TYR C    C  N N 337 
TYR O    O  N N 338 
TYR CB   C  N N 339 
TYR CG   C  Y N 340 
TYR CD1  C  Y N 341 
TYR CD2  C  Y N 342 
TYR CE1  C  Y N 343 
TYR CE2  C  Y N 344 
TYR CZ   C  Y N 345 
TYR OH   O  N N 346 
TYR OXT  O  N N 347 
TYR H    H  N N 348 
TYR H2   H  N N 349 
TYR HA   H  N N 350 
TYR HB2  H  N N 351 
TYR HB3  H  N N 352 
TYR HD1  H  N N 353 
TYR HD2  H  N N 354 
TYR HE1  H  N N 355 
TYR HE2  H  N N 356 
TYR HH   H  N N 357 
TYR HXT  H  N N 358 
VAL N    N  N N 359 
VAL CA   C  N S 360 
VAL C    C  N N 361 
VAL O    O  N N 362 
VAL CB   C  N N 363 
VAL CG1  C  N N 364 
VAL CG2  C  N N 365 
VAL OXT  O  N N 366 
VAL H    H  N N 367 
VAL H2   H  N N 368 
VAL HA   H  N N 369 
VAL HB   H  N N 370 
VAL HG11 H  N N 371 
VAL HG12 H  N N 372 
VAL HG13 H  N N 373 
VAL HG21 H  N N 374 
VAL HG22 H  N N 375 
VAL HG23 H  N N 376 
VAL HXT  H  N N 377 
ZN  ZN   ZN N N 378 
# 
loop_
_chem_comp_bond.comp_id 
_chem_comp_bond.atom_id_1 
_chem_comp_bond.atom_id_2 
_chem_comp_bond.value_order 
_chem_comp_bond.pdbx_aromatic_flag 
_chem_comp_bond.pdbx_stereo_config 
_chem_comp_bond.pdbx_ordinal 
ACY C   O    doub N N 1   
ACY C   OXT  sing N N 2   
ACY C   CH3  sing N N 3   
ACY OXT HXT  sing N N 4   
ACY CH3 H1   sing N N 5   
ACY CH3 H2   sing N N 6   
ACY CH3 H3   sing N N 7   
ALA N   CA   sing N N 8   
ALA N   H    sing N N 9   
ALA N   H2   sing N N 10  
ALA CA  C    sing N N 11  
ALA CA  CB   sing N N 12  
ALA CA  HA   sing N N 13  
ALA C   O    doub N N 14  
ALA C   OXT  sing N N 15  
ALA CB  HB1  sing N N 16  
ALA CB  HB2  sing N N 17  
ALA CB  HB3  sing N N 18  
ALA OXT HXT  sing N N 19  
ARG N   CA   sing N N 20  
ARG N   H    sing N N 21  
ARG N   H2   sing N N 22  
ARG CA  C    sing N N 23  
ARG CA  CB   sing N N 24  
ARG CA  HA   sing N N 25  
ARG C   O    doub N N 26  
ARG C   OXT  sing N N 27  
ARG CB  CG   sing N N 28  
ARG CB  HB2  sing N N 29  
ARG CB  HB3  sing N N 30  
ARG CG  CD   sing N N 31  
ARG CG  HG2  sing N N 32  
ARG CG  HG3  sing N N 33  
ARG CD  NE   sing N N 34  
ARG CD  HD2  sing N N 35  
ARG CD  HD3  sing N N 36  
ARG NE  CZ   sing N N 37  
ARG NE  HE   sing N N 38  
ARG CZ  NH1  sing N N 39  
ARG CZ  NH2  doub N N 40  
ARG NH1 HH11 sing N N 41  
ARG NH1 HH12 sing N N 42  
ARG NH2 HH21 sing N N 43  
ARG NH2 HH22 sing N N 44  
ARG OXT HXT  sing N N 45  
ASN N   CA   sing N N 46  
ASN N   H    sing N N 47  
ASN N   H2   sing N N 48  
ASN CA  C    sing N N 49  
ASN CA  CB   sing N N 50  
ASN CA  HA   sing N N 51  
ASN C   O    doub N N 52  
ASN C   OXT  sing N N 53  
ASN CB  CG   sing N N 54  
ASN CB  HB2  sing N N 55  
ASN CB  HB3  sing N N 56  
ASN CG  OD1  doub N N 57  
ASN CG  ND2  sing N N 58  
ASN ND2 HD21 sing N N 59  
ASN ND2 HD22 sing N N 60  
ASN OXT HXT  sing N N 61  
ASP N   CA   sing N N 62  
ASP N   H    sing N N 63  
ASP N   H2   sing N N 64  
ASP CA  C    sing N N 65  
ASP CA  CB   sing N N 66  
ASP CA  HA   sing N N 67  
ASP C   O    doub N N 68  
ASP C   OXT  sing N N 69  
ASP CB  CG   sing N N 70  
ASP CB  HB2  sing N N 71  
ASP CB  HB3  sing N N 72  
ASP CG  OD1  doub N N 73  
ASP CG  OD2  sing N N 74  
ASP OD2 HD2  sing N N 75  
ASP OXT HXT  sing N N 76  
GLN N   CA   sing N N 77  
GLN N   H    sing N N 78  
GLN N   H2   sing N N 79  
GLN CA  C    sing N N 80  
GLN CA  CB   sing N N 81  
GLN CA  HA   sing N N 82  
GLN C   O    doub N N 83  
GLN C   OXT  sing N N 84  
GLN CB  CG   sing N N 85  
GLN CB  HB2  sing N N 86  
GLN CB  HB3  sing N N 87  
GLN CG  CD   sing N N 88  
GLN CG  HG2  sing N N 89  
GLN CG  HG3  sing N N 90  
GLN CD  OE1  doub N N 91  
GLN CD  NE2  sing N N 92  
GLN NE2 HE21 sing N N 93  
GLN NE2 HE22 sing N N 94  
GLN OXT HXT  sing N N 95  
GLU N   CA   sing N N 96  
GLU N   H    sing N N 97  
GLU N   H2   sing N N 98  
GLU CA  C    sing N N 99  
GLU CA  CB   sing N N 100 
GLU CA  HA   sing N N 101 
GLU C   O    doub N N 102 
GLU C   OXT  sing N N 103 
GLU CB  CG   sing N N 104 
GLU CB  HB2  sing N N 105 
GLU CB  HB3  sing N N 106 
GLU CG  CD   sing N N 107 
GLU CG  HG2  sing N N 108 
GLU CG  HG3  sing N N 109 
GLU CD  OE1  doub N N 110 
GLU CD  OE2  sing N N 111 
GLU OE2 HE2  sing N N 112 
GLU OXT HXT  sing N N 113 
GLY N   CA   sing N N 114 
GLY N   H    sing N N 115 
GLY N   H2   sing N N 116 
GLY CA  C    sing N N 117 
GLY CA  HA2  sing N N 118 
GLY CA  HA3  sing N N 119 
GLY C   O    doub N N 120 
GLY C   OXT  sing N N 121 
GLY OXT HXT  sing N N 122 
HOH O   H1   sing N N 123 
HOH O   H2   sing N N 124 
ILE N   CA   sing N N 125 
ILE N   H    sing N N 126 
ILE N   H2   sing N N 127 
ILE CA  C    sing N N 128 
ILE CA  CB   sing N N 129 
ILE CA  HA   sing N N 130 
ILE C   O    doub N N 131 
ILE C   OXT  sing N N 132 
ILE CB  CG1  sing N N 133 
ILE CB  CG2  sing N N 134 
ILE CB  HB   sing N N 135 
ILE CG1 CD1  sing N N 136 
ILE CG1 HG12 sing N N 137 
ILE CG1 HG13 sing N N 138 
ILE CG2 HG21 sing N N 139 
ILE CG2 HG22 sing N N 140 
ILE CG2 HG23 sing N N 141 
ILE CD1 HD11 sing N N 142 
ILE CD1 HD12 sing N N 143 
ILE CD1 HD13 sing N N 144 
ILE OXT HXT  sing N N 145 
LEU N   CA   sing N N 146 
LEU N   H    sing N N 147 
LEU N   H2   sing N N 148 
LEU CA  C    sing N N 149 
LEU CA  CB   sing N N 150 
LEU CA  HA   sing N N 151 
LEU C   O    doub N N 152 
LEU C   OXT  sing N N 153 
LEU CB  CG   sing N N 154 
LEU CB  HB2  sing N N 155 
LEU CB  HB3  sing N N 156 
LEU CG  CD1  sing N N 157 
LEU CG  CD2  sing N N 158 
LEU CG  HG   sing N N 159 
LEU CD1 HD11 sing N N 160 
LEU CD1 HD12 sing N N 161 
LEU CD1 HD13 sing N N 162 
LEU CD2 HD21 sing N N 163 
LEU CD2 HD22 sing N N 164 
LEU CD2 HD23 sing N N 165 
LEU OXT HXT  sing N N 166 
LYS N   CA   sing N N 167 
LYS N   H    sing N N 168 
LYS N   H2   sing N N 169 
LYS CA  C    sing N N 170 
LYS CA  CB   sing N N 171 
LYS CA  HA   sing N N 172 
LYS C   O    doub N N 173 
LYS C   OXT  sing N N 174 
LYS CB  CG   sing N N 175 
LYS CB  HB2  sing N N 176 
LYS CB  HB3  sing N N 177 
LYS CG  CD   sing N N 178 
LYS CG  HG2  sing N N 179 
LYS CG  HG3  sing N N 180 
LYS CD  CE   sing N N 181 
LYS CD  HD2  sing N N 182 
LYS CD  HD3  sing N N 183 
LYS CE  NZ   sing N N 184 
LYS CE  HE2  sing N N 185 
LYS CE  HE3  sing N N 186 
LYS NZ  HZ1  sing N N 187 
LYS NZ  HZ2  sing N N 188 
LYS NZ  HZ3  sing N N 189 
LYS OXT HXT  sing N N 190 
M3L N   CA   sing N N 191 
M3L N   H    sing N N 192 
M3L N   H2   sing N N 193 
M3L CA  CB   sing N N 194 
M3L CA  C    sing N N 195 
M3L CA  HA   sing N N 196 
M3L CB  CG   sing N N 197 
M3L CB  HB2  sing N N 198 
M3L CB  HB3  sing N N 199 
M3L CG  CD   sing N N 200 
M3L CG  HG2  sing N N 201 
M3L CG  HG3  sing N N 202 
M3L CD  CE   sing N N 203 
M3L CD  HD2  sing N N 204 
M3L CD  HD3  sing N N 205 
M3L CE  NZ   sing N N 206 
M3L CE  HE2  sing N N 207 
M3L CE  HE3  sing N N 208 
M3L NZ  CM1  sing N N 209 
M3L NZ  CM2  sing N N 210 
M3L NZ  CM3  sing N N 211 
M3L C   O    doub N N 212 
M3L C   OXT  sing N N 213 
M3L OXT HXT  sing N N 214 
M3L CM1 HM11 sing N N 215 
M3L CM1 HM12 sing N N 216 
M3L CM1 HM13 sing N N 217 
M3L CM2 HM21 sing N N 218 
M3L CM2 HM22 sing N N 219 
M3L CM2 HM23 sing N N 220 
M3L CM3 HM31 sing N N 221 
M3L CM3 HM32 sing N N 222 
M3L CM3 HM33 sing N N 223 
PHE N   CA   sing N N 224 
PHE N   H    sing N N 225 
PHE N   H2   sing N N 226 
PHE CA  C    sing N N 227 
PHE CA  CB   sing N N 228 
PHE CA  HA   sing N N 229 
PHE C   O    doub N N 230 
PHE C   OXT  sing N N 231 
PHE CB  CG   sing N N 232 
PHE CB  HB2  sing N N 233 
PHE CB  HB3  sing N N 234 
PHE CG  CD1  doub Y N 235 
PHE CG  CD2  sing Y N 236 
PHE CD1 CE1  sing Y N 237 
PHE CD1 HD1  sing N N 238 
PHE CD2 CE2  doub Y N 239 
PHE CD2 HD2  sing N N 240 
PHE CE1 CZ   doub Y N 241 
PHE CE1 HE1  sing N N 242 
PHE CE2 CZ   sing Y N 243 
PHE CE2 HE2  sing N N 244 
PHE CZ  HZ   sing N N 245 
PHE OXT HXT  sing N N 246 
PRO N   CA   sing N N 247 
PRO N   CD   sing N N 248 
PRO N   H    sing N N 249 
PRO CA  C    sing N N 250 
PRO CA  CB   sing N N 251 
PRO CA  HA   sing N N 252 
PRO C   O    doub N N 253 
PRO C   OXT  sing N N 254 
PRO CB  CG   sing N N 255 
PRO CB  HB2  sing N N 256 
PRO CB  HB3  sing N N 257 
PRO CG  CD   sing N N 258 
PRO CG  HG2  sing N N 259 
PRO CG  HG3  sing N N 260 
PRO CD  HD2  sing N N 261 
PRO CD  HD3  sing N N 262 
PRO OXT HXT  sing N N 263 
SER N   CA   sing N N 264 
SER N   H    sing N N 265 
SER N   H2   sing N N 266 
SER CA  C    sing N N 267 
SER CA  CB   sing N N 268 
SER CA  HA   sing N N 269 
SER C   O    doub N N 270 
SER C   OXT  sing N N 271 
SER CB  OG   sing N N 272 
SER CB  HB2  sing N N 273 
SER CB  HB3  sing N N 274 
SER OG  HG   sing N N 275 
SER OXT HXT  sing N N 276 
THR N   CA   sing N N 277 
THR N   H    sing N N 278 
THR N   H2   sing N N 279 
THR CA  C    sing N N 280 
THR CA  CB   sing N N 281 
THR CA  HA   sing N N 282 
THR C   O    doub N N 283 
THR C   OXT  sing N N 284 
THR CB  OG1  sing N N 285 
THR CB  CG2  sing N N 286 
THR CB  HB   sing N N 287 
THR OG1 HG1  sing N N 288 
THR CG2 HG21 sing N N 289 
THR CG2 HG22 sing N N 290 
THR CG2 HG23 sing N N 291 
THR OXT HXT  sing N N 292 
TRP N   CA   sing N N 293 
TRP N   H    sing N N 294 
TRP N   H2   sing N N 295 
TRP CA  C    sing N N 296 
TRP CA  CB   sing N N 297 
TRP CA  HA   sing N N 298 
TRP C   O    doub N N 299 
TRP C   OXT  sing N N 300 
TRP CB  CG   sing N N 301 
TRP CB  HB2  sing N N 302 
TRP CB  HB3  sing N N 303 
TRP CG  CD1  doub Y N 304 
TRP CG  CD2  sing Y N 305 
TRP CD1 NE1  sing Y N 306 
TRP CD1 HD1  sing N N 307 
TRP CD2 CE2  doub Y N 308 
TRP CD2 CE3  sing Y N 309 
TRP NE1 CE2  sing Y N 310 
TRP NE1 HE1  sing N N 311 
TRP CE2 CZ2  sing Y N 312 
TRP CE3 CZ3  doub Y N 313 
TRP CE3 HE3  sing N N 314 
TRP CZ2 CH2  doub Y N 315 
TRP CZ2 HZ2  sing N N 316 
TRP CZ3 CH2  sing Y N 317 
TRP CZ3 HZ3  sing N N 318 
TRP CH2 HH2  sing N N 319 
TRP OXT HXT  sing N N 320 
TYR N   CA   sing N N 321 
TYR N   H    sing N N 322 
TYR N   H2   sing N N 323 
TYR CA  C    sing N N 324 
TYR CA  CB   sing N N 325 
TYR CA  HA   sing N N 326 
TYR C   O    doub N N 327 
TYR C   OXT  sing N N 328 
TYR CB  CG   sing N N 329 
TYR CB  HB2  sing N N 330 
TYR CB  HB3  sing N N 331 
TYR CG  CD1  doub Y N 332 
TYR CG  CD2  sing Y N 333 
TYR CD1 CE1  sing Y N 334 
TYR CD1 HD1  sing N N 335 
TYR CD2 CE2  doub Y N 336 
TYR CD2 HD2  sing N N 337 
TYR CE1 CZ   doub Y N 338 
TYR CE1 HE1  sing N N 339 
TYR CE2 CZ   sing Y N 340 
TYR CE2 HE2  sing N N 341 
TYR CZ  OH   sing N N 342 
TYR OH  HH   sing N N 343 
TYR OXT HXT  sing N N 344 
VAL N   CA   sing N N 345 
VAL N   H    sing N N 346 
VAL N   H2   sing N N 347 
VAL CA  C    sing N N 348 
VAL CA  CB   sing N N 349 
VAL CA  HA   sing N N 350 
VAL C   O    doub N N 351 
VAL C   OXT  sing N N 352 
VAL CB  CG1  sing N N 353 
VAL CB  CG2  sing N N 354 
VAL CB  HB   sing N N 355 
VAL CG1 HG11 sing N N 356 
VAL CG1 HG12 sing N N 357 
VAL CG1 HG13 sing N N 358 
VAL CG2 HG21 sing N N 359 
VAL CG2 HG22 sing N N 360 
VAL CG2 HG23 sing N N 361 
VAL OXT HXT  sing N N 362 
# 
loop_
_pdbx_entity_nonpoly.entity_id 
_pdbx_entity_nonpoly.name 
_pdbx_entity_nonpoly.comp_id 
3 'ACETIC ACID' ACY 
4 'ZINC ION'    ZN  
5 water         HOH 
# 
_pdbx_initial_refinement_model.id               1 
_pdbx_initial_refinement_model.entity_id_list   ? 
_pdbx_initial_refinement_model.type             'experimental model' 
_pdbx_initial_refinement_model.source_name      PDB 
_pdbx_initial_refinement_model.accession_code   1KNE 
_pdbx_initial_refinement_model.details          'Chain A of pdb code 1KNE' 
# 
